data_4BWD
# 
_entry.id   4BWD 
# 
_audit_conform.dict_name       mmcif_pdbx.dic 
_audit_conform.dict_version    5.391 
_audit_conform.dict_location   http://mmcif.pdb.org/dictionaries/ascii/mmcif_pdbx.dic 
# 
loop_
_database_2.database_id 
_database_2.database_code 
_database_2.pdbx_database_accession 
_database_2.pdbx_DOI 
PDB   4BWD         pdb_00004bwd 10.2210/pdb4bwd/pdb 
PDBE  EBI-57514    ?            ?                   
WWPDB D_1290057514 ?            ?                   
# 
loop_
_pdbx_audit_revision_history.ordinal 
_pdbx_audit_revision_history.data_content_type 
_pdbx_audit_revision_history.major_revision 
_pdbx_audit_revision_history.minor_revision 
_pdbx_audit_revision_history.revision_date 
1 'Structure model' 1 0 2013-09-11 
2 'Structure model' 1 1 2013-10-16 
3 'Structure model' 1 2 2024-05-08 
# 
_pdbx_audit_revision_details.ordinal             1 
_pdbx_audit_revision_details.revision_ordinal    1 
_pdbx_audit_revision_details.data_content_type   'Structure model' 
_pdbx_audit_revision_details.provider            repository 
_pdbx_audit_revision_details.type                'Initial release' 
_pdbx_audit_revision_details.description         ? 
_pdbx_audit_revision_details.details             ? 
# 
loop_
_pdbx_audit_revision_group.ordinal 
_pdbx_audit_revision_group.revision_ordinal 
_pdbx_audit_revision_group.data_content_type 
_pdbx_audit_revision_group.group 
1 2 'Structure model' 'Database references' 
2 3 'Structure model' 'Data collection'     
3 3 'Structure model' 'Database references' 
4 3 'Structure model' Other                 
# 
loop_
_pdbx_audit_revision_category.ordinal 
_pdbx_audit_revision_category.revision_ordinal 
_pdbx_audit_revision_category.data_content_type 
_pdbx_audit_revision_category.category 
1 3 'Structure model' chem_comp_atom       
2 3 'Structure model' chem_comp_bond       
3 3 'Structure model' database_2           
4 3 'Structure model' pdbx_database_status 
# 
loop_
_pdbx_audit_revision_item.ordinal 
_pdbx_audit_revision_item.revision_ordinal 
_pdbx_audit_revision_item.data_content_type 
_pdbx_audit_revision_item.item 
1 3 'Structure model' '_database_2.pdbx_DOI'                 
2 3 'Structure model' '_database_2.pdbx_database_accession'  
3 3 'Structure model' '_pdbx_database_status.status_code_sf' 
# 
_pdbx_database_status.status_code                     REL 
_pdbx_database_status.entry_id                        4BWD 
_pdbx_database_status.deposit_site                    PDBE 
_pdbx_database_status.process_site                    PDBE 
_pdbx_database_status.SG_entry                        . 
_pdbx_database_status.recvd_initial_deposition_date   2013-07-01 
_pdbx_database_status.pdb_format_compatible           Y 
_pdbx_database_status.status_code_sf                  REL 
_pdbx_database_status.status_code_mr                  ? 
_pdbx_database_status.status_code_cs                  ? 
_pdbx_database_status.methods_development_category    ? 
_pdbx_database_status.status_code_nmr_data            ? 
# 
loop_
_audit_author.name 
_audit_author.pdbx_ordinal 
'Behrens, C.' 1 
'Binotti, B.' 2 
'Chua, J.J.'  3 
'Kuhnel, K.'  4 
# 
_citation.id                        primary 
_citation.title                     
'Crystal Structure of the Human Short Coiled Coil Protein and Insights Into Scoc-Fez1 Complex Formation.' 
_citation.journal_abbrev            'Plos One' 
_citation.journal_volume            8 
_citation.page_first                76355 
_citation.page_last                 ? 
_citation.year                      2013 
_citation.journal_id_ASTM           ? 
_citation.country                   US 
_citation.journal_id_ISSN           1932-6203 
_citation.journal_id_CSD            ? 
_citation.book_publisher            ? 
_citation.pdbx_database_id_PubMed   24098481 
_citation.pdbx_database_id_DOI      10.1371/JOURNAL.PONE.0076355 
# 
loop_
_citation_author.citation_id 
_citation_author.name 
_citation_author.ordinal 
_citation_author.identifier_ORCID 
primary 'Behrens, C.'    1 ? 
primary 'Binotti, B.'    2 ? 
primary 'Schmidt, C.'    3 ? 
primary 'Robinson, C.V.' 4 ? 
primary 'Chua, J.J.E.'   5 ? 
primary 'Kuhnel, K.'     6 ? 
# 
loop_
_entity.id 
_entity.type 
_entity.src_method 
_entity.pdbx_description 
_entity.formula_weight 
_entity.pdbx_number_of_molecules 
_entity.pdbx_ec 
_entity.pdbx_mutation 
_entity.pdbx_fragment 
_entity.details 
1 polymer man 'SHORT COILED-COIL PROTEIN' 9383.537 3  ? YES 'COILED COIL DOMAIN, RESIDUES 78-159' ? 
2 water   nat water                       18.015   43 ? ?   ?                                     ? 
# 
_entity_poly.entity_id                      1 
_entity_poly.type                           'polypeptide(L)' 
_entity_poly.nstd_linkage                   no 
_entity_poly.nstd_monomer                   no 
_entity_poly.pdbx_seq_one_letter_code       
;MMNADMDAVDAENQVELEEKTRLINQVMELQHTLEDLSARVDAVKEENLKLKSENQVLGQYIENLMSASSVFQTTDTKSK
RK
;
_entity_poly.pdbx_seq_one_letter_code_can   
;MMNADMDAVDAENQVELEEKTRLINQVMELQHTLEDLSARVDAVKEENLKLKSENQVLGQYIENLMSASSVFQTTDTKSK
RK
;
_entity_poly.pdbx_strand_id                 A,B,C 
_entity_poly.pdbx_target_identifier         ? 
# 
_pdbx_entity_nonpoly.entity_id   2 
_pdbx_entity_nonpoly.name        water 
_pdbx_entity_nonpoly.comp_id     HOH 
# 
loop_
_entity_poly_seq.entity_id 
_entity_poly_seq.num 
_entity_poly_seq.mon_id 
_entity_poly_seq.hetero 
1 1  MET n 
1 2  MET n 
1 3  ASN n 
1 4  ALA n 
1 5  ASP n 
1 6  MET n 
1 7  ASP n 
1 8  ALA n 
1 9  VAL n 
1 10 ASP n 
1 11 ALA n 
1 12 GLU n 
1 13 ASN n 
1 14 GLN n 
1 15 VAL n 
1 16 GLU n 
1 17 LEU n 
1 18 GLU n 
1 19 GLU n 
1 20 LYS n 
1 21 THR n 
1 22 ARG n 
1 23 LEU n 
1 24 ILE n 
1 25 ASN n 
1 26 GLN n 
1 27 VAL n 
1 28 MET n 
1 29 GLU n 
1 30 LEU n 
1 31 GLN n 
1 32 HIS n 
1 33 THR n 
1 34 LEU n 
1 35 GLU n 
1 36 ASP n 
1 37 LEU n 
1 38 SER n 
1 39 ALA n 
1 40 ARG n 
1 41 VAL n 
1 42 ASP n 
1 43 ALA n 
1 44 VAL n 
1 45 LYS n 
1 46 GLU n 
1 47 GLU n 
1 48 ASN n 
1 49 LEU n 
1 50 LYS n 
1 51 LEU n 
1 52 LYS n 
1 53 SER n 
1 54 GLU n 
1 55 ASN n 
1 56 GLN n 
1 57 VAL n 
1 58 LEU n 
1 59 GLY n 
1 60 GLN n 
1 61 TYR n 
1 62 ILE n 
1 63 GLU n 
1 64 ASN n 
1 65 LEU n 
1 66 MET n 
1 67 SER n 
1 68 ALA n 
1 69 SER n 
1 70 SER n 
1 71 VAL n 
1 72 PHE n 
1 73 GLN n 
1 74 THR n 
1 75 THR n 
1 76 ASP n 
1 77 THR n 
1 78 LYS n 
1 79 SER n 
1 80 LYS n 
1 81 ARG n 
1 82 LYS n 
# 
_entity_src_gen.entity_id                          1 
_entity_src_gen.pdbx_src_id                        1 
_entity_src_gen.pdbx_alt_source_flag               sample 
_entity_src_gen.pdbx_seq_type                      ? 
_entity_src_gen.pdbx_beg_seq_num                   ? 
_entity_src_gen.pdbx_end_seq_num                   ? 
_entity_src_gen.gene_src_common_name               HUMAN 
_entity_src_gen.gene_src_genus                     ? 
_entity_src_gen.pdbx_gene_src_gene                 ? 
_entity_src_gen.gene_src_species                   ? 
_entity_src_gen.gene_src_strain                    ? 
_entity_src_gen.gene_src_tissue                    ? 
_entity_src_gen.gene_src_tissue_fraction           ? 
_entity_src_gen.gene_src_details                   ? 
_entity_src_gen.pdbx_gene_src_fragment             ? 
_entity_src_gen.pdbx_gene_src_scientific_name      'HOMO SAPIENS' 
_entity_src_gen.pdbx_gene_src_ncbi_taxonomy_id     9606 
_entity_src_gen.pdbx_gene_src_variant              ? 
_entity_src_gen.pdbx_gene_src_cell_line            ? 
_entity_src_gen.pdbx_gene_src_atcc                 ? 
_entity_src_gen.pdbx_gene_src_organ                ? 
_entity_src_gen.pdbx_gene_src_organelle            ? 
_entity_src_gen.pdbx_gene_src_cell                 ? 
_entity_src_gen.pdbx_gene_src_cellular_location    ? 
_entity_src_gen.host_org_common_name               ? 
_entity_src_gen.pdbx_host_org_scientific_name      'ESCHERICHIA COLI' 
_entity_src_gen.pdbx_host_org_ncbi_taxonomy_id     469008 
_entity_src_gen.host_org_genus                     ? 
_entity_src_gen.pdbx_host_org_gene                 ? 
_entity_src_gen.pdbx_host_org_organ                ? 
_entity_src_gen.host_org_species                   ? 
_entity_src_gen.pdbx_host_org_tissue               ? 
_entity_src_gen.pdbx_host_org_tissue_fraction      ? 
_entity_src_gen.pdbx_host_org_strain               'BL21(DE3)' 
_entity_src_gen.pdbx_host_org_variant              ? 
_entity_src_gen.pdbx_host_org_cell_line            ? 
_entity_src_gen.pdbx_host_org_atcc                 ? 
_entity_src_gen.pdbx_host_org_culture_collection   ? 
_entity_src_gen.pdbx_host_org_cell                 ? 
_entity_src_gen.pdbx_host_org_organelle            ? 
_entity_src_gen.pdbx_host_org_cellular_location    ? 
_entity_src_gen.pdbx_host_org_vector_type          PLASMID 
_entity_src_gen.pdbx_host_org_vector               PET-28A 
_entity_src_gen.host_org_details                   ? 
_entity_src_gen.expression_system_id               ? 
_entity_src_gen.plasmid_name                       ? 
_entity_src_gen.plasmid_details                    ? 
_entity_src_gen.pdbx_description                   ? 
# 
loop_
_chem_comp.id 
_chem_comp.type 
_chem_comp.mon_nstd_flag 
_chem_comp.name 
_chem_comp.pdbx_synonyms 
_chem_comp.formula 
_chem_comp.formula_weight 
ALA 'L-peptide linking' y ALANINE         ? 'C3 H7 N O2'     89.093  
ARG 'L-peptide linking' y ARGININE        ? 'C6 H15 N4 O2 1' 175.209 
ASN 'L-peptide linking' y ASPARAGINE      ? 'C4 H8 N2 O3'    132.118 
ASP 'L-peptide linking' y 'ASPARTIC ACID' ? 'C4 H7 N O4'     133.103 
GLN 'L-peptide linking' y GLUTAMINE       ? 'C5 H10 N2 O3'   146.144 
GLU 'L-peptide linking' y 'GLUTAMIC ACID' ? 'C5 H9 N O4'     147.129 
GLY 'peptide linking'   y GLYCINE         ? 'C2 H5 N O2'     75.067  
HIS 'L-peptide linking' y HISTIDINE       ? 'C6 H10 N3 O2 1' 156.162 
HOH non-polymer         . WATER           ? 'H2 O'           18.015  
ILE 'L-peptide linking' y ISOLEUCINE      ? 'C6 H13 N O2'    131.173 
LEU 'L-peptide linking' y LEUCINE         ? 'C6 H13 N O2'    131.173 
LYS 'L-peptide linking' y LYSINE          ? 'C6 H15 N2 O2 1' 147.195 
MET 'L-peptide linking' y METHIONINE      ? 'C5 H11 N O2 S'  149.211 
PHE 'L-peptide linking' y PHENYLALANINE   ? 'C9 H11 N O2'    165.189 
SER 'L-peptide linking' y SERINE          ? 'C3 H7 N O3'     105.093 
THR 'L-peptide linking' y THREONINE       ? 'C4 H9 N O3'     119.119 
TYR 'L-peptide linking' y TYROSINE        ? 'C9 H11 N O3'    181.189 
VAL 'L-peptide linking' y VALINE          ? 'C5 H11 N O2'    117.146 
# 
loop_
_pdbx_poly_seq_scheme.asym_id 
_pdbx_poly_seq_scheme.entity_id 
_pdbx_poly_seq_scheme.seq_id 
_pdbx_poly_seq_scheme.mon_id 
_pdbx_poly_seq_scheme.ndb_seq_num 
_pdbx_poly_seq_scheme.pdb_seq_num 
_pdbx_poly_seq_scheme.auth_seq_num 
_pdbx_poly_seq_scheme.pdb_mon_id 
_pdbx_poly_seq_scheme.auth_mon_id 
_pdbx_poly_seq_scheme.pdb_strand_id 
_pdbx_poly_seq_scheme.pdb_ins_code 
_pdbx_poly_seq_scheme.hetero 
A 1 1  MET 1  78  ?   ?   ?   A . n 
A 1 2  MET 2  79  ?   ?   ?   A . n 
A 1 3  ASN 3  80  ?   ?   ?   A . n 
A 1 4  ALA 4  81  ?   ?   ?   A . n 
A 1 5  ASP 5  82  ?   ?   ?   A . n 
A 1 6  MET 6  83  ?   ?   ?   A . n 
A 1 7  ASP 7  84  ?   ?   ?   A . n 
A 1 8  ALA 8  85  ?   ?   ?   A . n 
A 1 9  VAL 9  86  86  VAL VAL A . n 
A 1 10 ASP 10 87  87  ASP ASP A . n 
A 1 11 ALA 11 88  88  ALA ALA A . n 
A 1 12 GLU 12 89  89  GLU GLU A . n 
A 1 13 ASN 13 90  90  ASN ASN A . n 
A 1 14 GLN 14 91  91  GLN GLN A . n 
A 1 15 VAL 15 92  92  VAL VAL A . n 
A 1 16 GLU 16 93  93  GLU GLU A . n 
A 1 17 LEU 17 94  94  LEU LEU A . n 
A 1 18 GLU 18 95  95  GLU GLU A . n 
A 1 19 GLU 19 96  96  GLU GLU A . n 
A 1 20 LYS 20 97  97  LYS LYS A . n 
A 1 21 THR 21 98  98  THR THR A . n 
A 1 22 ARG 22 99  99  ARG ARG A . n 
A 1 23 LEU 23 100 100 LEU LEU A . n 
A 1 24 ILE 24 101 101 ILE ILE A . n 
A 1 25 ASN 25 102 102 ASN ASN A . n 
A 1 26 GLN 26 103 103 GLN GLN A . n 
A 1 27 VAL 27 104 104 VAL VAL A . n 
A 1 28 MET 28 105 105 MET MET A . n 
A 1 29 GLU 29 106 106 GLU GLU A . n 
A 1 30 LEU 30 107 107 LEU LEU A . n 
A 1 31 GLN 31 108 108 GLN GLN A . n 
A 1 32 HIS 32 109 109 HIS HIS A . n 
A 1 33 THR 33 110 110 THR THR A . n 
A 1 34 LEU 34 111 111 LEU LEU A . n 
A 1 35 GLU 35 112 112 GLU GLU A . n 
A 1 36 ASP 36 113 113 ASP ASP A . n 
A 1 37 LEU 37 114 114 LEU LEU A . n 
A 1 38 SER 38 115 115 SER SER A . n 
A 1 39 ALA 39 116 116 ALA ALA A . n 
A 1 40 ARG 40 117 117 ARG ARG A . n 
A 1 41 VAL 41 118 118 VAL VAL A . n 
A 1 42 ASP 42 119 119 ASP ASP A . n 
A 1 43 ALA 43 120 120 ALA ALA A . n 
A 1 44 VAL 44 121 121 VAL VAL A . n 
A 1 45 LYS 45 122 122 LYS LYS A . n 
A 1 46 GLU 46 123 123 GLU GLU A . n 
A 1 47 GLU 47 124 124 GLU GLU A . n 
A 1 48 ASN 48 125 125 ASN ASN A . n 
A 1 49 LEU 49 126 126 LEU LEU A . n 
A 1 50 LYS 50 127 127 LYS LYS A . n 
A 1 51 LEU 51 128 128 LEU LEU A . n 
A 1 52 LYS 52 129 129 LYS LYS A . n 
A 1 53 SER 53 130 130 SER SER A . n 
A 1 54 GLU 54 131 131 GLU GLU A . n 
A 1 55 ASN 55 132 132 ASN ASN A . n 
A 1 56 GLN 56 133 133 GLN GLN A . n 
A 1 57 VAL 57 134 134 VAL VAL A . n 
A 1 58 LEU 58 135 135 LEU LEU A . n 
A 1 59 GLY 59 136 136 GLY GLY A . n 
A 1 60 GLN 60 137 137 GLN GLN A . n 
A 1 61 TYR 61 138 138 TYR TYR A . n 
A 1 62 ILE 62 139 139 ILE ILE A . n 
A 1 63 GLU 63 140 140 GLU GLU A . n 
A 1 64 ASN 64 141 141 ASN ASN A . n 
A 1 65 LEU 65 142 142 LEU LEU A . n 
A 1 66 MET 66 143 143 MET MET A . n 
A 1 67 SER 67 144 144 SER SER A . n 
A 1 68 ALA 68 145 145 ALA ALA A . n 
A 1 69 SER 69 146 146 SER SER A . n 
A 1 70 SER 70 147 ?   ?   ?   A . n 
A 1 71 VAL 71 148 ?   ?   ?   A . n 
A 1 72 PHE 72 149 ?   ?   ?   A . n 
A 1 73 GLN 73 150 ?   ?   ?   A . n 
A 1 74 THR 74 151 ?   ?   ?   A . n 
A 1 75 THR 75 152 ?   ?   ?   A . n 
A 1 76 ASP 76 153 ?   ?   ?   A . n 
A 1 77 THR 77 154 ?   ?   ?   A . n 
A 1 78 LYS 78 155 ?   ?   ?   A . n 
A 1 79 SER 79 156 ?   ?   ?   A . n 
A 1 80 LYS 80 157 ?   ?   ?   A . n 
A 1 81 ARG 81 158 ?   ?   ?   A . n 
A 1 82 LYS 82 159 ?   ?   ?   A . n 
B 1 1  MET 1  78  ?   ?   ?   B . n 
B 1 2  MET 2  79  ?   ?   ?   B . n 
B 1 3  ASN 3  80  ?   ?   ?   B . n 
B 1 4  ALA 4  81  ?   ?   ?   B . n 
B 1 5  ASP 5  82  ?   ?   ?   B . n 
B 1 6  MET 6  83  ?   ?   ?   B . n 
B 1 7  ASP 7  84  ?   ?   ?   B . n 
B 1 8  ALA 8  85  ?   ?   ?   B . n 
B 1 9  VAL 9  86  ?   ?   ?   B . n 
B 1 10 ASP 10 87  ?   ?   ?   B . n 
B 1 11 ALA 11 88  88  ALA ALA B . n 
B 1 12 GLU 12 89  89  GLU GLU B . n 
B 1 13 ASN 13 90  90  ASN ASN B . n 
B 1 14 GLN 14 91  91  GLN GLN B . n 
B 1 15 VAL 15 92  92  VAL VAL B . n 
B 1 16 GLU 16 93  93  GLU GLU B . n 
B 1 17 LEU 17 94  94  LEU LEU B . n 
B 1 18 GLU 18 95  95  GLU GLU B . n 
B 1 19 GLU 19 96  96  GLU GLU B . n 
B 1 20 LYS 20 97  97  LYS LYS B . n 
B 1 21 THR 21 98  98  THR THR B . n 
B 1 22 ARG 22 99  99  ARG ARG B . n 
B 1 23 LEU 23 100 100 LEU LEU B . n 
B 1 24 ILE 24 101 101 ILE ILE B . n 
B 1 25 ASN 25 102 102 ASN ASN B . n 
B 1 26 GLN 26 103 103 GLN GLN B . n 
B 1 27 VAL 27 104 104 VAL VAL B . n 
B 1 28 MET 28 105 105 MET MET B . n 
B 1 29 GLU 29 106 106 GLU GLU B . n 
B 1 30 LEU 30 107 107 LEU LEU B . n 
B 1 31 GLN 31 108 108 GLN GLN B . n 
B 1 32 HIS 32 109 109 HIS HIS B . n 
B 1 33 THR 33 110 110 THR THR B . n 
B 1 34 LEU 34 111 111 LEU LEU B . n 
B 1 35 GLU 35 112 112 GLU GLU B . n 
B 1 36 ASP 36 113 113 ASP ASP B . n 
B 1 37 LEU 37 114 114 LEU LEU B . n 
B 1 38 SER 38 115 115 SER SER B . n 
B 1 39 ALA 39 116 116 ALA ALA B . n 
B 1 40 ARG 40 117 117 ARG ARG B . n 
B 1 41 VAL 41 118 118 VAL VAL B . n 
B 1 42 ASP 42 119 119 ASP ASP B . n 
B 1 43 ALA 43 120 120 ALA ALA B . n 
B 1 44 VAL 44 121 121 VAL VAL B . n 
B 1 45 LYS 45 122 122 LYS LYS B . n 
B 1 46 GLU 46 123 123 GLU GLU B . n 
B 1 47 GLU 47 124 124 GLU GLU B . n 
B 1 48 ASN 48 125 125 ASN ASN B . n 
B 1 49 LEU 49 126 126 LEU LEU B . n 
B 1 50 LYS 50 127 127 LYS LYS B . n 
B 1 51 LEU 51 128 128 LEU LEU B . n 
B 1 52 LYS 52 129 129 LYS LYS B . n 
B 1 53 SER 53 130 130 SER SER B . n 
B 1 54 GLU 54 131 131 GLU GLU B . n 
B 1 55 ASN 55 132 132 ASN ASN B . n 
B 1 56 GLN 56 133 133 GLN GLN B . n 
B 1 57 VAL 57 134 134 VAL VAL B . n 
B 1 58 LEU 58 135 135 LEU LEU B . n 
B 1 59 GLY 59 136 136 GLY GLY B . n 
B 1 60 GLN 60 137 137 GLN GLN B . n 
B 1 61 TYR 61 138 138 TYR TYR B . n 
B 1 62 ILE 62 139 139 ILE ILE B . n 
B 1 63 GLU 63 140 140 GLU GLU B . n 
B 1 64 ASN 64 141 141 ASN ASN B . n 
B 1 65 LEU 65 142 142 LEU LEU B . n 
B 1 66 MET 66 143 143 MET MET B . n 
B 1 67 SER 67 144 144 SER SER B . n 
B 1 68 ALA 68 145 145 ALA ALA B . n 
B 1 69 SER 69 146 146 SER SER B . n 
B 1 70 SER 70 147 147 SER SER B . n 
B 1 71 VAL 71 148 ?   ?   ?   B . n 
B 1 72 PHE 72 149 ?   ?   ?   B . n 
B 1 73 GLN 73 150 ?   ?   ?   B . n 
B 1 74 THR 74 151 ?   ?   ?   B . n 
B 1 75 THR 75 152 ?   ?   ?   B . n 
B 1 76 ASP 76 153 ?   ?   ?   B . n 
B 1 77 THR 77 154 ?   ?   ?   B . n 
B 1 78 LYS 78 155 ?   ?   ?   B . n 
B 1 79 SER 79 156 ?   ?   ?   B . n 
B 1 80 LYS 80 157 ?   ?   ?   B . n 
B 1 81 ARG 81 158 ?   ?   ?   B . n 
B 1 82 LYS 82 159 ?   ?   ?   B . n 
C 1 1  MET 1  78  ?   ?   ?   C . n 
C 1 2  MET 2  79  ?   ?   ?   C . n 
C 1 3  ASN 3  80  ?   ?   ?   C . n 
C 1 4  ALA 4  81  ?   ?   ?   C . n 
C 1 5  ASP 5  82  ?   ?   ?   C . n 
C 1 6  MET 6  83  ?   ?   ?   C . n 
C 1 7  ASP 7  84  ?   ?   ?   C . n 
C 1 8  ALA 8  85  ?   ?   ?   C . n 
C 1 9  VAL 9  86  86  VAL VAL C . n 
C 1 10 ASP 10 87  87  ASP ASP C . n 
C 1 11 ALA 11 88  88  ALA ALA C . n 
C 1 12 GLU 12 89  89  GLU GLU C . n 
C 1 13 ASN 13 90  90  ASN ASN C . n 
C 1 14 GLN 14 91  91  GLN GLN C . n 
C 1 15 VAL 15 92  92  VAL VAL C . n 
C 1 16 GLU 16 93  93  GLU GLU C . n 
C 1 17 LEU 17 94  94  LEU LEU C . n 
C 1 18 GLU 18 95  95  GLU GLU C . n 
C 1 19 GLU 19 96  96  GLU GLU C . n 
C 1 20 LYS 20 97  97  LYS LYS C . n 
C 1 21 THR 21 98  98  THR THR C . n 
C 1 22 ARG 22 99  99  ARG ARG C . n 
C 1 23 LEU 23 100 100 LEU LEU C . n 
C 1 24 ILE 24 101 101 ILE ILE C . n 
C 1 25 ASN 25 102 102 ASN ASN C . n 
C 1 26 GLN 26 103 103 GLN GLN C . n 
C 1 27 VAL 27 104 104 VAL VAL C . n 
C 1 28 MET 28 105 105 MET MET C . n 
C 1 29 GLU 29 106 106 GLU GLU C . n 
C 1 30 LEU 30 107 107 LEU LEU C . n 
C 1 31 GLN 31 108 108 GLN GLN C . n 
C 1 32 HIS 32 109 109 HIS HIS C . n 
C 1 33 THR 33 110 110 THR THR C . n 
C 1 34 LEU 34 111 111 LEU LEU C . n 
C 1 35 GLU 35 112 112 GLU GLU C . n 
C 1 36 ASP 36 113 113 ASP ASP C . n 
C 1 37 LEU 37 114 114 LEU LEU C . n 
C 1 38 SER 38 115 115 SER SER C . n 
C 1 39 ALA 39 116 116 ALA ALA C . n 
C 1 40 ARG 40 117 117 ARG ARG C . n 
C 1 41 VAL 41 118 118 VAL VAL C . n 
C 1 42 ASP 42 119 119 ASP ASP C . n 
C 1 43 ALA 43 120 120 ALA ALA C . n 
C 1 44 VAL 44 121 121 VAL VAL C . n 
C 1 45 LYS 45 122 122 LYS LYS C . n 
C 1 46 GLU 46 123 123 GLU GLU C . n 
C 1 47 GLU 47 124 124 GLU GLU C . n 
C 1 48 ASN 48 125 125 ASN ASN C . n 
C 1 49 LEU 49 126 126 LEU LEU C . n 
C 1 50 LYS 50 127 127 LYS LYS C . n 
C 1 51 LEU 51 128 128 LEU LEU C . n 
C 1 52 LYS 52 129 129 LYS LYS C . n 
C 1 53 SER 53 130 130 SER SER C . n 
C 1 54 GLU 54 131 131 GLU GLU C . n 
C 1 55 ASN 55 132 132 ASN ASN C . n 
C 1 56 GLN 56 133 133 GLN GLN C . n 
C 1 57 VAL 57 134 134 VAL VAL C . n 
C 1 58 LEU 58 135 135 LEU LEU C . n 
C 1 59 GLY 59 136 136 GLY GLY C . n 
C 1 60 GLN 60 137 137 GLN GLN C . n 
C 1 61 TYR 61 138 138 TYR TYR C . n 
C 1 62 ILE 62 139 139 ILE ILE C . n 
C 1 63 GLU 63 140 140 GLU GLU C . n 
C 1 64 ASN 64 141 141 ASN ASN C . n 
C 1 65 LEU 65 142 142 LEU LEU C . n 
C 1 66 MET 66 143 143 MET MET C . n 
C 1 67 SER 67 144 144 SER SER C . n 
C 1 68 ALA 68 145 145 ALA ALA C . n 
C 1 69 SER 69 146 146 SER SER C . n 
C 1 70 SER 70 147 ?   ?   ?   C . n 
C 1 71 VAL 71 148 ?   ?   ?   C . n 
C 1 72 PHE 72 149 ?   ?   ?   C . n 
C 1 73 GLN 73 150 ?   ?   ?   C . n 
C 1 74 THR 74 151 ?   ?   ?   C . n 
C 1 75 THR 75 152 ?   ?   ?   C . n 
C 1 76 ASP 76 153 ?   ?   ?   C . n 
C 1 77 THR 77 154 ?   ?   ?   C . n 
C 1 78 LYS 78 155 ?   ?   ?   C . n 
C 1 79 SER 79 156 ?   ?   ?   C . n 
C 1 80 LYS 80 157 ?   ?   ?   C . n 
C 1 81 ARG 81 158 ?   ?   ?   C . n 
C 1 82 LYS 82 159 ?   ?   ?   C . n 
# 
loop_
_pdbx_nonpoly_scheme.asym_id 
_pdbx_nonpoly_scheme.entity_id 
_pdbx_nonpoly_scheme.mon_id 
_pdbx_nonpoly_scheme.ndb_seq_num 
_pdbx_nonpoly_scheme.pdb_seq_num 
_pdbx_nonpoly_scheme.auth_seq_num 
_pdbx_nonpoly_scheme.pdb_mon_id 
_pdbx_nonpoly_scheme.auth_mon_id 
_pdbx_nonpoly_scheme.pdb_strand_id 
_pdbx_nonpoly_scheme.pdb_ins_code 
D 2 HOH 1  2001 2001 HOH HOH A . 
D 2 HOH 2  2002 2002 HOH HOH A . 
D 2 HOH 3  2003 2003 HOH HOH A . 
D 2 HOH 4  2004 2004 HOH HOH A . 
D 2 HOH 5  2005 2005 HOH HOH A . 
D 2 HOH 6  2006 2006 HOH HOH A . 
D 2 HOH 7  2007 2007 HOH HOH A . 
D 2 HOH 8  2008 2008 HOH HOH A . 
D 2 HOH 9  2009 2009 HOH HOH A . 
D 2 HOH 10 2010 2010 HOH HOH A . 
D 2 HOH 11 2011 2011 HOH HOH A . 
D 2 HOH 12 2012 2012 HOH HOH A . 
D 2 HOH 13 2013 2013 HOH HOH A . 
D 2 HOH 14 2014 2014 HOH HOH A . 
D 2 HOH 15 2015 2015 HOH HOH A . 
D 2 HOH 16 2016 2016 HOH HOH A . 
D 2 HOH 17 2017 2017 HOH HOH A . 
D 2 HOH 18 2018 2018 HOH HOH A . 
D 2 HOH 19 2019 2019 HOH HOH A . 
D 2 HOH 20 2020 2020 HOH HOH A . 
E 2 HOH 1  2001 2001 HOH HOH B . 
E 2 HOH 2  2002 2002 HOH HOH B . 
E 2 HOH 3  2003 2003 HOH HOH B . 
E 2 HOH 4  2004 2004 HOH HOH B . 
E 2 HOH 5  2005 2005 HOH HOH B . 
E 2 HOH 6  2006 2006 HOH HOH B . 
E 2 HOH 7  2007 2007 HOH HOH B . 
E 2 HOH 8  2008 2008 HOH HOH B . 
E 2 HOH 9  2009 2009 HOH HOH B . 
E 2 HOH 10 2010 2010 HOH HOH B . 
E 2 HOH 11 2011 2011 HOH HOH B . 
E 2 HOH 12 2012 2012 HOH HOH B . 
E 2 HOH 13 2013 2013 HOH HOH B . 
E 2 HOH 14 2014 2014 HOH HOH B . 
E 2 HOH 15 2015 2015 HOH HOH B . 
E 2 HOH 16 2016 2016 HOH HOH B . 
E 2 HOH 17 2017 2017 HOH HOH B . 
E 2 HOH 18 2018 2018 HOH HOH B . 
E 2 HOH 19 2019 2019 HOH HOH B . 
F 2 HOH 1  2001 2001 HOH HOH C . 
F 2 HOH 2  2002 2002 HOH HOH C . 
F 2 HOH 3  2003 2003 HOH HOH C . 
F 2 HOH 4  2004 2004 HOH HOH C . 
# 
loop_
_pdbx_unobs_or_zero_occ_atoms.id 
_pdbx_unobs_or_zero_occ_atoms.PDB_model_num 
_pdbx_unobs_or_zero_occ_atoms.polymer_flag 
_pdbx_unobs_or_zero_occ_atoms.occupancy_flag 
_pdbx_unobs_or_zero_occ_atoms.auth_asym_id 
_pdbx_unobs_or_zero_occ_atoms.auth_comp_id 
_pdbx_unobs_or_zero_occ_atoms.auth_seq_id 
_pdbx_unobs_or_zero_occ_atoms.PDB_ins_code 
_pdbx_unobs_or_zero_occ_atoms.auth_atom_id 
_pdbx_unobs_or_zero_occ_atoms.label_alt_id 
_pdbx_unobs_or_zero_occ_atoms.label_asym_id 
_pdbx_unobs_or_zero_occ_atoms.label_comp_id 
_pdbx_unobs_or_zero_occ_atoms.label_seq_id 
_pdbx_unobs_or_zero_occ_atoms.label_atom_id 
1  1 Y 1 A VAL 86  ? CG1 ? A VAL 9  CG1 
2  1 Y 1 A VAL 86  ? CG2 ? A VAL 9  CG2 
3  1 Y 1 A ASP 87  ? CG  ? A ASP 10 CG  
4  1 Y 1 A ASP 87  ? OD1 ? A ASP 10 OD1 
5  1 Y 1 A ASP 87  ? OD2 ? A ASP 10 OD2 
6  1 Y 1 A GLU 89  ? CG  ? A GLU 12 CG  
7  1 Y 1 A GLU 89  ? CD  ? A GLU 12 CD  
8  1 Y 1 A GLU 89  ? OE1 ? A GLU 12 OE1 
9  1 Y 1 A GLU 89  ? OE2 ? A GLU 12 OE2 
10 1 Y 1 A SER 146 ? OG  ? A SER 69 OG  
11 1 Y 1 B GLU 89  ? CG  ? B GLU 12 CG  
12 1 Y 1 B GLU 89  ? CD  ? B GLU 12 CD  
13 1 Y 1 B GLU 89  ? OE1 ? B GLU 12 OE1 
14 1 Y 1 B GLU 89  ? OE2 ? B GLU 12 OE2 
15 1 Y 1 B ASN 90  ? CG  ? B ASN 13 CG  
16 1 Y 1 B ASN 90  ? OD1 ? B ASN 13 OD1 
17 1 Y 1 B ASN 90  ? ND2 ? B ASN 13 ND2 
18 1 Y 1 B GLU 112 ? CG  ? B GLU 35 CG  
19 1 Y 1 B GLU 112 ? CD  ? B GLU 35 CD  
20 1 Y 1 B GLU 112 ? OE1 ? B GLU 35 OE1 
21 1 Y 1 B GLU 112 ? OE2 ? B GLU 35 OE2 
22 1 Y 1 B GLU 123 ? CG  ? B GLU 46 CG  
23 1 Y 1 B GLU 123 ? CD  ? B GLU 46 CD  
24 1 Y 1 B GLU 123 ? OE1 ? B GLU 46 OE1 
25 1 Y 1 B GLU 123 ? OE2 ? B GLU 46 OE2 
26 1 Y 1 C VAL 86  ? CG1 ? C VAL 9  CG1 
27 1 Y 1 C VAL 86  ? CG2 ? C VAL 9  CG2 
28 1 Y 1 C ASP 87  ? CG  ? C ASP 10 CG  
29 1 Y 1 C ASP 87  ? OD1 ? C ASP 10 OD1 
30 1 Y 1 C ASP 87  ? OD2 ? C ASP 10 OD2 
31 1 Y 1 C ASN 90  ? CG  ? C ASN 13 CG  
32 1 Y 1 C ASN 90  ? OD1 ? C ASN 13 OD1 
33 1 Y 1 C ASN 90  ? ND2 ? C ASN 13 ND2 
34 1 Y 1 C GLN 91  ? CG  ? C GLN 14 CG  
35 1 Y 1 C GLN 91  ? CD  ? C GLN 14 CD  
36 1 Y 1 C GLN 91  ? OE1 ? C GLN 14 OE1 
37 1 Y 1 C GLN 91  ? NE2 ? C GLN 14 NE2 
38 1 Y 1 C VAL 92  ? CG1 ? C VAL 15 CG1 
39 1 Y 1 C VAL 92  ? CG2 ? C VAL 15 CG2 
40 1 Y 1 C GLU 93  ? CG  ? C GLU 16 CG  
41 1 Y 1 C GLU 93  ? CD  ? C GLU 16 CD  
42 1 Y 1 C GLU 93  ? OE1 ? C GLU 16 OE1 
43 1 Y 1 C GLU 93  ? OE2 ? C GLU 16 OE2 
44 1 Y 1 C GLU 96  ? CG  ? C GLU 19 CG  
45 1 Y 1 C GLU 96  ? CD  ? C GLU 19 CD  
46 1 Y 1 C GLU 96  ? OE1 ? C GLU 19 OE1 
47 1 Y 1 C GLU 96  ? OE2 ? C GLU 19 OE2 
48 1 Y 1 C LYS 97  ? CG  ? C LYS 20 CG  
49 1 Y 1 C LYS 97  ? CD  ? C LYS 20 CD  
50 1 Y 1 C LYS 97  ? CE  ? C LYS 20 CE  
51 1 Y 1 C LYS 97  ? NZ  ? C LYS 20 NZ  
52 1 Y 1 C ARG 99  ? CG  ? C ARG 22 CG  
53 1 Y 1 C ARG 99  ? CD  ? C ARG 22 CD  
54 1 Y 1 C ARG 99  ? NE  ? C ARG 22 NE  
55 1 Y 1 C ARG 99  ? CZ  ? C ARG 22 CZ  
56 1 Y 1 C ARG 99  ? NH1 ? C ARG 22 NH1 
57 1 Y 1 C ARG 99  ? NH2 ? C ARG 22 NH2 
58 1 Y 1 C GLU 112 ? CG  ? C GLU 35 CG  
59 1 Y 1 C GLU 112 ? CD  ? C GLU 35 CD  
60 1 Y 1 C GLU 112 ? OE1 ? C GLU 35 OE1 
61 1 Y 1 C GLU 112 ? OE2 ? C GLU 35 OE2 
62 1 Y 1 C ARG 117 ? CG  ? C ARG 40 CG  
63 1 Y 1 C ARG 117 ? CD  ? C ARG 40 CD  
64 1 Y 1 C ARG 117 ? NE  ? C ARG 40 NE  
65 1 Y 1 C ARG 117 ? CZ  ? C ARG 40 CZ  
66 1 Y 1 C ARG 117 ? NH1 ? C ARG 40 NH1 
67 1 Y 1 C ARG 117 ? NH2 ? C ARG 40 NH2 
68 1 Y 1 C ASP 119 ? CG  ? C ASP 42 CG  
69 1 Y 1 C ASP 119 ? OD1 ? C ASP 42 OD1 
70 1 Y 1 C ASP 119 ? OD2 ? C ASP 42 OD2 
71 1 Y 1 C SER 146 ? OG  ? C SER 69 OG  
# 
loop_
_software.name 
_software.classification 
_software.version 
_software.citation_id 
_software.pdbx_ordinal 
PHENIX refinement       '(PHENIX.REFINE)' ? 1 
XDS    'data reduction' .                 ? 2 
XSCALE 'data scaling'   .                 ? 3 
PHENIX phasing          .                 ? 4 
# 
_cell.entry_id           4BWD 
_cell.length_a           70.980 
_cell.length_b           114.750 
_cell.length_c           93.270 
_cell.angle_alpha        90.00 
_cell.angle_beta         90.00 
_cell.angle_gamma        90.00 
_cell.Z_PDB              24 
_cell.pdbx_unique_axis   ? 
# 
_symmetry.entry_id                         4BWD 
_symmetry.space_group_name_H-M             'C 2 2 21' 
_symmetry.pdbx_full_space_group_name_H-M   ? 
_symmetry.cell_setting                     ? 
_symmetry.Int_Tables_number                20 
# 
_exptl.entry_id          4BWD 
_exptl.method            'X-RAY DIFFRACTION' 
_exptl.crystals_number   1 
# 
_exptl_crystal.id                    1 
_exptl_crystal.density_meas          ? 
_exptl_crystal.density_Matthews      3 
_exptl_crystal.density_percent_sol   59.2 
_exptl_crystal.description           NONE 
# 
_exptl_crystal_grow.crystal_id      1 
_exptl_crystal_grow.method          ? 
_exptl_crystal_grow.temp            ? 
_exptl_crystal_grow.temp_details    ? 
_exptl_crystal_grow.pH              4.6 
_exptl_crystal_grow.pdbx_pH_range   ? 
_exptl_crystal_grow.pdbx_details    '0.01 M COBALT CHLORIDE 0.1 M SODIUM ACETATE PH 4.63, 0.7 M 1,6 HEXANEDIOL' 
# 
_diffrn.id                     1 
_diffrn.ambient_temp           100 
_diffrn.ambient_temp_details   ? 
_diffrn.crystal_id             1 
# 
_diffrn_detector.diffrn_id              1 
_diffrn_detector.detector               PIXEL 
_diffrn_detector.type                   'DECTRIS PILATUS' 
_diffrn_detector.pdbx_collection_date   2012-12-07 
_diffrn_detector.details                ? 
# 
_diffrn_radiation.diffrn_id                        1 
_diffrn_radiation.wavelength_id                    1 
_diffrn_radiation.pdbx_monochromatic_or_laue_m_l   M 
_diffrn_radiation.monochromator                    ? 
_diffrn_radiation.pdbx_diffrn_protocol             'SINGLE WAVELENGTH' 
_diffrn_radiation.pdbx_scattering_type             x-ray 
# 
_diffrn_radiation_wavelength.id           1 
_diffrn_radiation_wavelength.wavelength   0.979 
_diffrn_radiation_wavelength.wt           1.0 
# 
_diffrn_source.diffrn_id                   1 
_diffrn_source.source                      SYNCHROTRON 
_diffrn_source.type                        'SLS BEAMLINE X10SA' 
_diffrn_source.pdbx_synchrotron_site       SLS 
_diffrn_source.pdbx_synchrotron_beamline   X10SA 
_diffrn_source.pdbx_wavelength             0.979 
_diffrn_source.pdbx_wavelength_list        ? 
# 
_reflns.pdbx_diffrn_id               1 
_reflns.pdbx_ordinal                 1 
_reflns.entry_id                     4BWD 
_reflns.observed_criterion_sigma_I   3.0 
_reflns.observed_criterion_sigma_F   ? 
_reflns.d_resolution_low             40.00 
_reflns.d_resolution_high            2.70 
_reflns.number_obs                   10743 
_reflns.number_all                   ? 
_reflns.percent_possible_obs         99.5 
_reflns.pdbx_Rmerge_I_obs            0.07 
_reflns.pdbx_Rsym_value              ? 
_reflns.pdbx_netI_over_sigmaI        17.30 
_reflns.B_iso_Wilson_estimate        58.67 
_reflns.pdbx_redundancy              6.5 
# 
_reflns_shell.pdbx_diffrn_id         1 
_reflns_shell.pdbx_ordinal           1 
_reflns_shell.d_res_high             2.70 
_reflns_shell.d_res_low              2.80 
_reflns_shell.percent_possible_all   96.4 
_reflns_shell.Rmerge_I_obs           0.58 
_reflns_shell.pdbx_Rsym_value        ? 
_reflns_shell.meanI_over_sigI_obs    3.70 
_reflns_shell.pdbx_redundancy        6.44 
# 
_refine.pdbx_refine_id                           'X-RAY DIFFRACTION' 
_refine.entry_id                                 4BWD 
_refine.pdbx_diffrn_id                           1 
_refine.pdbx_TLS_residual_ADP_flag               ? 
_refine.ls_number_reflns_obs                     10738 
_refine.ls_number_reflns_all                     ? 
_refine.pdbx_ls_sigma_I                          ? 
_refine.pdbx_ls_sigma_F                          1.36 
_refine.pdbx_data_cutoff_high_absF               ? 
_refine.pdbx_data_cutoff_low_absF                ? 
_refine.pdbx_data_cutoff_high_rms_absF           ? 
_refine.ls_d_res_low                             36.905 
_refine.ls_d_res_high                            2.702 
_refine.ls_percent_reflns_obs                    99.76 
_refine.ls_R_factor_obs                          0.2209 
_refine.ls_R_factor_all                          ? 
_refine.ls_R_factor_R_work                       0.2188 
_refine.ls_R_factor_R_free                       0.2601 
_refine.ls_R_factor_R_free_error                 ? 
_refine.ls_R_factor_R_free_error_details         ? 
_refine.ls_percent_reflns_R_free                 5.0 
_refine.ls_number_reflns_R_free                  537 
_refine.ls_number_parameters                     ? 
_refine.ls_number_restraints                     ? 
_refine.occupancy_min                            ? 
_refine.occupancy_max                            ? 
_refine.correlation_coeff_Fo_to_Fc               ? 
_refine.correlation_coeff_Fo_to_Fc_free          ? 
_refine.B_iso_mean                               52.1 
_refine.aniso_B[1][1]                            ? 
_refine.aniso_B[2][2]                            ? 
_refine.aniso_B[3][3]                            ? 
_refine.aniso_B[1][2]                            ? 
_refine.aniso_B[1][3]                            ? 
_refine.aniso_B[2][3]                            ? 
_refine.solvent_model_details                    'FLAT BULK SOLVENT MODEL' 
_refine.solvent_model_param_ksol                 ? 
_refine.solvent_model_param_bsol                 ? 
_refine.pdbx_solvent_vdw_probe_radii             1.11 
_refine.pdbx_solvent_ion_probe_radii             ? 
_refine.pdbx_solvent_shrinkage_radii             0.90 
_refine.pdbx_ls_cross_valid_method               ? 
_refine.details                                  ? 
_refine.pdbx_starting_model                      NONE 
_refine.pdbx_method_to_determine_struct          SAD 
_refine.pdbx_isotropic_thermal_model             ? 
_refine.pdbx_stereochemistry_target_values       MLHL 
_refine.pdbx_stereochem_target_val_spec_case     ? 
_refine.pdbx_R_Free_selection_details            ? 
_refine.pdbx_overall_ESU_R                       ? 
_refine.pdbx_overall_ESU_R_Free                  ? 
_refine.overall_SU_ML                            0.30 
_refine.pdbx_overall_phase_error                 26.58 
_refine.overall_SU_B                             ? 
_refine.overall_SU_R_Cruickshank_DPI             ? 
_refine.pdbx_overall_SU_R_free_Cruickshank_DPI   ? 
_refine.pdbx_overall_SU_R_Blow_DPI               ? 
_refine.pdbx_overall_SU_R_free_Blow_DPI          ? 
# 
_refine_hist.pdbx_refine_id                   'X-RAY DIFFRACTION' 
_refine_hist.cycle_id                         LAST 
_refine_hist.pdbx_number_atoms_protein        1381 
_refine_hist.pdbx_number_atoms_nucleic_acid   0 
_refine_hist.pdbx_number_atoms_ligand         0 
_refine_hist.number_atoms_solvent             43 
_refine_hist.number_atoms_total               1424 
_refine_hist.d_res_high                       2.702 
_refine_hist.d_res_low                        36.905 
# 
loop_
_refine_ls_restr.type 
_refine_ls_restr.dev_ideal 
_refine_ls_restr.dev_ideal_target 
_refine_ls_restr.weight 
_refine_ls_restr.number 
_refine_ls_restr.pdbx_refine_id 
_refine_ls_restr.pdbx_restraint_function 
f_bond_d           0.008  ? ? 1384 'X-RAY DIFFRACTION' ? 
f_angle_d          0.999  ? ? 1866 'X-RAY DIFFRACTION' ? 
f_dihedral_angle_d 16.260 ? ? 520  'X-RAY DIFFRACTION' ? 
f_chiral_restr     0.061  ? ? 232  'X-RAY DIFFRACTION' ? 
f_plane_restr      0.003  ? ? 244  'X-RAY DIFFRACTION' ? 
# 
loop_
_refine_ls_shell.pdbx_refine_id 
_refine_ls_shell.pdbx_total_number_of_bins_used 
_refine_ls_shell.d_res_high 
_refine_ls_shell.d_res_low 
_refine_ls_shell.number_reflns_R_work 
_refine_ls_shell.R_factor_R_work 
_refine_ls_shell.percent_reflns_obs 
_refine_ls_shell.R_factor_R_free 
_refine_ls_shell.R_factor_R_free_error 
_refine_ls_shell.percent_reflns_R_free 
_refine_ls_shell.number_reflns_R_free 
_refine_ls_shell.number_reflns_all 
_refine_ls_shell.R_factor_all 
'X-RAY DIFFRACTION' . 2.7020 2.9738  2487 0.2258 99.00  0.2820 . . 130 . . 
'X-RAY DIFFRACTION' . 2.9738 3.4039  2528 0.2250 100.00 0.2745 . . 133 . . 
'X-RAY DIFFRACTION' . 3.4039 4.2875  2538 0.2020 100.00 0.2561 . . 134 . . 
'X-RAY DIFFRACTION' . 4.2875 36.9081 2648 0.2265 100.00 0.2533 . . 140 . . 
# 
_struct.entry_id                  4BWD 
_struct.title                     'Human short coiled coil protein' 
_struct.pdbx_model_details        ? 
_struct.pdbx_CASP_flag            ? 
_struct.pdbx_model_type_details   ? 
# 
_struct_keywords.entry_id        4BWD 
_struct_keywords.pdbx_keywords   'STRUCTURAL PROTEIN' 
_struct_keywords.text            'STRUCTURAL PROTEIN, SCAFFOLD PROTEIN' 
# 
loop_
_struct_asym.id 
_struct_asym.pdbx_blank_PDB_chainid_flag 
_struct_asym.pdbx_modified 
_struct_asym.entity_id 
_struct_asym.details 
A N N 1 ? 
B N N 1 ? 
C N N 1 ? 
D N N 2 ? 
E N N 2 ? 
F N N 2 ? 
# 
_struct_ref.id                         1 
_struct_ref.db_name                    UNP 
_struct_ref.db_code                    SCOC_HUMAN 
_struct_ref.entity_id                  1 
_struct_ref.pdbx_seq_one_letter_code   ? 
_struct_ref.pdbx_align_begin           ? 
_struct_ref.pdbx_db_accession          Q9UIL1 
_struct_ref.pdbx_db_isoform            ? 
# 
loop_
_struct_ref_seq.align_id 
_struct_ref_seq.ref_id 
_struct_ref_seq.pdbx_PDB_id_code 
_struct_ref_seq.pdbx_strand_id 
_struct_ref_seq.seq_align_beg 
_struct_ref_seq.pdbx_seq_align_beg_ins_code 
_struct_ref_seq.seq_align_end 
_struct_ref_seq.pdbx_seq_align_end_ins_code 
_struct_ref_seq.pdbx_db_accession 
_struct_ref_seq.db_align_beg 
_struct_ref_seq.pdbx_db_align_beg_ins_code 
_struct_ref_seq.db_align_end 
_struct_ref_seq.pdbx_db_align_end_ins_code 
_struct_ref_seq.pdbx_auth_seq_align_beg 
_struct_ref_seq.pdbx_auth_seq_align_end 
1 1 4BWD A 1 ? 82 ? Q9UIL1 78 ? 159 ? 78 159 
2 1 4BWD B 1 ? 82 ? Q9UIL1 78 ? 159 ? 78 159 
3 1 4BWD C 1 ? 82 ? Q9UIL1 78 ? 159 ? 78 159 
# 
loop_
_struct_ref_seq_dif.align_id 
_struct_ref_seq_dif.pdbx_pdb_id_code 
_struct_ref_seq_dif.mon_id 
_struct_ref_seq_dif.pdbx_pdb_strand_id 
_struct_ref_seq_dif.seq_num 
_struct_ref_seq_dif.pdbx_pdb_ins_code 
_struct_ref_seq_dif.pdbx_seq_db_name 
_struct_ref_seq_dif.pdbx_seq_db_accession_code 
_struct_ref_seq_dif.db_mon_id 
_struct_ref_seq_dif.pdbx_seq_db_seq_num 
_struct_ref_seq_dif.details 
_struct_ref_seq_dif.pdbx_auth_seq_num 
_struct_ref_seq_dif.pdbx_ordinal 
1 4BWD MET A 28 ? UNP Q9UIL1 LEU 105 'engineered mutation' 105 1 
2 4BWD MET B 28 ? UNP Q9UIL1 LEU 105 'engineered mutation' 105 2 
3 4BWD MET C 28 ? UNP Q9UIL1 LEU 105 'engineered mutation' 105 3 
# 
loop_
_pdbx_struct_assembly.id 
_pdbx_struct_assembly.details 
_pdbx_struct_assembly.method_details 
_pdbx_struct_assembly.oligomeric_details 
_pdbx_struct_assembly.oligomeric_count 
1 author_and_software_defined_assembly PISA dimeric 2 
2 author_and_software_defined_assembly PISA dimeric 2 
# 
loop_
_pdbx_struct_assembly_prop.biol_id 
_pdbx_struct_assembly_prop.type 
_pdbx_struct_assembly_prop.value 
_pdbx_struct_assembly_prop.details 
1 'ABSA (A^2)' 2600  ? 
1 MORE         -22.5 ? 
1 'SSA (A^2)'  9240  ? 
2 'ABSA (A^2)' 2370  ? 
2 MORE         -23.5 ? 
2 'SSA (A^2)'  8890  ? 
# 
loop_
_pdbx_struct_assembly_gen.assembly_id 
_pdbx_struct_assembly_gen.oper_expression 
_pdbx_struct_assembly_gen.asym_id_list 
1 1   A,B,D,E 
2 1,2 C,F     
# 
loop_
_pdbx_struct_oper_list.id 
_pdbx_struct_oper_list.type 
_pdbx_struct_oper_list.name 
_pdbx_struct_oper_list.symmetry_operation 
_pdbx_struct_oper_list.matrix[1][1] 
_pdbx_struct_oper_list.matrix[1][2] 
_pdbx_struct_oper_list.matrix[1][3] 
_pdbx_struct_oper_list.vector[1] 
_pdbx_struct_oper_list.matrix[2][1] 
_pdbx_struct_oper_list.matrix[2][2] 
_pdbx_struct_oper_list.matrix[2][3] 
_pdbx_struct_oper_list.vector[2] 
_pdbx_struct_oper_list.matrix[3][1] 
_pdbx_struct_oper_list.matrix[3][2] 
_pdbx_struct_oper_list.matrix[3][3] 
_pdbx_struct_oper_list.vector[3] 
1 'identity operation'         1_555 x,y,z       1.0000000000 0.0000000000  0.0000000000 0.0000000000   0.0000000000  1.0000000000  0.0000000000  0.0000000000  0.0000000000 0.0000000000  1.0000000000  0.0000000000  
2 'crystal symmetry operation' 3_555 -x,y,-z+1/2 0.0185665781 -0.1463180134 0.9890633555 -22.8834583032 -0.1463180134 -0.9789812846 -0.1420798487 -1.2984113471 0.9890633555 -0.1420798487 -0.0395852935 23.3739777352 
# 
_struct_biol.id   1 
# 
loop_
_struct_conf.conf_type_id 
_struct_conf.id 
_struct_conf.pdbx_PDB_helix_id 
_struct_conf.beg_label_comp_id 
_struct_conf.beg_label_asym_id 
_struct_conf.beg_label_seq_id 
_struct_conf.pdbx_beg_PDB_ins_code 
_struct_conf.end_label_comp_id 
_struct_conf.end_label_asym_id 
_struct_conf.end_label_seq_id 
_struct_conf.pdbx_end_PDB_ins_code 
_struct_conf.beg_auth_comp_id 
_struct_conf.beg_auth_asym_id 
_struct_conf.beg_auth_seq_id 
_struct_conf.end_auth_comp_id 
_struct_conf.end_auth_asym_id 
_struct_conf.end_auth_seq_id 
_struct_conf.pdbx_PDB_helix_class 
_struct_conf.details 
_struct_conf.pdbx_PDB_helix_length 
HELX_P HELX_P1 1 GLU A 12 ? ALA A 68 ? GLU A 89 ALA A 145 1 ? 57 
HELX_P HELX_P2 2 ALA B 11 ? MET B 66 ? ALA B 88 MET B 143 1 ? 56 
HELX_P HELX_P3 3 ALA C 11 ? SER C 69 ? ALA C 88 SER C 146 1 ? 59 
# 
_struct_conf_type.id          HELX_P 
_struct_conf_type.criteria    ? 
_struct_conf_type.reference   ? 
# 
_pdbx_validate_torsion.id              1 
_pdbx_validate_torsion.PDB_model_num   1 
_pdbx_validate_torsion.auth_comp_id    GLU 
_pdbx_validate_torsion.auth_asym_id    B 
_pdbx_validate_torsion.auth_seq_id     140 
_pdbx_validate_torsion.PDB_ins_code    ? 
_pdbx_validate_torsion.label_alt_id    ? 
_pdbx_validate_torsion.phi             -66.26 
_pdbx_validate_torsion.psi             3.18 
# 
loop_
_pdbx_unobs_or_zero_occ_residues.id 
_pdbx_unobs_or_zero_occ_residues.PDB_model_num 
_pdbx_unobs_or_zero_occ_residues.polymer_flag 
_pdbx_unobs_or_zero_occ_residues.occupancy_flag 
_pdbx_unobs_or_zero_occ_residues.auth_asym_id 
_pdbx_unobs_or_zero_occ_residues.auth_comp_id 
_pdbx_unobs_or_zero_occ_residues.auth_seq_id 
_pdbx_unobs_or_zero_occ_residues.PDB_ins_code 
_pdbx_unobs_or_zero_occ_residues.label_asym_id 
_pdbx_unobs_or_zero_occ_residues.label_comp_id 
_pdbx_unobs_or_zero_occ_residues.label_seq_id 
1  1 Y 1 A MET 78  ? A MET 1  
2  1 Y 1 A MET 79  ? A MET 2  
3  1 Y 1 A ASN 80  ? A ASN 3  
4  1 Y 1 A ALA 81  ? A ALA 4  
5  1 Y 1 A ASP 82  ? A ASP 5  
6  1 Y 1 A MET 83  ? A MET 6  
7  1 Y 1 A ASP 84  ? A ASP 7  
8  1 Y 1 A ALA 85  ? A ALA 8  
9  1 Y 1 A SER 147 ? A SER 70 
10 1 Y 1 A VAL 148 ? A VAL 71 
11 1 Y 1 A PHE 149 ? A PHE 72 
12 1 Y 1 A GLN 150 ? A GLN 73 
13 1 Y 1 A THR 151 ? A THR 74 
14 1 Y 1 A THR 152 ? A THR 75 
15 1 Y 1 A ASP 153 ? A ASP 76 
16 1 Y 1 A THR 154 ? A THR 77 
17 1 Y 1 A LYS 155 ? A LYS 78 
18 1 Y 1 A SER 156 ? A SER 79 
19 1 Y 1 A LYS 157 ? A LYS 80 
20 1 Y 1 A ARG 158 ? A ARG 81 
21 1 Y 1 A LYS 159 ? A LYS 82 
22 1 Y 1 B MET 78  ? B MET 1  
23 1 Y 1 B MET 79  ? B MET 2  
24 1 Y 1 B ASN 80  ? B ASN 3  
25 1 Y 1 B ALA 81  ? B ALA 4  
26 1 Y 1 B ASP 82  ? B ASP 5  
27 1 Y 1 B MET 83  ? B MET 6  
28 1 Y 1 B ASP 84  ? B ASP 7  
29 1 Y 1 B ALA 85  ? B ALA 8  
30 1 Y 1 B VAL 86  ? B VAL 9  
31 1 Y 1 B ASP 87  ? B ASP 10 
32 1 Y 1 B VAL 148 ? B VAL 71 
33 1 Y 1 B PHE 149 ? B PHE 72 
34 1 Y 1 B GLN 150 ? B GLN 73 
35 1 Y 1 B THR 151 ? B THR 74 
36 1 Y 1 B THR 152 ? B THR 75 
37 1 Y 1 B ASP 153 ? B ASP 76 
38 1 Y 1 B THR 154 ? B THR 77 
39 1 Y 1 B LYS 155 ? B LYS 78 
40 1 Y 1 B SER 156 ? B SER 79 
41 1 Y 1 B LYS 157 ? B LYS 80 
42 1 Y 1 B ARG 158 ? B ARG 81 
43 1 Y 1 B LYS 159 ? B LYS 82 
44 1 Y 1 C MET 78  ? C MET 1  
45 1 Y 1 C MET 79  ? C MET 2  
46 1 Y 1 C ASN 80  ? C ASN 3  
47 1 Y 1 C ALA 81  ? C ALA 4  
48 1 Y 1 C ASP 82  ? C ASP 5  
49 1 Y 1 C MET 83  ? C MET 6  
50 1 Y 1 C ASP 84  ? C ASP 7  
51 1 Y 1 C ALA 85  ? C ALA 8  
52 1 Y 1 C SER 147 ? C SER 70 
53 1 Y 1 C VAL 148 ? C VAL 71 
54 1 Y 1 C PHE 149 ? C PHE 72 
55 1 Y 1 C GLN 150 ? C GLN 73 
56 1 Y 1 C THR 151 ? C THR 74 
57 1 Y 1 C THR 152 ? C THR 75 
58 1 Y 1 C ASP 153 ? C ASP 76 
59 1 Y 1 C THR 154 ? C THR 77 
60 1 Y 1 C LYS 155 ? C LYS 78 
61 1 Y 1 C SER 156 ? C SER 79 
62 1 Y 1 C LYS 157 ? C LYS 80 
63 1 Y 1 C ARG 158 ? C ARG 81 
64 1 Y 1 C LYS 159 ? C LYS 82 
# 
loop_
_chem_comp_atom.comp_id 
_chem_comp_atom.atom_id 
_chem_comp_atom.type_symbol 
_chem_comp_atom.pdbx_aromatic_flag 
_chem_comp_atom.pdbx_stereo_config 
_chem_comp_atom.pdbx_ordinal 
ALA N    N N N 1   
ALA CA   C N S 2   
ALA C    C N N 3   
ALA O    O N N 4   
ALA CB   C N N 5   
ALA OXT  O N N 6   
ALA H    H N N 7   
ALA H2   H N N 8   
ALA HA   H N N 9   
ALA HB1  H N N 10  
ALA HB2  H N N 11  
ALA HB3  H N N 12  
ALA HXT  H N N 13  
ARG N    N N N 14  
ARG CA   C N S 15  
ARG C    C N N 16  
ARG O    O N N 17  
ARG CB   C N N 18  
ARG CG   C N N 19  
ARG CD   C N N 20  
ARG NE   N N N 21  
ARG CZ   C N N 22  
ARG NH1  N N N 23  
ARG NH2  N N N 24  
ARG OXT  O N N 25  
ARG H    H N N 26  
ARG H2   H N N 27  
ARG HA   H N N 28  
ARG HB2  H N N 29  
ARG HB3  H N N 30  
ARG HG2  H N N 31  
ARG HG3  H N N 32  
ARG HD2  H N N 33  
ARG HD3  H N N 34  
ARG HE   H N N 35  
ARG HH11 H N N 36  
ARG HH12 H N N 37  
ARG HH21 H N N 38  
ARG HH22 H N N 39  
ARG HXT  H N N 40  
ASN N    N N N 41  
ASN CA   C N S 42  
ASN C    C N N 43  
ASN O    O N N 44  
ASN CB   C N N 45  
ASN CG   C N N 46  
ASN OD1  O N N 47  
ASN ND2  N N N 48  
ASN OXT  O N N 49  
ASN H    H N N 50  
ASN H2   H N N 51  
ASN HA   H N N 52  
ASN HB2  H N N 53  
ASN HB3  H N N 54  
ASN HD21 H N N 55  
ASN HD22 H N N 56  
ASN HXT  H N N 57  
ASP N    N N N 58  
ASP CA   C N S 59  
ASP C    C N N 60  
ASP O    O N N 61  
ASP CB   C N N 62  
ASP CG   C N N 63  
ASP OD1  O N N 64  
ASP OD2  O N N 65  
ASP OXT  O N N 66  
ASP H    H N N 67  
ASP H2   H N N 68  
ASP HA   H N N 69  
ASP HB2  H N N 70  
ASP HB3  H N N 71  
ASP HD2  H N N 72  
ASP HXT  H N N 73  
GLN N    N N N 74  
GLN CA   C N S 75  
GLN C    C N N 76  
GLN O    O N N 77  
GLN CB   C N N 78  
GLN CG   C N N 79  
GLN CD   C N N 80  
GLN OE1  O N N 81  
GLN NE2  N N N 82  
GLN OXT  O N N 83  
GLN H    H N N 84  
GLN H2   H N N 85  
GLN HA   H N N 86  
GLN HB2  H N N 87  
GLN HB3  H N N 88  
GLN HG2  H N N 89  
GLN HG3  H N N 90  
GLN HE21 H N N 91  
GLN HE22 H N N 92  
GLN HXT  H N N 93  
GLU N    N N N 94  
GLU CA   C N S 95  
GLU C    C N N 96  
GLU O    O N N 97  
GLU CB   C N N 98  
GLU CG   C N N 99  
GLU CD   C N N 100 
GLU OE1  O N N 101 
GLU OE2  O N N 102 
GLU OXT  O N N 103 
GLU H    H N N 104 
GLU H2   H N N 105 
GLU HA   H N N 106 
GLU HB2  H N N 107 
GLU HB3  H N N 108 
GLU HG2  H N N 109 
GLU HG3  H N N 110 
GLU HE2  H N N 111 
GLU HXT  H N N 112 
GLY N    N N N 113 
GLY CA   C N N 114 
GLY C    C N N 115 
GLY O    O N N 116 
GLY OXT  O N N 117 
GLY H    H N N 118 
GLY H2   H N N 119 
GLY HA2  H N N 120 
GLY HA3  H N N 121 
GLY HXT  H N N 122 
HIS N    N N N 123 
HIS CA   C N S 124 
HIS C    C N N 125 
HIS O    O N N 126 
HIS CB   C N N 127 
HIS CG   C Y N 128 
HIS ND1  N Y N 129 
HIS CD2  C Y N 130 
HIS CE1  C Y N 131 
HIS NE2  N Y N 132 
HIS OXT  O N N 133 
HIS H    H N N 134 
HIS H2   H N N 135 
HIS HA   H N N 136 
HIS HB2  H N N 137 
HIS HB3  H N N 138 
HIS HD1  H N N 139 
HIS HD2  H N N 140 
HIS HE1  H N N 141 
HIS HE2  H N N 142 
HIS HXT  H N N 143 
HOH O    O N N 144 
HOH H1   H N N 145 
HOH H2   H N N 146 
ILE N    N N N 147 
ILE CA   C N S 148 
ILE C    C N N 149 
ILE O    O N N 150 
ILE CB   C N S 151 
ILE CG1  C N N 152 
ILE CG2  C N N 153 
ILE CD1  C N N 154 
ILE OXT  O N N 155 
ILE H    H N N 156 
ILE H2   H N N 157 
ILE HA   H N N 158 
ILE HB   H N N 159 
ILE HG12 H N N 160 
ILE HG13 H N N 161 
ILE HG21 H N N 162 
ILE HG22 H N N 163 
ILE HG23 H N N 164 
ILE HD11 H N N 165 
ILE HD12 H N N 166 
ILE HD13 H N N 167 
ILE HXT  H N N 168 
LEU N    N N N 169 
LEU CA   C N S 170 
LEU C    C N N 171 
LEU O    O N N 172 
LEU CB   C N N 173 
LEU CG   C N N 174 
LEU CD1  C N N 175 
LEU CD2  C N N 176 
LEU OXT  O N N 177 
LEU H    H N N 178 
LEU H2   H N N 179 
LEU HA   H N N 180 
LEU HB2  H N N 181 
LEU HB3  H N N 182 
LEU HG   H N N 183 
LEU HD11 H N N 184 
LEU HD12 H N N 185 
LEU HD13 H N N 186 
LEU HD21 H N N 187 
LEU HD22 H N N 188 
LEU HD23 H N N 189 
LEU HXT  H N N 190 
LYS N    N N N 191 
LYS CA   C N S 192 
LYS C    C N N 193 
LYS O    O N N 194 
LYS CB   C N N 195 
LYS CG   C N N 196 
LYS CD   C N N 197 
LYS CE   C N N 198 
LYS NZ   N N N 199 
LYS OXT  O N N 200 
LYS H    H N N 201 
LYS H2   H N N 202 
LYS HA   H N N 203 
LYS HB2  H N N 204 
LYS HB3  H N N 205 
LYS HG2  H N N 206 
LYS HG3  H N N 207 
LYS HD2  H N N 208 
LYS HD3  H N N 209 
LYS HE2  H N N 210 
LYS HE3  H N N 211 
LYS HZ1  H N N 212 
LYS HZ2  H N N 213 
LYS HZ3  H N N 214 
LYS HXT  H N N 215 
MET N    N N N 216 
MET CA   C N S 217 
MET C    C N N 218 
MET O    O N N 219 
MET CB   C N N 220 
MET CG   C N N 221 
MET SD   S N N 222 
MET CE   C N N 223 
MET OXT  O N N 224 
MET H    H N N 225 
MET H2   H N N 226 
MET HA   H N N 227 
MET HB2  H N N 228 
MET HB3  H N N 229 
MET HG2  H N N 230 
MET HG3  H N N 231 
MET HE1  H N N 232 
MET HE2  H N N 233 
MET HE3  H N N 234 
MET HXT  H N N 235 
PHE N    N N N 236 
PHE CA   C N S 237 
PHE C    C N N 238 
PHE O    O N N 239 
PHE CB   C N N 240 
PHE CG   C Y N 241 
PHE CD1  C Y N 242 
PHE CD2  C Y N 243 
PHE CE1  C Y N 244 
PHE CE2  C Y N 245 
PHE CZ   C Y N 246 
PHE OXT  O N N 247 
PHE H    H N N 248 
PHE H2   H N N 249 
PHE HA   H N N 250 
PHE HB2  H N N 251 
PHE HB3  H N N 252 
PHE HD1  H N N 253 
PHE HD2  H N N 254 
PHE HE1  H N N 255 
PHE HE2  H N N 256 
PHE HZ   H N N 257 
PHE HXT  H N N 258 
SER N    N N N 259 
SER CA   C N S 260 
SER C    C N N 261 
SER O    O N N 262 
SER CB   C N N 263 
SER OG   O N N 264 
SER OXT  O N N 265 
SER H    H N N 266 
SER H2   H N N 267 
SER HA   H N N 268 
SER HB2  H N N 269 
SER HB3  H N N 270 
SER HG   H N N 271 
SER HXT  H N N 272 
THR N    N N N 273 
THR CA   C N S 274 
THR C    C N N 275 
THR O    O N N 276 
THR CB   C N R 277 
THR OG1  O N N 278 
THR CG2  C N N 279 
THR OXT  O N N 280 
THR H    H N N 281 
THR H2   H N N 282 
THR HA   H N N 283 
THR HB   H N N 284 
THR HG1  H N N 285 
THR HG21 H N N 286 
THR HG22 H N N 287 
THR HG23 H N N 288 
THR HXT  H N N 289 
TYR N    N N N 290 
TYR CA   C N S 291 
TYR C    C N N 292 
TYR O    O N N 293 
TYR CB   C N N 294 
TYR CG   C Y N 295 
TYR CD1  C Y N 296 
TYR CD2  C Y N 297 
TYR CE1  C Y N 298 
TYR CE2  C Y N 299 
TYR CZ   C Y N 300 
TYR OH   O N N 301 
TYR OXT  O N N 302 
TYR H    H N N 303 
TYR H2   H N N 304 
TYR HA   H N N 305 
TYR HB2  H N N 306 
TYR HB3  H N N 307 
TYR HD1  H N N 308 
TYR HD2  H N N 309 
TYR HE1  H N N 310 
TYR HE2  H N N 311 
TYR HH   H N N 312 
TYR HXT  H N N 313 
VAL N    N N N 314 
VAL CA   C N S 315 
VAL C    C N N 316 
VAL O    O N N 317 
VAL CB   C N N 318 
VAL CG1  C N N 319 
VAL CG2  C N N 320 
VAL OXT  O N N 321 
VAL H    H N N 322 
VAL H2   H N N 323 
VAL HA   H N N 324 
VAL HB   H N N 325 
VAL HG11 H N N 326 
VAL HG12 H N N 327 
VAL HG13 H N N 328 
VAL HG21 H N N 329 
VAL HG22 H N N 330 
VAL HG23 H N N 331 
VAL HXT  H N N 332 
# 
loop_
_chem_comp_bond.comp_id 
_chem_comp_bond.atom_id_1 
_chem_comp_bond.atom_id_2 
_chem_comp_bond.value_order 
_chem_comp_bond.pdbx_aromatic_flag 
_chem_comp_bond.pdbx_stereo_config 
_chem_comp_bond.pdbx_ordinal 
ALA N   CA   sing N N 1   
ALA N   H    sing N N 2   
ALA N   H2   sing N N 3   
ALA CA  C    sing N N 4   
ALA CA  CB   sing N N 5   
ALA CA  HA   sing N N 6   
ALA C   O    doub N N 7   
ALA C   OXT  sing N N 8   
ALA CB  HB1  sing N N 9   
ALA CB  HB2  sing N N 10  
ALA CB  HB3  sing N N 11  
ALA OXT HXT  sing N N 12  
ARG N   CA   sing N N 13  
ARG N   H    sing N N 14  
ARG N   H2   sing N N 15  
ARG CA  C    sing N N 16  
ARG CA  CB   sing N N 17  
ARG CA  HA   sing N N 18  
ARG C   O    doub N N 19  
ARG C   OXT  sing N N 20  
ARG CB  CG   sing N N 21  
ARG CB  HB2  sing N N 22  
ARG CB  HB3  sing N N 23  
ARG CG  CD   sing N N 24  
ARG CG  HG2  sing N N 25  
ARG CG  HG3  sing N N 26  
ARG CD  NE   sing N N 27  
ARG CD  HD2  sing N N 28  
ARG CD  HD3  sing N N 29  
ARG NE  CZ   sing N N 30  
ARG NE  HE   sing N N 31  
ARG CZ  NH1  sing N N 32  
ARG CZ  NH2  doub N N 33  
ARG NH1 HH11 sing N N 34  
ARG NH1 HH12 sing N N 35  
ARG NH2 HH21 sing N N 36  
ARG NH2 HH22 sing N N 37  
ARG OXT HXT  sing N N 38  
ASN N   CA   sing N N 39  
ASN N   H    sing N N 40  
ASN N   H2   sing N N 41  
ASN CA  C    sing N N 42  
ASN CA  CB   sing N N 43  
ASN CA  HA   sing N N 44  
ASN C   O    doub N N 45  
ASN C   OXT  sing N N 46  
ASN CB  CG   sing N N 47  
ASN CB  HB2  sing N N 48  
ASN CB  HB3  sing N N 49  
ASN CG  OD1  doub N N 50  
ASN CG  ND2  sing N N 51  
ASN ND2 HD21 sing N N 52  
ASN ND2 HD22 sing N N 53  
ASN OXT HXT  sing N N 54  
ASP N   CA   sing N N 55  
ASP N   H    sing N N 56  
ASP N   H2   sing N N 57  
ASP CA  C    sing N N 58  
ASP CA  CB   sing N N 59  
ASP CA  HA   sing N N 60  
ASP C   O    doub N N 61  
ASP C   OXT  sing N N 62  
ASP CB  CG   sing N N 63  
ASP CB  HB2  sing N N 64  
ASP CB  HB3  sing N N 65  
ASP CG  OD1  doub N N 66  
ASP CG  OD2  sing N N 67  
ASP OD2 HD2  sing N N 68  
ASP OXT HXT  sing N N 69  
GLN N   CA   sing N N 70  
GLN N   H    sing N N 71  
GLN N   H2   sing N N 72  
GLN CA  C    sing N N 73  
GLN CA  CB   sing N N 74  
GLN CA  HA   sing N N 75  
GLN C   O    doub N N 76  
GLN C   OXT  sing N N 77  
GLN CB  CG   sing N N 78  
GLN CB  HB2  sing N N 79  
GLN CB  HB3  sing N N 80  
GLN CG  CD   sing N N 81  
GLN CG  HG2  sing N N 82  
GLN CG  HG3  sing N N 83  
GLN CD  OE1  doub N N 84  
GLN CD  NE2  sing N N 85  
GLN NE2 HE21 sing N N 86  
GLN NE2 HE22 sing N N 87  
GLN OXT HXT  sing N N 88  
GLU N   CA   sing N N 89  
GLU N   H    sing N N 90  
GLU N   H2   sing N N 91  
GLU CA  C    sing N N 92  
GLU CA  CB   sing N N 93  
GLU CA  HA   sing N N 94  
GLU C   O    doub N N 95  
GLU C   OXT  sing N N 96  
GLU CB  CG   sing N N 97  
GLU CB  HB2  sing N N 98  
GLU CB  HB3  sing N N 99  
GLU CG  CD   sing N N 100 
GLU CG  HG2  sing N N 101 
GLU CG  HG3  sing N N 102 
GLU CD  OE1  doub N N 103 
GLU CD  OE2  sing N N 104 
GLU OE2 HE2  sing N N 105 
GLU OXT HXT  sing N N 106 
GLY N   CA   sing N N 107 
GLY N   H    sing N N 108 
GLY N   H2   sing N N 109 
GLY CA  C    sing N N 110 
GLY CA  HA2  sing N N 111 
GLY CA  HA3  sing N N 112 
GLY C   O    doub N N 113 
GLY C   OXT  sing N N 114 
GLY OXT HXT  sing N N 115 
HIS N   CA   sing N N 116 
HIS N   H    sing N N 117 
HIS N   H2   sing N N 118 
HIS CA  C    sing N N 119 
HIS CA  CB   sing N N 120 
HIS CA  HA   sing N N 121 
HIS C   O    doub N N 122 
HIS C   OXT  sing N N 123 
HIS CB  CG   sing N N 124 
HIS CB  HB2  sing N N 125 
HIS CB  HB3  sing N N 126 
HIS CG  ND1  sing Y N 127 
HIS CG  CD2  doub Y N 128 
HIS ND1 CE1  doub Y N 129 
HIS ND1 HD1  sing N N 130 
HIS CD2 NE2  sing Y N 131 
HIS CD2 HD2  sing N N 132 
HIS CE1 NE2  sing Y N 133 
HIS CE1 HE1  sing N N 134 
HIS NE2 HE2  sing N N 135 
HIS OXT HXT  sing N N 136 
HOH O   H1   sing N N 137 
HOH O   H2   sing N N 138 
ILE N   CA   sing N N 139 
ILE N   H    sing N N 140 
ILE N   H2   sing N N 141 
ILE CA  C    sing N N 142 
ILE CA  CB   sing N N 143 
ILE CA  HA   sing N N 144 
ILE C   O    doub N N 145 
ILE C   OXT  sing N N 146 
ILE CB  CG1  sing N N 147 
ILE CB  CG2  sing N N 148 
ILE CB  HB   sing N N 149 
ILE CG1 CD1  sing N N 150 
ILE CG1 HG12 sing N N 151 
ILE CG1 HG13 sing N N 152 
ILE CG2 HG21 sing N N 153 
ILE CG2 HG22 sing N N 154 
ILE CG2 HG23 sing N N 155 
ILE CD1 HD11 sing N N 156 
ILE CD1 HD12 sing N N 157 
ILE CD1 HD13 sing N N 158 
ILE OXT HXT  sing N N 159 
LEU N   CA   sing N N 160 
LEU N   H    sing N N 161 
LEU N   H2   sing N N 162 
LEU CA  C    sing N N 163 
LEU CA  CB   sing N N 164 
LEU CA  HA   sing N N 165 
LEU C   O    doub N N 166 
LEU C   OXT  sing N N 167 
LEU CB  CG   sing N N 168 
LEU CB  HB2  sing N N 169 
LEU CB  HB3  sing N N 170 
LEU CG  CD1  sing N N 171 
LEU CG  CD2  sing N N 172 
LEU CG  HG   sing N N 173 
LEU CD1 HD11 sing N N 174 
LEU CD1 HD12 sing N N 175 
LEU CD1 HD13 sing N N 176 
LEU CD2 HD21 sing N N 177 
LEU CD2 HD22 sing N N 178 
LEU CD2 HD23 sing N N 179 
LEU OXT HXT  sing N N 180 
LYS N   CA   sing N N 181 
LYS N   H    sing N N 182 
LYS N   H2   sing N N 183 
LYS CA  C    sing N N 184 
LYS CA  CB   sing N N 185 
LYS CA  HA   sing N N 186 
LYS C   O    doub N N 187 
LYS C   OXT  sing N N 188 
LYS CB  CG   sing N N 189 
LYS CB  HB2  sing N N 190 
LYS CB  HB3  sing N N 191 
LYS CG  CD   sing N N 192 
LYS CG  HG2  sing N N 193 
LYS CG  HG3  sing N N 194 
LYS CD  CE   sing N N 195 
LYS CD  HD2  sing N N 196 
LYS CD  HD3  sing N N 197 
LYS CE  NZ   sing N N 198 
LYS CE  HE2  sing N N 199 
LYS CE  HE3  sing N N 200 
LYS NZ  HZ1  sing N N 201 
LYS NZ  HZ2  sing N N 202 
LYS NZ  HZ3  sing N N 203 
LYS OXT HXT  sing N N 204 
MET N   CA   sing N N 205 
MET N   H    sing N N 206 
MET N   H2   sing N N 207 
MET CA  C    sing N N 208 
MET CA  CB   sing N N 209 
MET CA  HA   sing N N 210 
MET C   O    doub N N 211 
MET C   OXT  sing N N 212 
MET CB  CG   sing N N 213 
MET CB  HB2  sing N N 214 
MET CB  HB3  sing N N 215 
MET CG  SD   sing N N 216 
MET CG  HG2  sing N N 217 
MET CG  HG3  sing N N 218 
MET SD  CE   sing N N 219 
MET CE  HE1  sing N N 220 
MET CE  HE2  sing N N 221 
MET CE  HE3  sing N N 222 
MET OXT HXT  sing N N 223 
PHE N   CA   sing N N 224 
PHE N   H    sing N N 225 
PHE N   H2   sing N N 226 
PHE CA  C    sing N N 227 
PHE CA  CB   sing N N 228 
PHE CA  HA   sing N N 229 
PHE C   O    doub N N 230 
PHE C   OXT  sing N N 231 
PHE CB  CG   sing N N 232 
PHE CB  HB2  sing N N 233 
PHE CB  HB3  sing N N 234 
PHE CG  CD1  doub Y N 235 
PHE CG  CD2  sing Y N 236 
PHE CD1 CE1  sing Y N 237 
PHE CD1 HD1  sing N N 238 
PHE CD2 CE2  doub Y N 239 
PHE CD2 HD2  sing N N 240 
PHE CE1 CZ   doub Y N 241 
PHE CE1 HE1  sing N N 242 
PHE CE2 CZ   sing Y N 243 
PHE CE2 HE2  sing N N 244 
PHE CZ  HZ   sing N N 245 
PHE OXT HXT  sing N N 246 
SER N   CA   sing N N 247 
SER N   H    sing N N 248 
SER N   H2   sing N N 249 
SER CA  C    sing N N 250 
SER CA  CB   sing N N 251 
SER CA  HA   sing N N 252 
SER C   O    doub N N 253 
SER C   OXT  sing N N 254 
SER CB  OG   sing N N 255 
SER CB  HB2  sing N N 256 
SER CB  HB3  sing N N 257 
SER OG  HG   sing N N 258 
SER OXT HXT  sing N N 259 
THR N   CA   sing N N 260 
THR N   H    sing N N 261 
THR N   H2   sing N N 262 
THR CA  C    sing N N 263 
THR CA  CB   sing N N 264 
THR CA  HA   sing N N 265 
THR C   O    doub N N 266 
THR C   OXT  sing N N 267 
THR CB  OG1  sing N N 268 
THR CB  CG2  sing N N 269 
THR CB  HB   sing N N 270 
THR OG1 HG1  sing N N 271 
THR CG2 HG21 sing N N 272 
THR CG2 HG22 sing N N 273 
THR CG2 HG23 sing N N 274 
THR OXT HXT  sing N N 275 
TYR N   CA   sing N N 276 
TYR N   H    sing N N 277 
TYR N   H2   sing N N 278 
TYR CA  C    sing N N 279 
TYR CA  CB   sing N N 280 
TYR CA  HA   sing N N 281 
TYR C   O    doub N N 282 
TYR C   OXT  sing N N 283 
TYR CB  CG   sing N N 284 
TYR CB  HB2  sing N N 285 
TYR CB  HB3  sing N N 286 
TYR CG  CD1  doub Y N 287 
TYR CG  CD2  sing Y N 288 
TYR CD1 CE1  sing Y N 289 
TYR CD1 HD1  sing N N 290 
TYR CD2 CE2  doub Y N 291 
TYR CD2 HD2  sing N N 292 
TYR CE1 CZ   doub Y N 293 
TYR CE1 HE1  sing N N 294 
TYR CE2 CZ   sing Y N 295 
TYR CE2 HE2  sing N N 296 
TYR CZ  OH   sing N N 297 
TYR OH  HH   sing N N 298 
TYR OXT HXT  sing N N 299 
VAL N   CA   sing N N 300 
VAL N   H    sing N N 301 
VAL N   H2   sing N N 302 
VAL CA  C    sing N N 303 
VAL CA  CB   sing N N 304 
VAL CA  HA   sing N N 305 
VAL C   O    doub N N 306 
VAL C   OXT  sing N N 307 
VAL CB  CG1  sing N N 308 
VAL CB  CG2  sing N N 309 
VAL CB  HB   sing N N 310 
VAL CG1 HG11 sing N N 311 
VAL CG1 HG12 sing N N 312 
VAL CG1 HG13 sing N N 313 
VAL CG2 HG21 sing N N 314 
VAL CG2 HG22 sing N N 315 
VAL CG2 HG23 sing N N 316 
VAL OXT HXT  sing N N 317 
# 
_atom_sites.entry_id                    4BWD 
_atom_sites.fract_transf_matrix[1][1]   0.00451722 
_atom_sites.fract_transf_matrix[1][2]   -0.01171723 
_atom_sites.fract_transf_matrix[1][3]   -0.00638537 
_atom_sites.fract_transf_matrix[2][1]   0.00621938 
_atom_sites.fract_transf_matrix[2][2]   -0.00089342 
_atom_sites.fract_transf_matrix[2][3]   0.00603923 
_atom_sites.fract_transf_matrix[3][1]   -0.00667788 
_atom_sites.fract_transf_matrix[3][2]   -0.00585049 
_atom_sites.fract_transf_matrix[3][3]   0.00601158 
_atom_sites.fract_transf_vector[1]      0.118704 
_atom_sites.fract_transf_vector[2]      0.209822 
_atom_sites.fract_transf_vector[3]      0.099548 
# 
loop_
_atom_type.symbol 
C 
N 
O 
S 
# 
loop_
_atom_site.group_PDB 
_atom_site.id 
_atom_site.type_symbol 
_atom_site.label_atom_id 
_atom_site.label_alt_id 
_atom_site.label_comp_id 
_atom_site.label_asym_id 
_atom_site.label_entity_id 
_atom_site.label_seq_id 
_atom_site.pdbx_PDB_ins_code 
_atom_site.Cartn_x 
_atom_site.Cartn_y 
_atom_site.Cartn_z 
_atom_site.occupancy 
_atom_site.B_iso_or_equiv 
_atom_site.pdbx_formal_charge 
_atom_site.auth_seq_id 
_atom_site.auth_comp_id 
_atom_site.auth_asym_id 
_atom_site.auth_atom_id 
_atom_site.pdbx_PDB_model_num 
ATOM   1    N N   . VAL A 1 9  ? 14.932  -23.008 36.834  1.00 82.62  ? 86   VAL A N   1 
ATOM   2    C CA  . VAL A 1 9  ? 13.689  -22.769 37.562  1.00 92.37  ? 86   VAL A CA  1 
ATOM   3    C C   . VAL A 1 9  ? 13.229  -21.324 37.379  1.00 94.72  ? 86   VAL A C   1 
ATOM   4    O O   . VAL A 1 9  ? 12.251  -21.049 36.679  1.00 90.48  ? 86   VAL A O   1 
ATOM   5    C CB  . VAL A 1 9  ? 13.869  -23.093 39.038  1.00 89.88  ? 86   VAL A CB  1 
ATOM   6    N N   . ASP A 1 10 ? 13.939  -20.404 38.026  1.00 95.46  ? 87   ASP A N   1 
ATOM   7    C CA  . ASP A 1 10 ? 13.731  -18.977 37.815  1.00 89.71  ? 87   ASP A CA  1 
ATOM   8    C C   . ASP A 1 10 ? 14.742  -18.467 36.786  1.00 86.60  ? 87   ASP A C   1 
ATOM   9    O O   . ASP A 1 10 ? 14.693  -17.311 36.370  1.00 85.00  ? 87   ASP A O   1 
ATOM   10   C CB  . ASP A 1 10 ? 13.863  -18.215 39.127  1.00 87.30  ? 87   ASP A CB  1 
ATOM   11   N N   . ALA A 1 11 ? 15.661  -19.344 36.386  1.00 86.53  ? 88   ALA A N   1 
ATOM   12   C CA  . ALA A 1 11 ? 16.636  -19.025 35.348  1.00 85.30  ? 88   ALA A CA  1 
ATOM   13   C C   . ALA A 1 11 ? 16.089  -19.384 33.967  1.00 86.25  ? 88   ALA A C   1 
ATOM   14   O O   . ALA A 1 11 ? 16.643  -18.980 32.947  1.00 81.64  ? 88   ALA A O   1 
ATOM   15   C CB  . ALA A 1 11 ? 17.949  -19.749 35.604  1.00 76.14  ? 88   ALA A CB  1 
ATOM   16   N N   . GLU A 1 12 ? 15.005  -20.157 33.945  1.00 85.11  ? 89   GLU A N   1 
ATOM   17   C CA  . GLU A 1 12 ? 14.329  -20.494 32.696  1.00 81.57  ? 89   GLU A CA  1 
ATOM   18   C C   . GLU A 1 12 ? 13.297  -19.420 32.339  1.00 80.86  ? 89   GLU A C   1 
ATOM   19   O O   . GLU A 1 12 ? 13.097  -19.098 31.164  1.00 74.91  ? 89   GLU A O   1 
ATOM   20   C CB  . GLU A 1 12 ? 13.672  -21.861 32.796  1.00 82.31  ? 89   GLU A CB  1 
ATOM   21   N N   . ASN A 1 13 ? 12.647  -18.869 33.361  1.00 80.74  ? 90   ASN A N   1 
ATOM   22   C CA  . ASN A 1 13 ? 11.680  -17.794 33.161  1.00 80.99  ? 90   ASN A CA  1 
ATOM   23   C C   . ASN A 1 13 ? 12.325  -16.469 32.746  1.00 79.76  ? 90   ASN A C   1 
ATOM   24   O O   . ASN A 1 13 ? 11.651  -15.589 32.210  1.00 77.47  ? 90   ASN A O   1 
ATOM   25   C CB  . ASN A 1 13 ? 10.812  -17.603 34.409  1.00 82.32  ? 90   ASN A CB  1 
ATOM   26   C CG  . ASN A 1 13 ? 9.754   -18.683 34.554  1.00 87.63  ? 90   ASN A CG  1 
ATOM   27   O OD1 . ASN A 1 13 ? 9.866   -19.758 33.962  1.00 92.27  ? 90   ASN A OD1 1 
ATOM   28   N ND2 . ASN A 1 13 ? 8.717   -18.399 35.340  1.00 77.22  ? 90   ASN A ND2 1 
ATOM   29   N N   . GLN A 1 14 ? 13.628  -16.339 32.992  1.00 76.56  ? 91   GLN A N   1 
ATOM   30   C CA  . GLN A 1 14 ? 14.379  -15.143 32.620  1.00 76.33  ? 91   GLN A CA  1 
ATOM   31   C C   . GLN A 1 14 ? 14.948  -15.264 31.202  1.00 71.39  ? 91   GLN A C   1 
ATOM   32   O O   . GLN A 1 14 ? 15.198  -14.266 30.524  1.00 68.60  ? 91   GLN A O   1 
ATOM   33   C CB  . GLN A 1 14 ? 15.500  -14.883 33.629  1.00 84.71  ? 91   GLN A CB  1 
ATOM   34   C CG  . GLN A 1 14 ? 15.960  -13.428 33.705  1.00 91.47  ? 91   GLN A CG  1 
ATOM   35   C CD  . GLN A 1 14 ? 16.698  -13.111 35.005  1.00 106.36 ? 91   GLN A CD  1 
ATOM   36   O OE1 . GLN A 1 14 ? 16.866  -13.980 35.864  1.00 109.50 ? 91   GLN A OE1 1 
ATOM   37   N NE2 . GLN A 1 14 ? 17.140  -11.861 35.152  1.00 105.24 ? 91   GLN A NE2 1 
ATOM   38   N N   . VAL A 1 15 ? 15.156  -16.499 30.763  1.00 70.32  ? 92   VAL A N   1 
ATOM   39   C CA  . VAL A 1 15 ? 15.503  -16.763 29.376  1.00 66.12  ? 92   VAL A CA  1 
ATOM   40   C C   . VAL A 1 15 ? 14.286  -16.485 28.492  1.00 59.26  ? 92   VAL A C   1 
ATOM   41   O O   . VAL A 1 15 ? 14.389  -15.835 27.453  1.00 55.33  ? 92   VAL A O   1 
ATOM   42   C CB  . VAL A 1 15 ? 15.972  -18.223 29.193  1.00 64.36  ? 92   VAL A CB  1 
ATOM   43   C CG1 . VAL A 1 15 ? 16.190  -18.549 27.722  1.00 63.79  ? 92   VAL A CG1 1 
ATOM   44   C CG2 . VAL A 1 15 ? 17.244  -18.462 29.973  1.00 69.87  ? 92   VAL A CG2 1 
ATOM   45   N N   . GLU A 1 16 ? 13.134  -16.977 28.926  1.00 59.21  ? 93   GLU A N   1 
ATOM   46   C CA  . GLU A 1 16 ? 11.893  -16.812 28.188  1.00 60.36  ? 93   GLU A CA  1 
ATOM   47   C C   . GLU A 1 16 ? 11.449  -15.347 28.180  1.00 58.48  ? 93   GLU A C   1 
ATOM   48   O O   . GLU A 1 16 ? 10.915  -14.855 27.185  1.00 51.03  ? 93   GLU A O   1 
ATOM   49   C CB  . GLU A 1 16 ? 10.803  -17.721 28.779  1.00 65.37  ? 93   GLU A CB  1 
ATOM   50   C CG  . GLU A 1 16 ? 9.385   -17.468 28.250  1.00 75.27  ? 93   GLU A CG  1 
ATOM   51   C CD  . GLU A 1 16 ? 9.081   -18.144 26.896  1.00 80.10  ? 93   GLU A CD  1 
ATOM   52   O OE1 . GLU A 1 16 ? 10.031  -18.440 26.115  1.00 69.21  ? 93   GLU A OE1 1 
ATOM   53   O OE2 . GLU A 1 16 ? 7.874   -18.376 26.624  1.00 74.44  ? 93   GLU A OE2 1 
ATOM   54   N N   . LEU A 1 17 ? 11.686  -14.651 29.288  1.00 57.49  ? 94   LEU A N   1 
ATOM   55   C CA  . LEU A 1 17 ? 11.379  -13.226 29.373  1.00 55.86  ? 94   LEU A CA  1 
ATOM   56   C C   . LEU A 1 17 ? 12.253  -12.379 28.448  1.00 50.59  ? 94   LEU A C   1 
ATOM   57   O O   . LEU A 1 17 ? 11.788  -11.427 27.820  1.00 51.70  ? 94   LEU A O   1 
ATOM   58   C CB  . LEU A 1 17 ? 11.550  -12.731 30.801  1.00 66.10  ? 94   LEU A CB  1 
ATOM   59   C CG  . LEU A 1 17 ? 11.331  -11.228 30.939  1.00 61.43  ? 94   LEU A CG  1 
ATOM   60   C CD1 . LEU A 1 17 ? 9.856   -10.904 30.732  1.00 60.78  ? 94   LEU A CD1 1 
ATOM   61   C CD2 . LEU A 1 17 ? 11.834  -10.721 32.278  1.00 63.24  ? 94   LEU A CD2 1 
ATOM   62   N N   . GLU A 1 18 ? 13.529  -12.717 28.386  1.00 49.42  ? 95   GLU A N   1 
ATOM   63   C CA  . GLU A 1 18 ? 14.455  -12.024 27.512  1.00 50.34  ? 95   GLU A CA  1 
ATOM   64   C C   . GLU A 1 18 ? 14.132  -12.317 26.048  1.00 47.50  ? 95   GLU A C   1 
ATOM   65   O O   . GLU A 1 18 ? 14.295  -11.456 25.185  1.00 48.73  ? 95   GLU A O   1 
ATOM   66   C CB  . GLU A 1 18 ? 15.888  -12.439 27.848  1.00 58.07  ? 95   GLU A CB  1 
ATOM   67   C CG  . GLU A 1 18 ? 16.949  -11.941 26.878  1.00 70.45  ? 95   GLU A CG  1 
ATOM   68   C CD  . GLU A 1 18 ? 18.297  -12.628 27.095  1.00 87.60  ? 95   GLU A CD  1 
ATOM   69   O OE1 . GLU A 1 18 ? 18.452  -13.316 28.132  1.00 81.78  ? 95   GLU A OE1 1 
ATOM   70   O OE2 . GLU A 1 18 ? 19.194  -12.486 26.229  1.00 91.10  ? 95   GLU A OE2 1 
ATOM   71   N N   . GLU A 1 19 ? 13.664  -13.531 25.776  1.00 48.95  ? 96   GLU A N   1 
ATOM   72   C CA  . GLU A 1 19 ? 13.305  -13.942 24.419  1.00 46.91  ? 96   GLU A CA  1 
ATOM   73   C C   . GLU A 1 19 ? 12.076  -13.207 23.899  1.00 45.28  ? 96   GLU A C   1 
ATOM   74   O O   . GLU A 1 19 ? 12.046  -12.768 22.738  1.00 39.26  ? 96   GLU A O   1 
ATOM   75   C CB  . GLU A 1 19 ? 13.096  -15.456 24.353  1.00 43.47  ? 96   GLU A CB  1 
ATOM   76   C CG  . GLU A 1 19 ? 14.399  -16.219 24.223  1.00 58.08  ? 96   GLU A CG  1 
ATOM   77   C CD  . GLU A 1 19 ? 14.239  -17.736 24.179  1.00 59.15  ? 96   GLU A CD  1 
ATOM   78   O OE1 . GLU A 1 19 ? 13.094  -18.248 24.220  1.00 51.74  ? 96   GLU A OE1 1 
ATOM   79   O OE2 . GLU A 1 19 ? 15.292  -18.409 24.103  1.00 56.85  ? 96   GLU A OE2 1 
ATOM   80   N N   . LYS A 1 20 ? 11.069  -13.080 24.763  1.00 42.28  ? 97   LYS A N   1 
ATOM   81   C CA  . LYS A 1 20 ? 9.862   -12.331 24.445  1.00 39.05  ? 97   LYS A CA  1 
ATOM   82   C C   . LYS A 1 20 ? 10.151  -10.845 24.271  1.00 39.44  ? 97   LYS A C   1 
ATOM   83   O O   . LYS A 1 20 ? 9.550   -10.193 23.415  1.00 37.57  ? 97   LYS A O   1 
ATOM   84   C CB  . LYS A 1 20 ? 8.800   -12.525 25.526  1.00 47.51  ? 97   LYS A CB  1 
ATOM   85   C CG  . LYS A 1 20 ? 8.136   -13.908 25.567  1.00 48.47  ? 97   LYS A CG  1 
ATOM   86   C CD  . LYS A 1 20 ? 7.125   -13.926 26.704  1.00 48.27  ? 97   LYS A CD  1 
ATOM   87   C CE  . LYS A 1 20 ? 6.522   -15.295 26.958  1.00 66.38  ? 97   LYS A CE  1 
ATOM   88   N NZ  . LYS A 1 20 ? 5.809   -15.308 28.280  1.00 72.90  ? 97   LYS A NZ  1 
ATOM   89   N N   . THR A 1 21 ? 11.067  -10.313 25.077  1.00 37.16  ? 98   THR A N   1 
ATOM   90   C CA  . THR A 1 21 ? 11.456  -8.905  24.959  1.00 38.06  ? 98   THR A CA  1 
ATOM   91   C C   . THR A 1 21 ? 12.036  -8.616  23.576  1.00 37.65  ? 98   THR A C   1 
ATOM   92   O O   . THR A 1 21 ? 11.726  -7.608  22.940  1.00 36.99  ? 98   THR A O   1 
ATOM   93   C CB  . THR A 1 21 ? 12.490  -8.503  26.032  1.00 44.55  ? 98   THR A CB  1 
ATOM   94   O OG1 . THR A 1 21 ? 11.877  -8.515  27.330  1.00 42.85  ? 98   THR A OG1 1 
ATOM   95   C CG2 . THR A 1 21 ? 13.041  -7.121  25.754  1.00 39.65  ? 98   THR A CG2 1 
ATOM   96   N N   . ARG A 1 22 ? 12.870  -9.527  23.103  1.00 38.18  ? 99   ARG A N   1 
ATOM   97   C CA  . ARG A 1 22 ? 13.490  -9.370  21.805  1.00 40.45  ? 99   ARG A CA  1 
ATOM   98   C C   . ARG A 1 22 ? 12.456  -9.424  20.691  1.00 34.99  ? 99   ARG A C   1 
ATOM   99   O O   . ARG A 1 22 ? 12.596  -8.760  19.675  1.00 34.68  ? 99   ARG A O   1 
ATOM   100  C CB  . ARG A 1 22 ? 14.558  -10.443 21.599  1.00 45.26  ? 99   ARG A CB  1 
ATOM   101  C CG  . ARG A 1 22 ? 15.461  -10.190 20.414  1.00 54.14  ? 99   ARG A CG  1 
ATOM   102  C CD  . ARG A 1 22 ? 16.410  -11.360 20.201  1.00 64.25  ? 99   ARG A CD  1 
ATOM   103  N NE  . ARG A 1 22 ? 16.726  -12.023 21.468  1.00 71.04  ? 99   ARG A NE  1 
ATOM   104  C CZ  . ARG A 1 22 ? 17.337  -13.202 21.571  1.00 71.18  ? 99   ARG A CZ  1 
ATOM   105  N NH1 . ARG A 1 22 ? 17.711  -13.854 20.473  1.00 57.98  ? 99   ARG A NH1 1 
ATOM   106  N NH2 . ARG A 1 22 ? 17.567  -13.724 22.775  1.00 69.33  ? 99   ARG A NH2 1 
ATOM   107  N N   . LEU A 1 23 ? 11.410  -10.217 20.880  1.00 35.88  ? 100  LEU A N   1 
ATOM   108  C CA  . LEU A 1 23 ? 10.404  -10.358 19.841  1.00 33.37  ? 100  LEU A CA  1 
ATOM   109  C C   . LEU A 1 23 ? 9.511   -9.131  19.845  1.00 36.82  ? 100  LEU A C   1 
ATOM   110  O O   . LEU A 1 23 ? 9.045   -8.670  18.794  1.00 34.65  ? 100  LEU A O   1 
ATOM   111  C CB  . LEU A 1 23 ? 9.583   -11.629 20.055  1.00 35.66  ? 100  LEU A CB  1 
ATOM   112  C CG  . LEU A 1 23 ? 10.255  -12.963 19.715  1.00 32.63  ? 100  LEU A CG  1 
ATOM   113  C CD1 . LEU A 1 23 ? 9.460   -14.132 20.263  1.00 27.58  ? 100  LEU A CD1 1 
ATOM   114  C CD2 . LEU A 1 23 ? 10.407  -13.109 18.223  1.00 26.26  ? 100  LEU A CD2 1 
ATOM   115  N N   . ILE A 1 24 ? 9.279   -8.610  21.045  1.00 36.39  ? 101  ILE A N   1 
ATOM   116  C CA  . ILE A 1 24 ? 8.444   -7.438  21.234  1.00 35.88  ? 101  ILE A CA  1 
ATOM   117  C C   . ILE A 1 24 ? 9.082   -6.207  20.592  1.00 34.09  ? 101  ILE A C   1 
ATOM   118  O O   . ILE A 1 24 ? 8.395   -5.440  19.925  1.00 34.25  ? 101  ILE A O   1 
ATOM   119  C CB  . ILE A 1 24 ? 8.073   -7.234  22.734  1.00 35.21  ? 101  ILE A CB  1 
ATOM   120  C CG1 . ILE A 1 24 ? 6.893   -8.133  23.097  1.00 39.17  ? 101  ILE A CG1 1 
ATOM   121  C CG2 . ILE A 1 24 ? 7.656   -5.825  23.010  1.00 27.52  ? 101  ILE A CG2 1 
ATOM   122  C CD1 . ILE A 1 24 ? 5.582   -7.711  22.407  1.00 37.60  ? 101  ILE A CD1 1 
ATOM   123  N N   . ASN A 1 25 ? 10.391  -6.041  20.757  1.00 35.19  ? 102  ASN A N   1 
ATOM   124  C CA  . ASN A 1 25 ? 11.096  -4.946  20.087  1.00 39.78  ? 102  ASN A CA  1 
ATOM   125  C C   . ASN A 1 25 ? 10.982  -5.053  18.569  1.00 37.87  ? 102  ASN A C   1 
ATOM   126  O O   . ASN A 1 25 ? 10.759  -4.060  17.866  1.00 39.35  ? 102  ASN A O   1 
ATOM   127  C CB  . ASN A 1 25 ? 12.564  -4.870  20.529  1.00 39.97  ? 102  ASN A CB  1 
ATOM   128  C CG  . ASN A 1 25 ? 12.714  -4.383  21.974  1.00 56.27  ? 102  ASN A CG  1 
ATOM   129  O OD1 . ASN A 1 25 ? 11.939  -3.542  22.455  1.00 61.29  ? 102  ASN A OD1 1 
ATOM   130  N ND2 . ASN A 1 25 ? 13.708  -4.919  22.675  1.00 60.90  ? 102  ASN A ND2 1 
ATOM   131  N N   . GLN A 1 26 ? 11.092  -6.277  18.085  1.00 30.37  ? 103  GLN A N   1 
ATOM   132  C CA  . GLN A 1 26 ? 10.961  -6.562  16.672  1.00 32.15  ? 103  GLN A CA  1 
ATOM   133  C C   . GLN A 1 26 ? 9.590   -6.177  16.112  1.00 35.22  ? 103  GLN A C   1 
ATOM   134  O O   . GLN A 1 26 ? 9.500   -5.575  15.050  1.00 41.08  ? 103  GLN A O   1 
ATOM   135  C CB  . GLN A 1 26 ? 11.255  -8.031  16.429  1.00 33.06  ? 103  GLN A CB  1 
ATOM   136  C CG  . GLN A 1 26 ? 11.637  -8.345  15.016  1.00 40.12  ? 103  GLN A CG  1 
ATOM   137  C CD  . GLN A 1 26 ? 12.166  -9.753  14.871  1.00 46.69  ? 103  GLN A CD  1 
ATOM   138  O OE1 . GLN A 1 26 ? 12.490  -10.406 15.875  1.00 43.73  ? 103  GLN A OE1 1 
ATOM   139  N NE2 . GLN A 1 26 ? 12.263  -10.233 13.619  1.00 42.55  ? 103  GLN A NE2 1 
ATOM   140  N N   . VAL A 1 27 ? 8.522   -6.505  16.827  1.00 37.93  ? 104  VAL A N   1 
ATOM   141  C CA  . VAL A 1 27 ? 7.184   -6.059  16.441  1.00 35.44  ? 104  VAL A CA  1 
ATOM   142  C C   . VAL A 1 27 ? 7.119   -4.525  16.377  1.00 37.35  ? 104  VAL A C   1 
ATOM   143  O O   . VAL A 1 27 ? 6.490   -3.955  15.493  1.00 37.22  ? 104  VAL A O   1 
ATOM   144  C CB  . VAL A 1 27 ? 6.114   -6.584  17.434  1.00 36.75  ? 104  VAL A CB  1 
ATOM   145  C CG1 . VAL A 1 27 ? 4.755   -5.919  17.216  1.00 28.88  ? 104  VAL A CG1 1 
ATOM   146  C CG2 . VAL A 1 27 ? 5.989   -8.083  17.343  1.00 34.42  ? 104  VAL A CG2 1 
ATOM   147  N N   . MET A 1 28 ? 7.770   -3.858  17.322  1.00 35.89  ? 105  MET A N   1 
ATOM   148  C CA  . MET A 1 28 ? 7.745   -2.398  17.377  1.00 35.62  ? 105  MET A CA  1 
ATOM   149  C C   . MET A 1 28 ? 8.457   -1.738  16.213  1.00 39.22  ? 105  MET A C   1 
ATOM   150  O O   . MET A 1 28 ? 7.950   -0.797  15.610  1.00 37.30  ? 105  MET A O   1 
ATOM   151  C CB  . MET A 1 28 ? 8.379   -1.920  18.670  1.00 39.23  ? 105  MET A CB  1 
ATOM   152  C CG  . MET A 1 28 ? 7.745   -2.478  19.913  1.00 41.69  ? 105  MET A CG  1 
ATOM   153  S SD  . MET A 1 28 ? 6.307   -1.567  20.430  1.00 65.38  ? 105  MET A SD  1 
ATOM   154  C CE  . MET A 1 28 ? 5.036   -2.035  19.253  1.00 49.64  ? 105  MET A CE  1 
ATOM   155  N N   . GLU A 1 29 ? 9.650   -2.236  15.925  1.00 40.56  ? 106  GLU A N   1 
ATOM   156  C CA  . GLU A 1 29 ? 10.428  -1.753  14.810  1.00 42.30  ? 106  GLU A CA  1 
ATOM   157  C C   . GLU A 1 29 ? 9.753   -2.059  13.489  1.00 40.94  ? 106  GLU A C   1 
ATOM   158  O O   . GLU A 1 29 ? 9.804   -1.249  12.572  1.00 42.41  ? 106  GLU A O   1 
ATOM   159  C CB  . GLU A 1 29 ? 11.831  -2.353  14.863  1.00 44.72  ? 106  GLU A CB  1 
ATOM   160  C CG  . GLU A 1 29 ? 12.666  -1.737  15.974  1.00 57.88  ? 106  GLU A CG  1 
ATOM   161  C CD  . GLU A 1 29 ? 13.933  -2.518  16.293  1.00 76.51  ? 106  GLU A CD  1 
ATOM   162  O OE1 . GLU A 1 29 ? 14.349  -3.377  15.475  1.00 69.64  ? 106  GLU A OE1 1 
ATOM   163  O OE2 . GLU A 1 29 ? 14.513  -2.263  17.375  1.00 82.04  ? 106  GLU A OE2 1 
ATOM   164  N N   . LEU A 1 30 ? 9.131   -3.231  13.383  1.00 38.64  ? 107  LEU A N   1 
ATOM   165  C CA  . LEU A 1 30 ? 8.514   -3.629  12.121  1.00 35.93  ? 107  LEU A CA  1 
ATOM   166  C C   . LEU A 1 30 ? 7.355   -2.708  11.817  1.00 39.00  ? 107  LEU A C   1 
ATOM   167  O O   . LEU A 1 30 ? 7.179   -2.255  10.691  1.00 41.70  ? 107  LEU A O   1 
ATOM   168  C CB  . LEU A 1 30 ? 8.052   -5.090  12.148  1.00 31.29  ? 107  LEU A CB  1 
ATOM   169  C CG  . LEU A 1 30 ? 9.173   -6.124  12.000  1.00 35.98  ? 107  LEU A CG  1 
ATOM   170  C CD1 . LEU A 1 30 ? 8.699   -7.540  12.341  1.00 32.32  ? 107  LEU A CD1 1 
ATOM   171  C CD2 . LEU A 1 30 ? 9.792   -6.080  10.605  1.00 33.92  ? 107  LEU A CD2 1 
ATOM   172  N N   . GLN A 1 31 ? 6.588   -2.407  12.850  1.00 39.39  ? 108  GLN A N   1 
ATOM   173  C CA  . GLN A 1 31 ? 5.400   -1.589  12.739  1.00 38.12  ? 108  GLN A CA  1 
ATOM   174  C C   . GLN A 1 31 ? 5.763   -0.129  12.428  1.00 44.84  ? 108  GLN A C   1 
ATOM   175  O O   . GLN A 1 31 ? 5.056   0.551   11.690  1.00 46.74  ? 108  GLN A O   1 
ATOM   176  C CB  . GLN A 1 31 ? 4.617   -1.703  14.042  1.00 44.96  ? 108  GLN A CB  1 
ATOM   177  C CG  . GLN A 1 31 ? 3.150   -1.415  13.933  1.00 52.21  ? 108  GLN A CG  1 
ATOM   178  C CD  . GLN A 1 31 ? 2.744   -0.349  14.901  1.00 59.49  ? 108  GLN A CD  1 
ATOM   179  O OE1 . GLN A 1 31 ? 3.272   -0.283  16.012  1.00 69.22  ? 108  GLN A OE1 1 
ATOM   180  N NE2 . GLN A 1 31 ? 1.825   0.517   14.488  1.00 61.76  ? 108  GLN A NE2 1 
ATOM   181  N N   . HIS A 1 32 ? 6.880   0.343   12.972  1.00 42.32  ? 109  HIS A N   1 
ATOM   182  C CA  . HIS A 1 32 ? 7.394   1.659   12.615  1.00 39.57  ? 109  HIS A CA  1 
ATOM   183  C C   . HIS A 1 32 ? 7.910   1.713   11.180  1.00 46.05  ? 109  HIS A C   1 
ATOM   184  O O   . HIS A 1 32 ? 7.515   2.589   10.416  1.00 51.33  ? 109  HIS A O   1 
ATOM   185  C CB  . HIS A 1 32 ? 8.474   2.119   13.597  1.00 37.59  ? 109  HIS A CB  1 
ATOM   186  C CG  . HIS A 1 32 ? 7.918   2.555   14.921  1.00 57.65  ? 109  HIS A CG  1 
ATOM   187  N ND1 . HIS A 1 32 ? 8.692   2.634   16.060  1.00 63.49  ? 109  HIS A ND1 1 
ATOM   188  C CD2 . HIS A 1 32 ? 6.673   2.924   15.282  1.00 59.76  ? 109  HIS A CD2 1 
ATOM   189  C CE1 . HIS A 1 32 ? 7.943   3.043   17.067  1.00 62.50  ? 109  HIS A CE1 1 
ATOM   190  N NE2 . HIS A 1 32 ? 6.700   3.224   16.617  1.00 65.11  ? 109  HIS A NE2 1 
ATOM   191  N N   . THR A 1 33 ? 8.787   0.779   10.819  1.00 43.43  ? 110  THR A N   1 
ATOM   192  C CA  . THR A 1 33 ? 9.277   0.675   9.449   1.00 43.08  ? 110  THR A CA  1 
ATOM   193  C C   . THR A 1 33 ? 8.107   0.648   8.471   1.00 41.54  ? 110  THR A C   1 
ATOM   194  O O   . THR A 1 33 ? 8.151   1.251   7.411   1.00 45.65  ? 110  THR A O   1 
ATOM   195  C CB  . THR A 1 33 ? 10.148  -0.585  9.250   1.00 44.58  ? 110  THR A CB  1 
ATOM   196  O OG1 . THR A 1 33 ? 11.358  -0.475  10.013  1.00 44.60  ? 110  THR A OG1 1 
ATOM   197  C CG2 . THR A 1 33 ? 10.486  -0.784  7.784   1.00 40.22  ? 110  THR A CG2 1 
ATOM   198  N N   . LEU A 1 34 ? 7.038   -0.024  8.857   1.00 40.60  ? 111  LEU A N   1 
ATOM   199  C CA  . LEU A 1 34 ? 5.901   -0.202  7.976   1.00 43.19  ? 111  LEU A CA  1 
ATOM   200  C C   . LEU A 1 34 ? 5.116   1.088   7.853   1.00 47.17  ? 111  LEU A C   1 
ATOM   201  O O   . LEU A 1 34 ? 4.496   1.346   6.827   1.00 50.33  ? 111  LEU A O   1 
ATOM   202  C CB  . LEU A 1 34 ? 5.007   -1.323  8.515   1.00 45.23  ? 111  LEU A CB  1 
ATOM   203  C CG  . LEU A 1 34 ? 3.889   -1.880  7.640   1.00 44.19  ? 111  LEU A CG  1 
ATOM   204  C CD1 . LEU A 1 34 ? 4.451   -2.344  6.302   1.00 46.94  ? 111  LEU A CD1 1 
ATOM   205  C CD2 . LEU A 1 34 ? 3.202   -3.033  8.350   1.00 38.67  ? 111  LEU A CD2 1 
ATOM   206  N N   . GLU A 1 35 ? 5.143   1.903   8.903   1.00 51.77  ? 112  GLU A N   1 
ATOM   207  C CA  . GLU A 1 35 ? 4.421   3.172   8.900   1.00 51.59  ? 112  GLU A CA  1 
ATOM   208  C C   . GLU A 1 35 ? 5.109   4.254   8.067   1.00 49.88  ? 112  GLU A C   1 
ATOM   209  O O   . GLU A 1 35 ? 4.448   4.956   7.299   1.00 48.03  ? 112  GLU A O   1 
ATOM   210  C CB  . GLU A 1 35 ? 4.154   3.654   10.327  1.00 47.49  ? 112  GLU A CB  1 
ATOM   211  C CG  . GLU A 1 35 ? 2.860   3.091   10.898  1.00 59.05  ? 112  GLU A CG  1 
ATOM   212  C CD  . GLU A 1 35 ? 2.819   3.101   12.428  1.00 71.68  ? 112  GLU A CD  1 
ATOM   213  O OE1 . GLU A 1 35 ? 3.732   3.701   13.055  1.00 68.11  ? 112  GLU A OE1 1 
ATOM   214  O OE2 . GLU A 1 35 ? 1.874   2.497   12.999  1.00 64.06  ? 112  GLU A OE2 1 
ATOM   215  N N   . ASP A 1 36 ? 6.424   4.388   8.247   1.00 49.42  ? 113  ASP A N   1 
ATOM   216  C CA  . ASP A 1 36 ? 7.261   5.264   7.425   1.00 52.18  ? 113  ASP A CA  1 
ATOM   217  C C   . ASP A 1 36 ? 6.979   4.976   5.954   1.00 57.30  ? 113  ASP A C   1 
ATOM   218  O O   . ASP A 1 36 ? 6.794   5.881   5.140   1.00 59.83  ? 113  ASP A O   1 
ATOM   219  C CB  . ASP A 1 36 ? 8.755   4.995   7.672   1.00 51.67  ? 113  ASP A CB  1 
ATOM   220  C CG  . ASP A 1 36 ? 9.236   5.442   9.042   1.00 63.75  ? 113  ASP A CG  1 
ATOM   221  O OD1 . ASP A 1 36 ? 8.664   6.406   9.605   1.00 69.27  ? 113  ASP A OD1 1 
ATOM   222  O OD2 . ASP A 1 36 ? 10.213  4.828   9.543   1.00 67.69  ? 113  ASP A OD2 1 
ATOM   223  N N   . LEU A 1 37 ? 6.937   3.691   5.632   1.00 50.63  ? 114  LEU A N   1 
ATOM   224  C CA  . LEU A 1 37 ? 6.825   3.256   4.262   1.00 50.76  ? 114  LEU A CA  1 
ATOM   225  C C   . LEU A 1 37 ? 5.447   3.550   3.690   1.00 53.47  ? 114  LEU A C   1 
ATOM   226  O O   . LEU A 1 37 ? 5.335   3.981   2.547   1.00 56.43  ? 114  LEU A O   1 
ATOM   227  C CB  . LEU A 1 37 ? 7.162   1.772   4.156   1.00 52.65  ? 114  LEU A CB  1 
ATOM   228  C CG  . LEU A 1 37 ? 7.298   1.251   2.728   1.00 55.08  ? 114  LEU A CG  1 
ATOM   229  C CD1 . LEU A 1 37 ? 8.243   2.135   1.955   1.00 53.69  ? 114  LEU A CD1 1 
ATOM   230  C CD2 . LEU A 1 37 ? 7.781   -0.180  2.721   1.00 49.61  ? 114  LEU A CD2 1 
ATOM   231  N N   . SER A 1 38 ? 4.400   3.339   4.484   1.00 53.09  ? 115  SER A N   1 
ATOM   232  C CA  . SER A 1 38 ? 3.029   3.578   4.019   1.00 55.46  ? 115  SER A CA  1 
ATOM   233  C C   . SER A 1 38 ? 2.711   5.055   3.814   1.00 56.78  ? 115  SER A C   1 
ATOM   234  O O   . SER A 1 38 ? 1.760   5.412   3.108   1.00 58.63  ? 115  SER A O   1 
ATOM   235  C CB  . SER A 1 38 ? 2.018   2.984   4.986   1.00 52.50  ? 115  SER A CB  1 
ATOM   236  O OG  . SER A 1 38 ? 2.092   1.580   4.966   1.00 63.14  ? 115  SER A OG  1 
ATOM   237  N N   . ALA A 1 39 ? 3.508   5.905   4.444   1.00 52.42  ? 116  ALA A N   1 
ATOM   238  C CA  . ALA A 1 39 ? 3.305   7.340   4.371   1.00 52.64  ? 116  ALA A CA  1 
ATOM   239  C C   . ALA A 1 39 ? 4.084   7.924   3.180   1.00 60.59  ? 116  ALA A C   1 
ATOM   240  O O   . ALA A 1 39 ? 3.780   9.015   2.693   1.00 58.97  ? 116  ALA A O   1 
ATOM   241  C CB  . ALA A 1 39 ? 3.726   7.993   5.690   1.00 40.19  ? 116  ALA A CB  1 
ATOM   242  N N   . ARG A 1 40 ? 5.085   7.179   2.716   1.00 59.37  ? 117  ARG A N   1 
ATOM   243  C CA  . ARG A 1 40 ? 5.870   7.570   1.555   1.00 52.09  ? 117  ARG A CA  1 
ATOM   244  C C   . ARG A 1 40 ? 5.229   7.102   0.255   1.00 54.25  ? 117  ARG A C   1 
ATOM   245  O O   . ARG A 1 40 ? 5.670   7.488   -0.817  1.00 59.74  ? 117  ARG A O   1 
ATOM   246  C CB  . ARG A 1 40 ? 7.287   7.007   1.659   1.00 51.77  ? 117  ARG A CB  1 
ATOM   247  C CG  . ARG A 1 40 ? 8.235   7.845   2.508   1.00 57.13  ? 117  ARG A CG  1 
ATOM   248  C CD  . ARG A 1 40 ? 9.590   7.172   2.656   1.00 69.66  ? 117  ARG A CD  1 
ATOM   249  N NE  . ARG A 1 40 ? 9.864   6.246   1.551   1.00 90.10  ? 117  ARG A NE  1 
ATOM   250  C CZ  . ARG A 1 40 ? 10.413  6.589   0.384   1.00 88.05  ? 117  ARG A CZ  1 
ATOM   251  N NH1 . ARG A 1 40 ? 10.755  7.851   0.147   1.00 83.16  ? 117  ARG A NH1 1 
ATOM   252  N NH2 . ARG A 1 40 ? 10.619  5.670   -0.555  1.00 79.62  ? 117  ARG A NH2 1 
ATOM   253  N N   . VAL A 1 41 ? 4.182   6.289   0.349   1.00 52.10  ? 118  VAL A N   1 
ATOM   254  C CA  . VAL A 1 41 ? 3.620   5.612   -0.824  1.00 53.50  ? 118  VAL A CA  1 
ATOM   255  C C   . VAL A 1 41 ? 2.987   6.543   -1.854  1.00 57.55  ? 118  VAL A C   1 
ATOM   256  O O   . VAL A 1 41 ? 3.300   6.473   -3.044  1.00 63.53  ? 118  VAL A O   1 
ATOM   257  C CB  . VAL A 1 41 ? 2.604   4.520   -0.416  1.00 56.10  ? 118  VAL A CB  1 
ATOM   258  C CG1 . VAL A 1 41 ? 1.718   4.113   -1.593  1.00 51.38  ? 118  VAL A CG1 1 
ATOM   259  C CG2 . VAL A 1 41 ? 3.336   3.314   0.147   1.00 55.01  ? 118  VAL A CG2 1 
ATOM   260  N N   . ASP A 1 42 ? 2.092   7.408   -1.399  1.00 63.36  ? 119  ASP A N   1 
ATOM   261  C CA  . ASP A 1 42 ? 1.399   8.323   -2.300  1.00 61.28  ? 119  ASP A CA  1 
ATOM   262  C C   . ASP A 1 42 ? 2.332   9.332   -2.996  1.00 57.95  ? 119  ASP A C   1 
ATOM   263  O O   . ASP A 1 42 ? 2.076   9.730   -4.130  1.00 57.12  ? 119  ASP A O   1 
ATOM   264  C CB  . ASP A 1 42 ? 0.246   9.024   -1.570  1.00 60.34  ? 119  ASP A CB  1 
ATOM   265  C CG  . ASP A 1 42 ? -0.983  8.124   -1.405  1.00 76.33  ? 119  ASP A CG  1 
ATOM   266  O OD1 . ASP A 1 42 ? -1.117  7.135   -2.168  1.00 73.57  ? 119  ASP A OD1 1 
ATOM   267  O OD2 . ASP A 1 42 ? -1.818  8.418   -0.516  1.00 85.21  ? 119  ASP A OD2 1 
ATOM   268  N N   . ALA A 1 43 ? 3.415   9.734   -2.335  1.00 49.36  ? 120  ALA A N   1 
ATOM   269  C CA  . ALA A 1 43 ? 4.372   10.633  -2.971  1.00 49.65  ? 120  ALA A CA  1 
ATOM   270  C C   . ALA A 1 43 ? 5.156   9.921   -4.076  1.00 58.42  ? 120  ALA A C   1 
ATOM   271  O O   . ALA A 1 43 ? 5.686   10.562  -4.986  1.00 58.81  ? 120  ALA A O   1 
ATOM   272  C CB  . ALA A 1 43 ? 5.321   11.231  -1.955  1.00 40.80  ? 120  ALA A CB  1 
ATOM   273  N N   . VAL A 1 44 ? 5.231   8.597   -3.992  1.00 50.66  ? 121  VAL A N   1 
ATOM   274  C CA  . VAL A 1 44 ? 5.946   7.816   -4.990  1.00 49.50  ? 121  VAL A CA  1 
ATOM   275  C C   . VAL A 1 44 ? 5.072   7.516   -6.209  1.00 47.22  ? 121  VAL A C   1 
ATOM   276  O O   . VAL A 1 44 ? 5.540   7.568   -7.336  1.00 48.34  ? 121  VAL A O   1 
ATOM   277  C CB  . VAL A 1 44 ? 6.546   6.526   -4.376  1.00 51.17  ? 121  VAL A CB  1 
ATOM   278  C CG1 . VAL A 1 44 ? 6.760   5.457   -5.424  1.00 44.94  ? 121  VAL A CG1 1 
ATOM   279  C CG2 . VAL A 1 44 ? 7.855   6.838   -3.675  1.00 49.24  ? 121  VAL A CG2 1 
ATOM   280  N N   . LYS A 1 45 ? 3.800   7.215   -5.993  1.00 50.78  ? 122  LYS A N   1 
ATOM   281  C CA  . LYS A 1 45 ? 2.879   7.000   -7.111  1.00 54.37  ? 122  LYS A CA  1 
ATOM   282  C C   . LYS A 1 45 ? 2.561   8.312   -7.839  1.00 55.06  ? 122  LYS A C   1 
ATOM   283  O O   . LYS A 1 45 ? 2.290   8.328   -9.038  1.00 53.56  ? 122  LYS A O   1 
ATOM   284  C CB  . LYS A 1 45 ? 1.590   6.331   -6.623  1.00 54.33  ? 122  LYS A CB  1 
ATOM   285  C CG  . LYS A 1 45 ? 1.807   4.915   -6.089  1.00 69.20  ? 122  LYS A CG  1 
ATOM   286  C CD  . LYS A 1 45 ? 0.580   4.387   -5.359  1.00 76.42  ? 122  LYS A CD  1 
ATOM   287  C CE  . LYS A 1 45 ? -0.662  4.474   -6.225  1.00 75.32  ? 122  LYS A CE  1 
ATOM   288  N NZ  . LYS A 1 45 ? -1.841  3.890   -5.529  1.00 85.15  ? 122  LYS A NZ  1 
ATOM   289  N N   . GLU A 1 46 ? 2.592   9.408   -7.093  1.00 54.12  ? 123  GLU A N   1 
ATOM   290  C CA  . GLU A 1 46 ? 2.341   10.723  -7.645  1.00 54.85  ? 123  GLU A CA  1 
ATOM   291  C C   . GLU A 1 46 ? 3.480   11.120  -8.584  1.00 53.72  ? 123  GLU A C   1 
ATOM   292  O O   . GLU A 1 46 ? 3.238   11.600  -9.692  1.00 52.03  ? 123  GLU A O   1 
ATOM   293  C CB  . GLU A 1 46 ? 2.198   11.743  -6.509  1.00 62.38  ? 123  GLU A CB  1 
ATOM   294  C CG  . GLU A 1 46 ? 1.834   13.161  -6.948  1.00 66.41  ? 123  GLU A CG  1 
ATOM   295  C CD  . GLU A 1 46 ? 0.411   13.261  -7.483  1.00 87.00  ? 123  GLU A CD  1 
ATOM   296  O OE1 . GLU A 1 46 ? -0.379  12.311  -7.267  1.00 84.86  ? 123  GLU A OE1 1 
ATOM   297  O OE2 . GLU A 1 46 ? 0.082   14.292  -8.118  1.00 93.52  ? 123  GLU A OE2 1 
ATOM   298  N N   . GLU A 1 47 ? 4.716   10.923  -8.130  1.00 46.85  ? 124  GLU A N   1 
ATOM   299  C CA  . GLU A 1 47 ? 5.888   11.184  -8.951  1.00 44.63  ? 124  GLU A CA  1 
ATOM   300  C C   . GLU A 1 47 ? 5.858   10.364  -10.235 1.00 46.39  ? 124  GLU A C   1 
ATOM   301  O O   . GLU A 1 47 ? 6.115   10.878  -11.329 1.00 44.97  ? 124  GLU A O   1 
ATOM   302  C CB  . GLU A 1 47 ? 7.169   10.886  -8.189  1.00 39.15  ? 124  GLU A CB  1 
ATOM   303  C CG  . GLU A 1 47 ? 8.389   10.971  -9.064  1.00 48.63  ? 124  GLU A CG  1 
ATOM   304  C CD  . GLU A 1 47 ? 9.624   11.458  -8.330  1.00 69.84  ? 124  GLU A CD  1 
ATOM   305  O OE1 . GLU A 1 47 ? 10.140  10.707  -7.469  1.00 73.23  ? 124  GLU A OE1 1 
ATOM   306  O OE2 . GLU A 1 47 ? 10.085  12.589  -8.622  1.00 81.59  ? 124  GLU A OE2 1 
ATOM   307  N N   . ASN A 1 48 ? 5.521   9.091   -10.087 1.00 42.53  ? 125  ASN A N   1 
ATOM   308  C CA  . ASN A 1 48 ? 5.389   8.176   -11.204 1.00 40.30  ? 125  ASN A CA  1 
ATOM   309  C C   . ASN A 1 48 ? 4.433   8.653   -12.284 1.00 44.01  ? 125  ASN A C   1 
ATOM   310  O O   . ASN A 1 48 ? 4.679   8.441   -13.468 1.00 47.14  ? 125  ASN A O   1 
ATOM   311  C CB  . ASN A 1 48 ? 4.918   6.820   -10.701 1.00 44.79  ? 125  ASN A CB  1 
ATOM   312  C CG  . ASN A 1 48 ? 5.041   5.746   -11.744 1.00 43.72  ? 125  ASN A CG  1 
ATOM   313  O OD1 . ASN A 1 48 ? 4.044   5.266   -12.277 1.00 47.70  ? 125  ASN A OD1 1 
ATOM   314  N ND2 . ASN A 1 48 ? 6.273   5.365   -12.050 1.00 43.80  ? 125  ASN A ND2 1 
ATOM   315  N N   . LEU A 1 49 ? 3.333   9.278   -11.882 1.00 43.28  ? 126  LEU A N   1 
ATOM   316  C CA  . LEU A 1 49 ? 2.363   9.769   -12.853 1.00 44.09  ? 126  LEU A CA  1 
ATOM   317  C C   . LEU A 1 49 ? 2.858   11.036  -13.556 1.00 44.51  ? 126  LEU A C   1 
ATOM   318  O O   . LEU A 1 49 ? 2.567   11.245  -14.732 1.00 42.00  ? 126  LEU A O   1 
ATOM   319  C CB  . LEU A 1 49 ? 0.998   10.013  -12.206 1.00 46.65  ? 126  LEU A CB  1 
ATOM   320  C CG  . LEU A 1 49 ? 0.063   8.830   -11.914 1.00 57.64  ? 126  LEU A CG  1 
ATOM   321  C CD1 . LEU A 1 49 ? -1.370  9.254   -12.182 1.00 55.40  ? 126  LEU A CD1 1 
ATOM   322  C CD2 . LEU A 1 49 ? 0.403   7.554   -12.701 1.00 57.55  ? 126  LEU A CD2 1 
ATOM   323  N N   . LYS A 1 50 ? 3.589   11.872  -12.820 1.00 41.62  ? 127  LYS A N   1 
ATOM   324  C CA  . LYS A 1 50 ? 4.227   13.060  -13.368 1.00 45.81  ? 127  LYS A CA  1 
ATOM   325  C C   . LYS A 1 50 ? 5.198   12.661  -14.462 1.00 43.13  ? 127  LYS A C   1 
ATOM   326  O O   . LYS A 1 50 ? 5.074   13.116  -15.589 1.00 42.88  ? 127  LYS A O   1 
ATOM   327  C CB  . LYS A 1 50 ? 5.000   13.803  -12.278 1.00 48.79  ? 127  LYS A CB  1 
ATOM   328  C CG  . LYS A 1 50 ? 4.169   14.724  -11.434 1.00 61.32  ? 127  LYS A CG  1 
ATOM   329  C CD  . LYS A 1 50 ? 4.428   16.183  -11.809 1.00 80.16  ? 127  LYS A CD  1 
ATOM   330  C CE  . LYS A 1 50 ? 3.449   17.126  -11.103 1.00 87.68  ? 127  LYS A CE  1 
ATOM   331  N NZ  . LYS A 1 50 ? 2.026   16.698  -11.294 1.00 85.92  ? 127  LYS A NZ  1 
ATOM   332  N N   . LEU A 1 51 ? 6.153   11.802  -14.103 1.00 39.38  ? 128  LEU A N   1 
ATOM   333  C CA  . LEU A 1 51 ? 7.182   11.312  -15.012 1.00 40.67  ? 128  LEU A CA  1 
ATOM   334  C C   . LEU A 1 51 ? 6.624   10.649  -16.266 1.00 40.16  ? 128  LEU A C   1 
ATOM   335  O O   . LEU A 1 51 ? 7.218   10.760  -17.335 1.00 39.53  ? 128  LEU A O   1 
ATOM   336  C CB  . LEU A 1 51 ? 8.112   10.333  -14.297 1.00 39.09  ? 128  LEU A CB  1 
ATOM   337  C CG  . LEU A 1 51 ? 8.835   10.901  -13.083 1.00 37.93  ? 128  LEU A CG  1 
ATOM   338  C CD1 . LEU A 1 51 ? 9.681   9.837   -12.414 1.00 35.81  ? 128  LEU A CD1 1 
ATOM   339  C CD2 . LEU A 1 51 ? 9.672   12.069  -13.497 1.00 35.46  ? 128  LEU A CD2 1 
ATOM   340  N N   . LYS A 1 52 ? 5.494   9.961   -16.136 1.00 38.85  ? 129  LYS A N   1 
ATOM   341  C CA  . LYS A 1 52 ? 4.849   9.351   -17.294 1.00 37.58  ? 129  LYS A CA  1 
ATOM   342  C C   . LYS A 1 52 ? 4.234   10.410  -18.196 1.00 39.20  ? 129  LYS A C   1 
ATOM   343  O O   . LYS A 1 52 ? 4.204   10.258  -19.411 1.00 44.37  ? 129  LYS A O   1 
ATOM   344  C CB  . LYS A 1 52 ? 3.790   8.334   -16.867 1.00 45.90  ? 129  LYS A CB  1 
ATOM   345  C CG  . LYS A 1 52 ? 4.339   6.982   -16.419 1.00 43.28  ? 129  LYS A CG  1 
ATOM   346  C CD  . LYS A 1 52 ? 3.189   6.032   -16.131 1.00 51.51  ? 129  LYS A CD  1 
ATOM   347  C CE  . LYS A 1 52 ? 3.635   4.801   -15.354 1.00 56.69  ? 129  LYS A CE  1 
ATOM   348  N NZ  . LYS A 1 52 ? 4.862   4.211   -15.942 1.00 62.54  ? 129  LYS A NZ  1 
ATOM   349  N N   . SER A 1 53 ? 3.761   11.492  -17.599 1.00 39.94  ? 130  SER A N   1 
ATOM   350  C CA  . SER A 1 53 ? 3.206   12.597  -18.365 1.00 41.64  ? 130  SER A CA  1 
ATOM   351  C C   . SER A 1 53 ? 4.297   13.326  -19.131 1.00 41.85  ? 130  SER A C   1 
ATOM   352  O O   . SER A 1 53 ? 4.169   13.539  -20.338 1.00 40.69  ? 130  SER A O   1 
ATOM   353  C CB  . SER A 1 53 ? 2.476   13.578  -17.454 1.00 43.82  ? 130  SER A CB  1 
ATOM   354  O OG  . SER A 1 53 ? 1.223   13.059  -17.078 1.00 57.21  ? 130  SER A OG  1 
ATOM   355  N N   . GLU A 1 54 ? 5.355   13.716  -18.423 1.00 37.53  ? 131  GLU A N   1 
ATOM   356  C CA  . GLU A 1 54 ? 6.495   14.374  -19.046 1.00 41.15  ? 131  GLU A CA  1 
ATOM   357  C C   . GLU A 1 54 ? 7.026   13.545  -20.202 1.00 37.41  ? 131  GLU A C   1 
ATOM   358  O O   . GLU A 1 54 ? 7.214   14.058  -21.291 1.00 34.97  ? 131  GLU A O   1 
ATOM   359  C CB  . GLU A 1 54 ? 7.610   14.631  -18.035 1.00 41.58  ? 131  GLU A CB  1 
ATOM   360  C CG  . GLU A 1 54 ? 7.274   15.689  -16.994 1.00 50.55  ? 131  GLU A CG  1 
ATOM   361  C CD  . GLU A 1 54 ? 8.430   15.960  -16.029 1.00 61.17  ? 131  GLU A CD  1 
ATOM   362  O OE1 . GLU A 1 54 ? 9.602   15.735  -16.429 1.00 63.44  ? 131  GLU A OE1 1 
ATOM   363  O OE2 . GLU A 1 54 ? 8.159   16.405  -14.885 1.00 59.54  ? 131  GLU A OE2 1 
ATOM   364  N N   . ASN A 1 55 ? 7.235   12.256  -19.954 1.00 38.78  ? 132  ASN A N   1 
ATOM   365  C CA  . ASN A 1 55 ? 7.734   11.327  -20.956 1.00 31.69  ? 132  ASN A CA  1 
ATOM   366  C C   . ASN A 1 55 ? 6.863   11.342  -22.218 1.00 35.40  ? 132  ASN A C   1 
ATOM   367  O O   . ASN A 1 55 ? 7.352   11.468  -23.340 1.00 34.65  ? 132  ASN A O   1 
ATOM   368  C CB  . ASN A 1 55 ? 7.774   9.932   -20.336 1.00 34.03  ? 132  ASN A CB  1 
ATOM   369  C CG  . ASN A 1 55 ? 8.658   8.963   -21.102 1.00 36.27  ? 132  ASN A CG  1 
ATOM   370  O OD1 . ASN A 1 55 ? 8.169   7.993   -21.699 1.00 36.43  ? 132  ASN A OD1 1 
ATOM   371  N ND2 . ASN A 1 55 ? 9.967   9.207   -21.077 1.00 33.99  ? 132  ASN A ND2 1 
ATOM   372  N N   . GLN A 1 56 ? 5.558   11.246  -22.030 1.00 36.56  ? 133  GLN A N   1 
ATOM   373  C CA  . GLN A 1 56 ? 4.647   11.241  -23.159 1.00 36.58  ? 133  GLN A CA  1 
ATOM   374  C C   . GLN A 1 56 ? 4.709   12.557  -23.944 1.00 38.00  ? 133  GLN A C   1 
ATOM   375  O O   . GLN A 1 56 ? 4.799   12.555  -25.171 1.00 39.13  ? 133  GLN A O   1 
ATOM   376  C CB  . GLN A 1 56 ? 3.238   10.977  -22.660 1.00 46.10  ? 133  GLN A CB  1 
ATOM   377  C CG  . GLN A 1 56 ? 2.271   10.457  -23.696 1.00 54.09  ? 133  GLN A CG  1 
ATOM   378  C CD  . GLN A 1 56 ? 1.019   9.906   -23.034 1.00 75.60  ? 133  GLN A CD  1 
ATOM   379  O OE1 . GLN A 1 56 ? 1.097   9.297   -21.957 1.00 71.19  ? 133  GLN A OE1 1 
ATOM   380  N NE2 . GLN A 1 56 ? -0.142  10.130  -23.656 1.00 78.07  ? 133  GLN A NE2 1 
ATOM   381  N N   . VAL A 1 57 ? 4.684   13.680  -23.232 1.00 33.45  ? 134  VAL A N   1 
ATOM   382  C CA  . VAL A 1 57 ? 4.751   14.983  -23.876 1.00 31.03  ? 134  VAL A CA  1 
ATOM   383  C C   . VAL A 1 57 ? 6.069   15.187  -24.641 1.00 31.98  ? 134  VAL A C   1 
ATOM   384  O O   . VAL A 1 57 ? 6.057   15.605  -25.798 1.00 30.55  ? 134  VAL A O   1 
ATOM   385  C CB  . VAL A 1 57 ? 4.508   16.127  -22.869 1.00 32.97  ? 134  VAL A CB  1 
ATOM   386  C CG1 . VAL A 1 57 ? 5.013   17.462  -23.411 1.00 32.01  ? 134  VAL A CG1 1 
ATOM   387  C CG2 . VAL A 1 57 ? 3.037   16.213  -22.525 1.00 30.43  ? 134  VAL A CG2 1 
ATOM   388  N N   . LEU A 1 58 ? 7.197   14.890  -23.999 1.00 29.29  ? 135  LEU A N   1 
ATOM   389  C CA  . LEU A 1 58 ? 8.496   14.959  -24.657 1.00 29.68  ? 135  LEU A CA  1 
ATOM   390  C C   . LEU A 1 58 ? 8.559   14.114  -25.943 1.00 34.74  ? 135  LEU A C   1 
ATOM   391  O O   . LEU A 1 58 ? 8.930   14.627  -27.003 1.00 29.87  ? 135  LEU A O   1 
ATOM   392  C CB  . LEU A 1 58 ? 9.590   14.494  -23.716 1.00 31.53  ? 135  LEU A CB  1 
ATOM   393  C CG  . LEU A 1 58 ? 9.848   15.300  -22.453 1.00 29.30  ? 135  LEU A CG  1 
ATOM   394  C CD1 . LEU A 1 58 ? 11.013  14.665  -21.717 1.00 33.31  ? 135  LEU A CD1 1 
ATOM   395  C CD2 . LEU A 1 58 ? 10.121  16.746  -22.753 1.00 25.00  ? 135  LEU A CD2 1 
ATOM   396  N N   . GLY A 1 59 ? 8.203   12.830  -25.849 1.00 29.61  ? 136  GLY A N   1 
ATOM   397  C CA  . GLY A 1 59 ? 8.195   11.966  -27.015 1.00 27.94  ? 136  GLY A CA  1 
ATOM   398  C C   . GLY A 1 59 ? 7.341   12.528  -28.149 1.00 33.53  ? 136  GLY A C   1 
ATOM   399  O O   . GLY A 1 59 ? 7.714   12.481  -29.323 1.00 31.64  ? 136  GLY A O   1 
ATOM   400  N N   . GLN A 1 60 ? 6.185   13.074  -27.793 1.00 32.11  ? 137  GLN A N   1 
ATOM   401  C CA  . GLN A 1 60 ? 5.273   13.610  -28.788 1.00 36.75  ? 137  GLN A CA  1 
ATOM   402  C C   . GLN A 1 60 ? 5.850   14.845  -29.485 1.00 37.47  ? 137  GLN A C   1 
ATOM   403  O O   . GLN A 1 60 ? 5.621   15.060  -30.664 1.00 43.90  ? 137  GLN A O   1 
ATOM   404  C CB  . GLN A 1 60 ? 3.925   13.929  -28.147 1.00 39.19  ? 137  GLN A CB  1 
ATOM   405  C CG  . GLN A 1 60 ? 2.827   14.304  -29.134 1.00 53.52  ? 137  GLN A CG  1 
ATOM   406  C CD  . GLN A 1 60 ? 2.407   13.150  -30.030 1.00 64.28  ? 137  GLN A CD  1 
ATOM   407  O OE1 . GLN A 1 60 ? 2.007   12.086  -29.544 1.00 69.83  ? 137  GLN A OE1 1 
ATOM   408  N NE2 . GLN A 1 60 ? 2.502   13.352  -31.345 1.00 59.83  ? 137  GLN A NE2 1 
ATOM   409  N N   . TYR A 1 61 ? 6.611   15.645  -28.752 1.00 35.32  ? 138  TYR A N   1 
ATOM   410  C CA  . TYR A 1 61 ? 7.215   16.851  -29.295 1.00 34.69  ? 138  TYR A CA  1 
ATOM   411  C C   . TYR A 1 61 ? 8.346   16.494  -30.242 1.00 37.88  ? 138  TYR A C   1 
ATOM   412  O O   . TYR A 1 61 ? 8.522   17.115  -31.287 1.00 39.65  ? 138  TYR A O   1 
ATOM   413  C CB  . TYR A 1 61 ? 7.776   17.695  -28.161 1.00 34.21  ? 138  TYR A CB  1 
ATOM   414  C CG  . TYR A 1 61 ? 8.207   19.080  -28.567 1.00 33.64  ? 138  TYR A CG  1 
ATOM   415  C CD1 . TYR A 1 61 ? 7.387   19.876  -29.347 1.00 37.70  ? 138  TYR A CD1 1 
ATOM   416  C CD2 . TYR A 1 61 ? 9.418   19.607  -28.144 1.00 35.52  ? 138  TYR A CD2 1 
ATOM   417  C CE1 . TYR A 1 61 ? 7.767   21.153  -29.715 1.00 43.09  ? 138  TYR A CE1 1 
ATOM   418  C CE2 . TYR A 1 61 ? 9.809   20.892  -28.504 1.00 38.44  ? 138  TYR A CE2 1 
ATOM   419  C CZ  . TYR A 1 61 ? 8.977   21.659  -29.291 1.00 41.29  ? 138  TYR A CZ  1 
ATOM   420  O OH  . TYR A 1 61 ? 9.338   22.933  -29.659 1.00 42.80  ? 138  TYR A OH  1 
ATOM   421  N N   . ILE A 1 62 ? 9.127   15.499  -29.848 1.00 34.09  ? 139  ILE A N   1 
ATOM   422  C CA  . ILE A 1 62 ? 10.198  14.993  -30.683 1.00 35.04  ? 139  ILE A CA  1 
ATOM   423  C C   . ILE A 1 62 ? 9.625   14.443  -31.982 1.00 37.49  ? 139  ILE A C   1 
ATOM   424  O O   . ILE A 1 62 ? 10.210  14.626  -33.047 1.00 39.87  ? 139  ILE A O   1 
ATOM   425  C CB  . ILE A 1 62 ? 11.024  13.936  -29.936 1.00 31.85  ? 139  ILE A CB  1 
ATOM   426  C CG1 . ILE A 1 62 ? 11.909  14.622  -28.902 1.00 31.69  ? 139  ILE A CG1 1 
ATOM   427  C CG2 . ILE A 1 62 ? 11.883  13.133  -30.885 1.00 33.41  ? 139  ILE A CG2 1 
ATOM   428  C CD1 . ILE A 1 62 ? 12.576  13.661  -27.939 1.00 34.02  ? 139  ILE A CD1 1 
ATOM   429  N N   . GLU A 1 63 ? 8.466   13.802  -31.898 1.00 36.79  ? 140  GLU A N   1 
ATOM   430  C CA  . GLU A 1 63 ? 7.813   13.295  -33.103 1.00 46.26  ? 140  GLU A CA  1 
ATOM   431  C C   . GLU A 1 63 ? 7.490   14.446  -34.071 1.00 48.79  ? 140  GLU A C   1 
ATOM   432  O O   . GLU A 1 63 ? 7.631   14.302  -35.277 1.00 49.48  ? 140  GLU A O   1 
ATOM   433  C CB  . GLU A 1 63 ? 6.550   12.489  -32.763 1.00 45.24  ? 140  GLU A CB  1 
ATOM   434  C CG  . GLU A 1 63 ? 6.134   11.495  -33.853 1.00 58.02  ? 140  GLU A CG  1 
ATOM   435  C CD  . GLU A 1 63 ? 5.001   10.550  -33.428 1.00 75.56  ? 140  GLU A CD  1 
ATOM   436  O OE1 . GLU A 1 63 ? 4.185   10.944  -32.562 1.00 76.57  ? 140  GLU A OE1 1 
ATOM   437  O OE2 . GLU A 1 63 ? 4.926   9.415   -33.964 1.00 73.83  ? 140  GLU A OE2 1 
ATOM   438  N N   . ASN A 1 64 ? 7.090   15.597  -33.536 1.00 46.62  ? 141  ASN A N   1 
ATOM   439  C CA  . ASN A 1 64 ? 6.743   16.741  -34.372 1.00 47.28  ? 141  ASN A CA  1 
ATOM   440  C C   . ASN A 1 64 ? 7.951   17.489  -34.950 1.00 45.54  ? 141  ASN A C   1 
ATOM   441  O O   . ASN A 1 64 ? 7.948   17.891  -36.105 1.00 47.67  ? 141  ASN A O   1 
ATOM   442  C CB  . ASN A 1 64 ? 5.800   17.679  -33.618 1.00 46.29  ? 141  ASN A CB  1 
ATOM   443  C CG  . ASN A 1 64 ? 4.430   17.061  -33.417 1.00 55.97  ? 141  ASN A CG  1 
ATOM   444  O OD1 . ASN A 1 64 ? 4.178   15.935  -33.865 1.00 58.86  ? 141  ASN A OD1 1 
ATOM   445  N ND2 . ASN A 1 64 ? 3.538   17.783  -32.744 1.00 51.96  ? 141  ASN A ND2 1 
ATOM   446  N N   . LEU A 1 65 ? 8.985   17.662  -34.142 1.00 44.32  ? 142  LEU A N   1 
ATOM   447  C CA  . LEU A 1 65 ? 10.217  18.259  -34.621 1.00 44.17  ? 142  LEU A CA  1 
ATOM   448  C C   . LEU A 1 65 ? 10.813  17.442  -35.767 1.00 50.43  ? 142  LEU A C   1 
ATOM   449  O O   . LEU A 1 65 ? 11.195  17.990  -36.794 1.00 56.10  ? 142  LEU A O   1 
ATOM   450  C CB  . LEU A 1 65 ? 11.232  18.355  -33.491 1.00 43.74  ? 142  LEU A CB  1 
ATOM   451  C CG  . LEU A 1 65 ? 10.993  19.359  -32.371 1.00 44.76  ? 142  LEU A CG  1 
ATOM   452  C CD1 . LEU A 1 65 ? 12.143  19.281  -31.381 1.00 38.24  ? 142  LEU A CD1 1 
ATOM   453  C CD2 . LEU A 1 65 ? 10.847  20.772  -32.930 1.00 39.74  ? 142  LEU A CD2 1 
ATOM   454  N N   . MET A 1 66 ? 10.879  16.128  -35.590 1.00 53.66  ? 143  MET A N   1 
ATOM   455  C CA  . MET A 1 66 ? 11.501  15.264  -36.586 1.00 52.97  ? 143  MET A CA  1 
ATOM   456  C C   . MET A 1 66 ? 10.705  15.170  -37.894 1.00 55.07  ? 143  MET A C   1 
ATOM   457  O O   . MET A 1 66 ? 11.276  14.929  -38.955 1.00 61.09  ? 143  MET A O   1 
ATOM   458  C CB  . MET A 1 66 ? 11.753  13.863  -36.006 1.00 47.69  ? 143  MET A CB  1 
ATOM   459  C CG  . MET A 1 66 ? 12.770  13.810  -34.857 1.00 46.02  ? 143  MET A CG  1 
ATOM   460  S SD  . MET A 1 66 ? 13.252  12.138  -34.358 1.00 33.31  ? 143  MET A SD  1 
ATOM   461  C CE  . MET A 1 66 ? 14.362  11.797  -35.735 1.00 45.49  ? 143  MET A CE  1 
ATOM   462  N N   . SER A 1 67 ? 9.391   15.352  -37.825 1.00 53.42  ? 144  SER A N   1 
ATOM   463  C CA  . SER A 1 67 ? 8.562   15.234  -39.021 1.00 57.67  ? 144  SER A CA  1 
ATOM   464  C C   . SER A 1 67 ? 8.621   16.534  -39.814 1.00 63.31  ? 144  SER A C   1 
ATOM   465  O O   . SER A 1 67 ? 8.235   16.590  -40.983 1.00 68.90  ? 144  SER A O   1 
ATOM   466  C CB  . SER A 1 67 ? 7.117   14.909  -38.659 1.00 53.65  ? 144  SER A CB  1 
ATOM   467  O OG  . SER A 1 67 ? 6.476   16.056  -38.137 1.00 61.64  ? 144  SER A OG  1 
ATOM   468  N N   . ALA A 1 68 ? 9.118   17.580  -39.167 1.00 62.50  ? 145  ALA A N   1 
ATOM   469  C CA  . ALA A 1 68 ? 9.259   18.881  -39.808 1.00 71.69  ? 145  ALA A CA  1 
ATOM   470  C C   . ALA A 1 68 ? 10.510  18.929  -40.697 1.00 77.43  ? 145  ALA A C   1 
ATOM   471  O O   . ALA A 1 68 ? 10.770  19.939  -41.364 1.00 79.60  ? 145  ALA A O   1 
ATOM   472  C CB  . ALA A 1 68 ? 9.279   20.002  -38.758 1.00 61.28  ? 145  ALA A CB  1 
ATOM   473  N N   . SER A 1 69 ? 11.269  17.829  -40.710 1.00 73.82  ? 146  SER A N   1 
ATOM   474  C CA  . SER A 1 69 ? 12.465  17.711  -41.551 1.00 74.60  ? 146  SER A CA  1 
ATOM   475  C C   . SER A 1 69 ? 12.251  16.762  -42.739 1.00 81.45  ? 146  SER A C   1 
ATOM   476  O O   . SER A 1 69 ? 11.431  15.840  -42.687 1.00 80.97  ? 146  SER A O   1 
ATOM   477  C CB  . SER A 1 69 ? 13.675  17.276  -40.716 1.00 66.62  ? 146  SER A CB  1 
ATOM   478  N N   . ALA B 1 11 ? 0.381   -27.981 31.310  1.00 76.96  ? 88   ALA B N   1 
ATOM   479  C CA  . ALA B 1 11 ? -0.871  -27.246 31.159  1.00 73.26  ? 88   ALA B CA  1 
ATOM   480  C C   . ALA B 1 11 ? -0.635  -25.743 31.263  1.00 79.97  ? 88   ALA B C   1 
ATOM   481  O O   . ALA B 1 11 ? -1.121  -24.963 30.435  1.00 80.64  ? 88   ALA B O   1 
ATOM   482  C CB  . ALA B 1 11 ? -1.881  -27.699 32.197  1.00 69.81  ? 88   ALA B CB  1 
ATOM   483  N N   . GLU B 1 12 ? 0.105   -25.334 32.290  1.00 82.08  ? 89   GLU B N   1 
ATOM   484  C CA  . GLU B 1 12 ? 0.485   -23.933 32.439  1.00 74.07  ? 89   GLU B CA  1 
ATOM   485  C C   . GLU B 1 12 ? 1.629   -23.592 31.476  1.00 75.38  ? 89   GLU B C   1 
ATOM   486  O O   . GLU B 1 12 ? 1.791   -22.437 31.068  1.00 74.56  ? 89   GLU B O   1 
ATOM   487  C CB  . GLU B 1 12 ? 0.876   -23.633 33.875  1.00 72.44  ? 89   GLU B CB  1 
ATOM   488  N N   . ASN B 1 13 ? 2.417   -24.601 31.113  1.00 72.50  ? 90   ASN B N   1 
ATOM   489  C CA  . ASN B 1 13 ? 3.489   -24.418 30.140  1.00 70.61  ? 90   ASN B CA  1 
ATOM   490  C C   . ASN B 1 13 ? 2.898   -24.286 28.734  1.00 67.92  ? 90   ASN B C   1 
ATOM   491  O O   . ASN B 1 13 ? 3.480   -23.647 27.858  1.00 64.75  ? 90   ASN B O   1 
ATOM   492  C CB  . ASN B 1 13 ? 4.490   -25.577 30.212  1.00 61.22  ? 90   ASN B CB  1 
ATOM   493  N N   . GLN B 1 14 ? 1.732   -24.894 28.532  1.00 68.53  ? 91   GLN B N   1 
ATOM   494  C CA  . GLN B 1 14 ? 0.993   -24.790 27.276  1.00 64.25  ? 91   GLN B CA  1 
ATOM   495  C C   . GLN B 1 14 ? 0.450   -23.370 27.090  1.00 64.74  ? 91   GLN B C   1 
ATOM   496  O O   . GLN B 1 14 ? 0.355   -22.874 25.964  1.00 63.86  ? 91   GLN B O   1 
ATOM   497  C CB  . GLN B 1 14 ? -0.158  -25.808 27.263  1.00 67.82  ? 91   GLN B CB  1 
ATOM   498  C CG  . GLN B 1 14 ? -1.150  -25.665 26.110  1.00 67.47  ? 91   GLN B CG  1 
ATOM   499  C CD  . GLN B 1 14 ? -1.144  -26.870 25.170  1.00 73.30  ? 91   GLN B CD  1 
ATOM   500  O OE1 . GLN B 1 14 ? -0.229  -27.695 25.206  1.00 75.05  ? 91   GLN B OE1 1 
ATOM   501  N NE2 . GLN B 1 14 ? -2.172  -26.975 24.324  1.00 64.13  ? 91   GLN B NE2 1 
ATOM   502  N N   . VAL B 1 15 ? 0.098   -22.714 28.192  1.00 58.03  ? 92   VAL B N   1 
ATOM   503  C CA  . VAL B 1 15 ? -0.463  -21.366 28.125  1.00 58.35  ? 92   VAL B CA  1 
ATOM   504  C C   . VAL B 1 15 ? 0.602   -20.329 27.754  1.00 53.22  ? 92   VAL B C   1 
ATOM   505  O O   . VAL B 1 15 ? 0.342   -19.386 27.006  1.00 49.76  ? 92   VAL B O   1 
ATOM   506  C CB  . VAL B 1 15 ? -1.198  -20.994 29.447  1.00 61.84  ? 92   VAL B CB  1 
ATOM   507  C CG1 . VAL B 1 15 ? -1.449  -19.496 29.564  1.00 59.81  ? 92   VAL B CG1 1 
ATOM   508  C CG2 . VAL B 1 15 ? -2.506  -21.752 29.544  1.00 64.83  ? 92   VAL B CG2 1 
ATOM   509  N N   . GLU B 1 16 ? 1.810   -20.514 28.265  1.00 55.05  ? 93   GLU B N   1 
ATOM   510  C CA  . GLU B 1 16 ? 2.892   -19.587 27.974  1.00 55.19  ? 93   GLU B CA  1 
ATOM   511  C C   . GLU B 1 16 ? 3.357   -19.739 26.528  1.00 53.21  ? 93   GLU B C   1 
ATOM   512  O O   . GLU B 1 16 ? 3.748   -18.761 25.874  1.00 51.10  ? 93   GLU B O   1 
ATOM   513  C CB  . GLU B 1 16 ? 4.057   -19.786 28.947  1.00 57.02  ? 93   GLU B CB  1 
ATOM   514  C CG  . GLU B 1 16 ? 4.895   -18.526 29.171  1.00 71.27  ? 93   GLU B CG  1 
ATOM   515  C CD  . GLU B 1 16 ? 6.137   -18.772 30.022  1.00 84.66  ? 93   GLU B CD  1 
ATOM   516  O OE1 . GLU B 1 16 ? 7.110   -19.364 29.503  1.00 87.23  ? 93   GLU B OE1 1 
ATOM   517  O OE2 . GLU B 1 16 ? 6.144   -18.368 31.207  1.00 87.64  ? 93   GLU B OE2 1 
ATOM   518  N N   . LEU B 1 17 ? 3.292   -20.964 26.022  1.00 46.45  ? 94   LEU B N   1 
ATOM   519  C CA  . LEU B 1 17 ? 3.682   -21.225 24.647  1.00 43.30  ? 94   LEU B CA  1 
ATOM   520  C C   . LEU B 1 17 ? 2.670   -20.679 23.626  1.00 42.24  ? 94   LEU B C   1 
ATOM   521  O O   . LEU B 1 17 ? 3.037   -20.334 22.494  1.00 38.58  ? 94   LEU B O   1 
ATOM   522  C CB  . LEU B 1 17 ? 3.920   -22.716 24.428  1.00 43.17  ? 94   LEU B CB  1 
ATOM   523  C CG  . LEU B 1 17 ? 4.484   -23.047 23.050  1.00 36.43  ? 94   LEU B CG  1 
ATOM   524  C CD1 . LEU B 1 17 ? 5.768   -22.266 22.807  1.00 38.33  ? 94   LEU B CD1 1 
ATOM   525  C CD2 . LEU B 1 17 ? 4.711   -24.538 22.880  1.00 37.36  ? 94   LEU B CD2 1 
ATOM   526  N N   . GLU B 1 18 ? 1.404   -20.609 24.016  1.00 39.01  ? 95   GLU B N   1 
ATOM   527  C CA  . GLU B 1 18 ? 0.390   -20.022 23.150  1.00 42.31  ? 95   GLU B CA  1 
ATOM   528  C C   . GLU B 1 18 ? 0.626   -18.522 23.054  1.00 41.68  ? 95   GLU B C   1 
ATOM   529  O O   . GLU B 1 18 ? 0.449   -17.933 21.990  1.00 37.70  ? 95   GLU B O   1 
ATOM   530  C CB  . GLU B 1 18 ? -1.036  -20.293 23.663  1.00 45.60  ? 95   GLU B CB  1 
ATOM   531  C CG  . GLU B 1 18 ? -1.467  -21.757 23.676  1.00 52.07  ? 95   GLU B CG  1 
ATOM   532  C CD  . GLU B 1 18 ? -2.902  -21.958 24.188  1.00 68.03  ? 95   GLU B CD  1 
ATOM   533  O OE1 . GLU B 1 18 ? -3.620  -20.948 24.381  1.00 70.03  ? 95   GLU B OE1 1 
ATOM   534  O OE2 . GLU B 1 18 ? -3.312  -23.126 24.398  1.00 65.10  ? 95   GLU B OE2 1 
ATOM   535  N N   . GLU B 1 19 ? 1.010   -17.909 24.176  1.00 43.59  ? 96   GLU B N   1 
ATOM   536  C CA  . GLU B 1 19 ? 1.299   -16.477 24.218  1.00 41.67  ? 96   GLU B CA  1 
ATOM   537  C C   . GLU B 1 19 ? 2.478   -16.161 23.316  1.00 40.14  ? 96   GLU B C   1 
ATOM   538  O O   . GLU B 1 19 ? 2.471   -15.184 22.574  1.00 40.49  ? 96   GLU B O   1 
ATOM   539  C CB  . GLU B 1 19 ? 1.627   -16.033 25.642  1.00 47.18  ? 96   GLU B CB  1 
ATOM   540  C CG  . GLU B 1 19 ? 0.417   -15.835 26.532  1.00 58.84  ? 96   GLU B CG  1 
ATOM   541  C CD  . GLU B 1 19 ? 0.755   -15.833 28.021  1.00 65.36  ? 96   GLU B CD  1 
ATOM   542  O OE1 . GLU B 1 19 ? 1.961   -15.795 28.386  1.00 60.83  ? 96   GLU B OE1 1 
ATOM   543  O OE2 . GLU B 1 19 ? -0.207  -15.879 28.822  1.00 66.53  ? 96   GLU B OE2 1 
ATOM   544  N N   . LYS B 1 20 ? 3.499   -17.000 23.393  1.00 37.40  ? 97   LYS B N   1 
ATOM   545  C CA  . LYS B 1 20 ? 4.687   -16.799 22.596  1.00 38.70  ? 97   LYS B CA  1 
ATOM   546  C C   . LYS B 1 20 ? 4.368   -16.985 21.116  1.00 36.05  ? 97   LYS B C   1 
ATOM   547  O O   . LYS B 1 20 ? 4.922   -16.296 20.249  1.00 36.25  ? 97   LYS B O   1 
ATOM   548  C CB  . LYS B 1 20 ? 5.773   -17.767 23.039  1.00 40.88  ? 97   LYS B CB  1 
ATOM   549  C CG  . LYS B 1 20 ? 7.160   -17.292 22.722  1.00 44.71  ? 97   LYS B CG  1 
ATOM   550  C CD  . LYS B 1 20 ? 8.145   -18.393 23.033  1.00 56.41  ? 97   LYS B CD  1 
ATOM   551  C CE  . LYS B 1 20 ? 9.569   -18.006 22.678  1.00 49.94  ? 97   LYS B CE  1 
ATOM   552  N NZ  . LYS B 1 20 ? 10.473  -19.122 23.058  1.00 54.30  ? 97   LYS B NZ  1 
ATOM   553  N N   . THR B 1 21 ? 3.459   -17.910 20.831  1.00 34.24  ? 98   THR B N   1 
ATOM   554  C CA  . THR B 1 21 ? 3.058   -18.195 19.456  1.00 31.01  ? 98   THR B CA  1 
ATOM   555  C C   . THR B 1 21 ? 2.231   -17.073 18.836  1.00 27.15  ? 98   THR B C   1 
ATOM   556  O O   . THR B 1 21 ? 2.326   -16.812 17.644  1.00 29.34  ? 98   THR B O   1 
ATOM   557  C CB  . THR B 1 21 ? 2.351   -19.561 19.360  1.00 27.70  ? 98   THR B CB  1 
ATOM   558  O OG1 . THR B 1 21 ? 3.248   -20.555 19.848  1.00 29.72  ? 98   THR B OG1 1 
ATOM   559  C CG2 . THR B 1 21 ? 1.984   -19.923 17.934  1.00 25.24  ? 98   THR B CG2 1 
ATOM   560  N N   . ARG B 1 22 ? 1.425   -16.394 19.635  1.00 31.19  ? 99   ARG B N   1 
ATOM   561  C CA  . ARG B 1 22 ? 0.680   -15.270 19.110  1.00 27.69  ? 99   ARG B CA  1 
ATOM   562  C C   . ARG B 1 22 ? 1.651   -14.135 18.841  1.00 28.89  ? 99   ARG B C   1 
ATOM   563  O O   . ARG B 1 22 ? 1.434   -13.326 17.951  1.00 30.33  ? 99   ARG B O   1 
ATOM   564  C CB  . ARG B 1 22 ? -0.415  -14.840 20.074  1.00 30.87  ? 99   ARG B CB  1 
ATOM   565  C CG  . ARG B 1 22 ? -1.604  -15.779 20.097  1.00 36.83  ? 99   ARG B CG  1 
ATOM   566  C CD  . ARG B 1 22 ? -2.785  -15.223 20.899  1.00 38.55  ? 99   ARG B CD  1 
ATOM   567  N NE  . ARG B 1 22 ? -2.484  -15.093 22.321  1.00 44.19  ? 99   ARG B NE  1 
ATOM   568  C CZ  . ARG B 1 22 ? -2.713  -16.041 23.231  1.00 48.15  ? 99   ARG B CZ  1 
ATOM   569  N NH1 . ARG B 1 22 ? -3.254  -17.195 22.863  1.00 45.82  ? 99   ARG B NH1 1 
ATOM   570  N NH2 . ARG B 1 22 ? -2.403  -15.836 24.511  1.00 40.52  ? 99   ARG B NH2 1 
ATOM   571  N N   . LEU B 1 23 ? 2.729   -14.097 19.615  1.00 26.23  ? 100  LEU B N   1 
ATOM   572  C CA  . LEU B 1 23 ? 3.761   -13.077 19.478  1.00 25.76  ? 100  LEU B CA  1 
ATOM   573  C C   . LEU B 1 23 ? 4.646   -13.321 18.250  1.00 31.17  ? 100  LEU B C   1 
ATOM   574  O O   . LEU B 1 23 ? 4.924   -12.416 17.470  1.00 27.94  ? 100  LEU B O   1 
ATOM   575  C CB  . LEU B 1 23 ? 4.601   -13.065 20.748  1.00 28.20  ? 100  LEU B CB  1 
ATOM   576  C CG  . LEU B 1 23 ? 5.830   -12.167 20.853  1.00 32.60  ? 100  LEU B CG  1 
ATOM   577  C CD1 . LEU B 1 23 ? 5.536   -10.768 20.366  1.00 29.49  ? 100  LEU B CD1 1 
ATOM   578  C CD2 . LEU B 1 23 ? 6.297   -12.154 22.307  1.00 29.18  ? 100  LEU B CD2 1 
ATOM   579  N N   . ILE B 1 24 ? 5.099   -14.559 18.095  1.00 31.94  ? 101  ILE B N   1 
ATOM   580  C CA  . ILE B 1 24 ? 5.839   -14.951 16.912  1.00 31.86  ? 101  ILE B CA  1 
ATOM   581  C C   . ILE B 1 24 ? 5.022   -14.733 15.640  1.00 30.24  ? 101  ILE B C   1 
ATOM   582  O O   . ILE B 1 24 ? 5.544   -14.299 14.619  1.00 33.22  ? 101  ILE B O   1 
ATOM   583  C CB  . ILE B 1 24 ? 6.286   -16.415 17.020  1.00 32.57  ? 101  ILE B CB  1 
ATOM   584  C CG1 . ILE B 1 24 ? 7.413   -16.529 18.047  1.00 31.15  ? 101  ILE B CG1 1 
ATOM   585  C CG2 . ILE B 1 24 ? 6.743   -16.963 15.663  1.00 25.30  ? 101  ILE B CG2 1 
ATOM   586  C CD1 . ILE B 1 24 ? 7.739   -17.959 18.416  1.00 31.52  ? 101  ILE B CD1 1 
ATOM   587  N N   . ASN B 1 25 ? 3.737   -15.028 15.710  1.00 25.96  ? 102  ASN B N   1 
ATOM   588  C CA  . ASN B 1 25 ? 2.876   -14.895 14.553  1.00 28.51  ? 102  ASN B CA  1 
ATOM   589  C C   . ASN B 1 25 ? 2.762   -13.450 14.093  1.00 33.33  ? 102  ASN B C   1 
ATOM   590  O O   . ASN B 1 25 ? 2.614   -13.170 12.903  1.00 37.00  ? 102  ASN B O   1 
ATOM   591  C CB  . ASN B 1 25 ? 1.490   -15.444 14.877  1.00 26.30  ? 102  ASN B CB  1 
ATOM   592  C CG  . ASN B 1 25 ? 0.532   -15.312 13.720  1.00 31.58  ? 102  ASN B CG  1 
ATOM   593  O OD1 . ASN B 1 25 ? 0.736   -15.906 12.660  1.00 36.21  ? 102  ASN B OD1 1 
ATOM   594  N ND2 . ASN B 1 25 ? -0.528  -14.535 13.915  1.00 37.03  ? 102  ASN B ND2 1 
ATOM   595  N N   . GLN B 1 26 ? 2.838   -12.546 15.063  1.00 29.27  ? 103  GLN B N   1 
ATOM   596  C CA  . GLN B 1 26 ? 2.730   -11.115 14.861  1.00 29.67  ? 103  GLN B CA  1 
ATOM   597  C C   . GLN B 1 26 ? 3.947   -10.610 14.091  1.00 32.55  ? 103  GLN B C   1 
ATOM   598  O O   . GLN B 1 26 ? 3.829   -9.865  13.120  1.00 30.86  ? 103  GLN B O   1 
ATOM   599  C CB  . GLN B 1 26 ? 2.659   -10.452 16.238  1.00 30.93  ? 103  GLN B CB  1 
ATOM   600  C CG  . GLN B 1 26 ? 2.146   -9.019  16.253  1.00 35.71  ? 103  GLN B CG  1 
ATOM   601  C CD  . GLN B 1 26 ? 0.757   -8.858  15.645  1.00 39.00  ? 103  GLN B CD  1 
ATOM   602  O OE1 . GLN B 1 26 ? -0.144  -9.688  15.849  1.00 39.94  ? 103  GLN B OE1 1 
ATOM   603  N NE2 . GLN B 1 26 ? 0.579   -7.777  14.888  1.00 43.64  ? 103  GLN B NE2 1 
ATOM   604  N N   . VAL B 1 27 ? 5.121   -11.029 14.548  1.00 32.76  ? 104  VAL B N   1 
ATOM   605  C CA  . VAL B 1 27 ? 6.366   -10.825 13.831  1.00 30.40  ? 104  VAL B CA  1 
ATOM   606  C C   . VAL B 1 27 ? 6.294   -11.364 12.394  1.00 33.00  ? 104  VAL B C   1 
ATOM   607  O O   . VAL B 1 27 ? 6.608   -10.653 11.451  1.00 38.06  ? 104  VAL B O   1 
ATOM   608  C CB  . VAL B 1 27 ? 7.533   -11.469 14.602  1.00 33.98  ? 104  VAL B CB  1 
ATOM   609  C CG1 . VAL B 1 27 ? 8.831   -11.494 13.780  1.00 32.53  ? 104  VAL B CG1 1 
ATOM   610  C CG2 . VAL B 1 27 ? 7.750   -10.734 15.902  1.00 33.56  ? 104  VAL B CG2 1 
ATOM   611  N N   . MET B 1 28 ? 5.870   -12.604 12.209  1.00 31.43  ? 105  MET B N   1 
ATOM   612  C CA  . MET B 1 28 ? 5.821   -13.159 10.856  1.00 35.11  ? 105  MET B CA  1 
ATOM   613  C C   . MET B 1 28 ? 4.886   -12.417 9.930   1.00 36.15  ? 105  MET B C   1 
ATOM   614  O O   . MET B 1 28 ? 5.232   -12.153 8.784   1.00 36.58  ? 105  MET B O   1 
ATOM   615  C CB  . MET B 1 28 ? 5.445   -14.628 10.871  1.00 33.67  ? 105  MET B CB  1 
ATOM   616  C CG  . MET B 1 28 ? 6.630   -15.539 11.046  1.00 36.43  ? 105  MET B CG  1 
ATOM   617  S SD  . MET B 1 28 ? 5.949   -17.000 11.796  1.00 67.29  ? 105  MET B SD  1 
ATOM   618  C CE  . MET B 1 28 ? 4.665   -17.394 10.602  1.00 51.96  ? 105  MET B CE  1 
ATOM   619  N N   . GLU B 1 29 ? 3.702   -12.082 10.429  1.00 35.88  ? 106  GLU B N   1 
ATOM   620  C CA  . GLU B 1 29 ? 2.743   -11.328 9.637   1.00 35.87  ? 106  GLU B CA  1 
ATOM   621  C C   . GLU B 1 29 ? 3.258   -9.929  9.313   1.00 35.67  ? 106  GLU B C   1 
ATOM   622  O O   . GLU B 1 29 ? 3.023   -9.426  8.231   1.00 37.82  ? 106  GLU B O   1 
ATOM   623  C CB  . GLU B 1 29 ? 1.388   -11.242 10.343  1.00 34.25  ? 106  GLU B CB  1 
ATOM   624  C CG  . GLU B 1 29 ? 0.538   -12.494 10.230  1.00 36.70  ? 106  GLU B CG  1 
ATOM   625  C CD  . GLU B 1 29 ? -0.758  -12.396 11.044  1.00 58.90  ? 106  GLU B CD  1 
ATOM   626  O OE1 . GLU B 1 29 ? -0.982  -11.324 11.661  1.00 63.74  ? 106  GLU B OE1 1 
ATOM   627  O OE2 . GLU B 1 29 ? -1.554  -13.378 11.070  1.00 56.28  ? 106  GLU B OE2 1 
ATOM   628  N N   . LEU B 1 30 ? 3.946   -9.288  10.246  1.00 35.19  ? 107  LEU B N   1 
ATOM   629  C CA  . LEU B 1 30 ? 4.469   -7.962  9.960   1.00 33.48  ? 107  LEU B CA  1 
ATOM   630  C C   . LEU B 1 30 ? 5.583   -8.047  8.916   1.00 38.14  ? 107  LEU B C   1 
ATOM   631  O O   . LEU B 1 30 ? 5.683   -7.198  8.042   1.00 33.65  ? 107  LEU B O   1 
ATOM   632  C CB  . LEU B 1 30 ? 4.938   -7.258  11.229  1.00 32.75  ? 107  LEU B CB  1 
ATOM   633  C CG  . LEU B 1 30 ? 3.794   -6.696  12.073  1.00 36.71  ? 107  LEU B CG  1 
ATOM   634  C CD1 . LEU B 1 30 ? 4.301   -6.077  13.377  1.00 36.19  ? 107  LEU B CD1 1 
ATOM   635  C CD2 . LEU B 1 30 ? 2.989   -5.693  11.271  1.00 32.45  ? 107  LEU B CD2 1 
ATOM   636  N N   . GLN B 1 31 ? 6.405   -9.090  8.995   1.00 38.45  ? 108  GLN B N   1 
ATOM   637  C CA  . GLN B 1 31 ? 7.452   -9.283  8.005   1.00 34.38  ? 108  GLN B CA  1 
ATOM   638  C C   . GLN B 1 31 ? 6.844   -9.534  6.636   1.00 37.29  ? 108  GLN B C   1 
ATOM   639  O O   . GLN B 1 31 ? 7.319   -9.010  5.643   1.00 42.87  ? 108  GLN B O   1 
ATOM   640  C CB  . GLN B 1 31 ? 8.379   -10.426 8.401   1.00 33.94  ? 108  GLN B CB  1 
ATOM   641  C CG  . GLN B 1 31 ? 9.277   -10.127 9.593   1.00 29.96  ? 108  GLN B CG  1 
ATOM   642  C CD  . GLN B 1 31 ? 10.116  -11.336 9.999   1.00 40.61  ? 108  GLN B CD  1 
ATOM   643  O OE1 . GLN B 1 31 ? 9.858   -12.463 9.556   1.00 43.30  ? 108  GLN B OE1 1 
ATOM   644  N NE2 . GLN B 1 31 ? 11.124  -11.108 10.845  1.00 41.86  ? 108  GLN B NE2 1 
ATOM   645  N N   . HIS B 1 32 ? 5.777   -10.317 6.584   1.00 37.47  ? 109  HIS B N   1 
ATOM   646  C CA  . HIS B 1 32 ? 5.141   -10.624 5.311   1.00 37.64  ? 109  HIS B CA  1 
ATOM   647  C C   . HIS B 1 32 ? 4.576   -9.376  4.630   1.00 44.64  ? 109  HIS B C   1 
ATOM   648  O O   . HIS B 1 32 ? 4.831   -9.134  3.447   1.00 48.59  ? 109  HIS B O   1 
ATOM   649  C CB  . HIS B 1 32 ? 4.036   -11.665 5.480   1.00 34.31  ? 109  HIS B CB  1 
ATOM   650  C CG  . HIS B 1 32 ? 3.432   -12.098 4.184   1.00 48.79  ? 109  HIS B CG  1 
ATOM   651  N ND1 . HIS B 1 32 ? 4.158   -12.751 3.207   1.00 58.39  ? 109  HIS B ND1 1 
ATOM   652  C CD2 . HIS B 1 32 ? 2.183   -11.945 3.684   1.00 54.40  ? 109  HIS B CD2 1 
ATOM   653  C CE1 . HIS B 1 32 ? 3.380   -12.996 2.173   1.00 59.77  ? 109  HIS B CE1 1 
ATOM   654  N NE2 . HIS B 1 32 ? 2.173   -12.519 2.434   1.00 61.37  ? 109  HIS B NE2 1 
ATOM   655  N N   . THR B 1 33 ? 3.806   -8.604  5.393   1.00 39.69  ? 110  THR B N   1 
ATOM   656  C CA  . THR B 1 33 ? 3.196   -7.354  4.952   1.00 37.47  ? 110  THR B CA  1 
ATOM   657  C C   . THR B 1 33 ? 4.253   -6.347  4.467   1.00 43.09  ? 110  THR B C   1 
ATOM   658  O O   . THR B 1 33 ? 4.088   -5.712  3.432   1.00 49.24  ? 110  THR B O   1 
ATOM   659  C CB  . THR B 1 33 ? 2.360   -6.733  6.102   1.00 38.16  ? 110  THR B CB  1 
ATOM   660  O OG1 . THR B 1 33 ? 1.276   -7.604  6.428   1.00 46.33  ? 110  THR B OG1 1 
ATOM   661  C CG2 . THR B 1 33 ? 1.787   -5.390  5.738   1.00 36.79  ? 110  THR B CG2 1 
ATOM   662  N N   . LEU B 1 34 ? 5.338   -6.217  5.216   1.00 38.15  ? 111  LEU B N   1 
ATOM   663  C CA  . LEU B 1 34 ? 6.409   -5.299  4.874   1.00 40.18  ? 111  LEU B CA  1 
ATOM   664  C C   . LEU B 1 34 ? 7.204   -5.767  3.657   1.00 48.55  ? 111  LEU B C   1 
ATOM   665  O O   . LEU B 1 34 ? 7.669   -4.950  2.865   1.00 50.46  ? 111  LEU B O   1 
ATOM   666  C CB  . LEU B 1 34 ? 7.349   -5.119  6.069   1.00 38.28  ? 111  LEU B CB  1 
ATOM   667  C CG  . LEU B 1 34 ? 8.622   -4.295  5.893   1.00 45.73  ? 111  LEU B CG  1 
ATOM   668  C CD1 . LEU B 1 34 ? 8.310   -2.840  5.516   1.00 47.99  ? 111  LEU B CD1 1 
ATOM   669  C CD2 . LEU B 1 34 ? 9.451   -4.347  7.161   1.00 43.36  ? 111  LEU B CD2 1 
ATOM   670  N N   . GLU B 1 35 ? 7.376   -7.075  3.510   1.00 43.54  ? 112  GLU B N   1 
ATOM   671  C CA  . GLU B 1 35 ? 8.154   -7.581  2.396   1.00 45.57  ? 112  GLU B CA  1 
ATOM   672  C C   . GLU B 1 35 ? 7.386   -7.300  1.108   1.00 49.56  ? 112  GLU B C   1 
ATOM   673  O O   . GLU B 1 35 ? 7.964   -6.878  0.106   1.00 49.34  ? 112  GLU B O   1 
ATOM   674  C CB  . GLU B 1 35 ? 8.434   -9.074  2.553   1.00 45.94  ? 112  GLU B CB  1 
ATOM   675  N N   . ASP B 1 36 ? 6.077   -7.534  1.155   1.00 47.73  ? 113  ASP B N   1 
ATOM   676  C CA  . ASP B 1 36 ? 5.198   -7.277  0.022   1.00 47.30  ? 113  ASP B CA  1 
ATOM   677  C C   . ASP B 1 36 ? 5.210   -5.800  -0.346  1.00 51.49  ? 113  ASP B C   1 
ATOM   678  O O   . ASP B 1 36 ? 5.505   -5.440  -1.479  1.00 54.53  ? 113  ASP B O   1 
ATOM   679  C CB  . ASP B 1 36 ? 3.756   -7.706  0.336   1.00 49.34  ? 113  ASP B CB  1 
ATOM   680  C CG  . ASP B 1 36 ? 3.521   -9.211  0.168   1.00 66.69  ? 113  ASP B CG  1 
ATOM   681  O OD1 . ASP B 1 36 ? 4.504   -9.986  0.027   1.00 67.43  ? 113  ASP B OD1 1 
ATOM   682  O OD2 . ASP B 1 36 ? 2.335   -9.618  0.195   1.00 68.66  ? 113  ASP B OD2 1 
ATOM   683  N N   . LEU B 1 37 ? 4.881   -4.947  0.619   1.00 52.17  ? 114  LEU B N   1 
ATOM   684  C CA  . LEU B 1 37 ? 4.772   -3.516  0.374   1.00 49.89  ? 114  LEU B CA  1 
ATOM   685  C C   . LEU B 1 37 ? 6.076   -2.949  -0.172  1.00 49.76  ? 114  LEU B C   1 
ATOM   686  O O   . LEU B 1 37 ? 6.072   -2.236  -1.168  1.00 50.01  ? 114  LEU B O   1 
ATOM   687  C CB  . LEU B 1 37 ? 4.364   -2.762  1.643   1.00 47.22  ? 114  LEU B CB  1 
ATOM   688  C CG  . LEU B 1 37 ? 3.996   -1.285  1.443   1.00 50.94  ? 114  LEU B CG  1 
ATOM   689  C CD1 . LEU B 1 37 ? 2.660   -1.133  0.717   1.00 53.73  ? 114  LEU B CD1 1 
ATOM   690  C CD2 . LEU B 1 37 ? 3.979   -0.526  2.751   1.00 49.38  ? 114  LEU B CD2 1 
ATOM   691  N N   . SER B 1 38 ? 7.193   -3.272  0.466   1.00 45.96  ? 115  SER B N   1 
ATOM   692  C CA  . SER B 1 38 ? 8.457   -2.721  0.011   1.00 46.71  ? 115  SER B CA  1 
ATOM   693  C C   . SER B 1 38 ? 8.876   -3.275  -1.358  1.00 51.40  ? 115  SER B C   1 
ATOM   694  O O   . SER B 1 38 ? 9.628   -2.633  -2.076  1.00 56.17  ? 115  SER B O   1 
ATOM   695  C CB  . SER B 1 38 ? 9.555   -2.897  1.054   1.00 39.02  ? 115  SER B CB  1 
ATOM   696  O OG  . SER B 1 38 ? 9.825   -4.258  1.241   1.00 59.11  ? 115  SER B OG  1 
ATOM   697  N N   . ALA B 1 39 ? 8.373   -4.442  -1.737  1.00 49.70  ? 116  ALA B N   1 
ATOM   698  C CA  . ALA B 1 39 ? 8.618   -4.938  -3.087  1.00 48.71  ? 116  ALA B CA  1 
ATOM   699  C C   . ALA B 1 39 ? 7.848   -4.088  -4.095  1.00 52.14  ? 116  ALA B C   1 
ATOM   700  O O   . ALA B 1 39 ? 8.395   -3.675  -5.112  1.00 55.28  ? 116  ALA B O   1 
ATOM   701  C CB  . ALA B 1 39 ? 8.222   -6.399  -3.214  1.00 39.30  ? 116  ALA B CB  1 
ATOM   702  N N   . ARG B 1 40 ? 6.571   -3.852  -3.811  1.00 51.00  ? 117  ARG B N   1 
ATOM   703  C CA  . ARG B 1 40 ? 5.725   -2.984  -4.624  1.00 49.21  ? 117  ARG B CA  1 
ATOM   704  C C   . ARG B 1 40 ? 6.310   -1.582  -4.815  1.00 52.43  ? 117  ARG B C   1 
ATOM   705  O O   . ARG B 1 40 ? 6.380   -1.074  -5.932  1.00 52.89  ? 117  ARG B O   1 
ATOM   706  C CB  . ARG B 1 40 ? 4.340   -2.859  -3.990  1.00 48.33  ? 117  ARG B CB  1 
ATOM   707  C CG  . ARG B 1 40 ? 3.328   -3.840  -4.519  1.00 57.13  ? 117  ARG B CG  1 
ATOM   708  C CD  . ARG B 1 40 ? 1.992   -3.705  -3.800  1.00 64.55  ? 117  ARG B CD  1 
ATOM   709  N NE  . ARG B 1 40 ? 0.954   -4.500  -4.449  1.00 75.72  ? 117  ARG B NE  1 
ATOM   710  C CZ  . ARG B 1 40 ? 0.876   -5.828  -4.398  1.00 80.82  ? 117  ARG B CZ  1 
ATOM   711  N NH1 . ARG B 1 40 ? 1.781   -6.534  -3.726  1.00 79.72  ? 117  ARG B NH1 1 
ATOM   712  N NH2 . ARG B 1 40 ? -0.110  -6.458  -5.027  1.00 84.23  ? 117  ARG B NH2 1 
ATOM   713  N N   . VAL B 1 41 ? 6.713   -0.952  -3.719  1.00 47.82  ? 118  VAL B N   1 
ATOM   714  C CA  . VAL B 1 41 ? 7.228   0.406   -3.787  1.00 49.97  ? 118  VAL B CA  1 
ATOM   715  C C   . VAL B 1 41 ? 8.569   0.450   -4.531  1.00 53.47  ? 118  VAL B C   1 
ATOM   716  O O   . VAL B 1 41 ? 8.834   1.398   -5.277  1.00 54.64  ? 118  VAL B O   1 
ATOM   717  C CB  . VAL B 1 41 ? 7.294   1.071   -2.379  1.00 48.27  ? 118  VAL B CB  1 
ATOM   718  C CG1 . VAL B 1 41 ? 8.150   2.334   -2.383  1.00 49.23  ? 118  VAL B CG1 1 
ATOM   719  C CG2 . VAL B 1 41 ? 5.897   1.392   -1.894  1.00 46.59  ? 118  VAL B CG2 1 
ATOM   720  N N   . ASP B 1 42 ? 9.394   -0.583  -4.356  1.00 51.36  ? 119  ASP B N   1 
ATOM   721  C CA  . ASP B 1 42 ? 10.680  -0.649  -5.045  1.00 45.72  ? 119  ASP B CA  1 
ATOM   722  C C   . ASP B 1 42 ? 10.519  -0.837  -6.556  1.00 45.92  ? 119  ASP B C   1 
ATOM   723  O O   . ASP B 1 42 ? 11.346  -0.377  -7.334  1.00 48.24  ? 119  ASP B O   1 
ATOM   724  C CB  . ASP B 1 42 ? 11.568  -1.738  -4.453  1.00 45.56  ? 119  ASP B CB  1 
ATOM   725  C CG  . ASP B 1 42 ? 12.160  -1.335  -3.118  1.00 60.38  ? 119  ASP B CG  1 
ATOM   726  O OD1 . ASP B 1 42 ? 12.016  -0.145  -2.756  1.00 63.54  ? 119  ASP B OD1 1 
ATOM   727  O OD2 . ASP B 1 42 ? 12.777  -2.199  -2.447  1.00 58.78  ? 119  ASP B OD2 1 
ATOM   728  N N   . ALA B 1 43 ? 9.441   -1.494  -6.966  1.00 41.96  ? 120  ALA B N   1 
ATOM   729  C CA  . ALA B 1 43 ? 9.134   -1.626  -8.381  1.00 42.73  ? 120  ALA B CA  1 
ATOM   730  C C   . ALA B 1 43 ? 8.865   -0.235  -8.963  1.00 48.78  ? 120  ALA B C   1 
ATOM   731  O O   . ALA B 1 43 ? 9.488   0.177   -9.952  1.00 52.15  ? 120  ALA B O   1 
ATOM   732  C CB  . ALA B 1 43 ? 7.938   -2.532  -8.585  1.00 34.51  ? 120  ALA B CB  1 
ATOM   733  N N   . VAL B 1 44 ? 7.956   0.491   -8.318  1.00 46.07  ? 121  VAL B N   1 
ATOM   734  C CA  . VAL B 1 44 ? 7.624   1.855   -8.701  1.00 43.44  ? 121  VAL B CA  1 
ATOM   735  C C   . VAL B 1 44 ? 8.825   2.809   -8.633  1.00 46.63  ? 121  VAL B C   1 
ATOM   736  O O   . VAL B 1 44 ? 9.013   3.615   -9.545  1.00 44.05  ? 121  VAL B O   1 
ATOM   737  C CB  . VAL B 1 44 ? 6.430   2.410   -7.890  1.00 46.94  ? 121  VAL B CB  1 
ATOM   738  C CG1 . VAL B 1 44 ? 6.045   3.793   -8.393  1.00 47.31  ? 121  VAL B CG1 1 
ATOM   739  C CG2 . VAL B 1 44 ? 5.224   1.472   -8.001  1.00 39.08  ? 121  VAL B CG2 1 
ATOM   740  N N   . LYS B 1 45 ? 9.644   2.716   -7.584  1.00 43.51  ? 122  LYS B N   1 
ATOM   741  C CA  . LYS B 1 45 ? 10.832  3.568   -7.506  1.00 43.94  ? 122  LYS B CA  1 
ATOM   742  C C   . LYS B 1 45 ? 11.834  3.237   -8.604  1.00 47.42  ? 122  LYS B C   1 
ATOM   743  O O   . LYS B 1 45 ? 12.531  4.120   -9.093  1.00 44.62  ? 122  LYS B O   1 
ATOM   744  C CB  . LYS B 1 45 ? 11.520  3.469   -6.147  1.00 45.70  ? 122  LYS B CB  1 
ATOM   745  C CG  . LYS B 1 45 ? 10.676  3.963   -4.989  1.00 56.01  ? 122  LYS B CG  1 
ATOM   746  C CD  . LYS B 1 45 ? 11.481  4.023   -3.693  1.00 56.20  ? 122  LYS B CD  1 
ATOM   747  C CE  . LYS B 1 45 ? 12.492  5.158   -3.724  1.00 68.61  ? 122  LYS B CE  1 
ATOM   748  N NZ  . LYS B 1 45 ? 13.132  5.389   -2.392  1.00 86.28  ? 122  LYS B NZ  1 
ATOM   749  N N   . GLU B 1 46 ? 11.925  1.963   -8.981  1.00 48.58  ? 123  GLU B N   1 
ATOM   750  C CA  . GLU B 1 46 ? 12.847  1.567   -10.034 1.00 44.90  ? 123  GLU B CA  1 
ATOM   751  C C   . GLU B 1 46 ? 12.366  2.117   -11.384 1.00 47.03  ? 123  GLU B C   1 
ATOM   752  O O   . GLU B 1 46 ? 13.168  2.593   -12.203 1.00 43.63  ? 123  GLU B O   1 
ATOM   753  C CB  . GLU B 1 46 ? 13.009  0.058   -10.084 1.00 44.33  ? 123  GLU B CB  1 
ATOM   754  N N   . GLU B 1 47 ? 11.055  2.074   -11.608 1.00 40.11  ? 124  GLU B N   1 
ATOM   755  C CA  . GLU B 1 47 ? 10.499  2.677   -12.813 1.00 41.53  ? 124  GLU B CA  1 
ATOM   756  C C   . GLU B 1 47 ? 10.636  4.218   -12.843 1.00 44.79  ? 124  GLU B C   1 
ATOM   757  O O   . GLU B 1 47 ? 10.809  4.809   -13.907 1.00 44.95  ? 124  GLU B O   1 
ATOM   758  C CB  . GLU B 1 47 ? 9.044   2.271   -13.020 1.00 37.42  ? 124  GLU B CB  1 
ATOM   759  C CG  . GLU B 1 47 ? 8.424   2.991   -14.192 1.00 45.97  ? 124  GLU B CG  1 
ATOM   760  C CD  . GLU B 1 47 ? 7.029   2.533   -14.521 1.00 57.25  ? 124  GLU B CD  1 
ATOM   761  O OE1 . GLU B 1 47 ? 6.105   2.804   -13.716 1.00 62.83  ? 124  GLU B OE1 1 
ATOM   762  O OE2 . GLU B 1 47 ? 6.863   1.917   -15.601 1.00 66.57  ? 124  GLU B OE2 1 
ATOM   763  N N   . ASN B 1 48 ? 10.560  4.866   -11.685 1.00 39.69  ? 125  ASN B N   1 
ATOM   764  C CA  . ASN B 1 48 ? 10.746  6.304   -11.633 1.00 36.88  ? 125  ASN B CA  1 
ATOM   765  C C   . ASN B 1 48 ? 12.158  6.663   -12.079 1.00 42.08  ? 125  ASN B C   1 
ATOM   766  O O   . ASN B 1 48 ? 12.346  7.577   -12.881 1.00 44.88  ? 125  ASN B O   1 
ATOM   767  C CB  . ASN B 1 48 ? 10.457  6.866   -10.231 1.00 40.02  ? 125  ASN B CB  1 
ATOM   768  C CG  . ASN B 1 48 ? 8.956   6.882   -9.874  1.00 42.84  ? 125  ASN B CG  1 
ATOM   769  O OD1 . ASN B 1 48 ? 8.093   6.457   -10.654 1.00 39.50  ? 125  ASN B OD1 1 
ATOM   770  N ND2 . ASN B 1 48 ? 8.653   7.364   -8.674  1.00 42.89  ? 125  ASN B ND2 1 
ATOM   771  N N   . LEU B 1 49 ? 13.149  5.929   -11.579 1.00 42.89  ? 126  LEU B N   1 
ATOM   772  C CA  . LEU B 1 49 ? 14.542  6.154   -11.966 1.00 42.95  ? 126  LEU B CA  1 
ATOM   773  C C   . LEU B 1 49 ? 14.764  5.956   -13.470 1.00 39.97  ? 126  LEU B C   1 
ATOM   774  O O   . LEU B 1 49 ? 15.521  6.674   -14.096 1.00 38.20  ? 126  LEU B O   1 
ATOM   775  C CB  . LEU B 1 49 ? 15.463  5.213   -11.198 1.00 45.66  ? 126  LEU B CB  1 
ATOM   776  C CG  . LEU B 1 49 ? 15.815  5.576   -9.758  1.00 54.86  ? 126  LEU B CG  1 
ATOM   777  C CD1 . LEU B 1 49 ? 16.809  4.564   -9.189  1.00 60.14  ? 126  LEU B CD1 1 
ATOM   778  C CD2 . LEU B 1 49 ? 16.371  6.992   -9.673  1.00 49.89  ? 126  LEU B CD2 1 
ATOM   779  N N   . LYS B 1 50 ? 14.098  4.962   -14.032 1.00 37.84  ? 127  LYS B N   1 
ATOM   780  C CA  . LYS B 1 50 ? 14.187  4.680   -15.443 1.00 37.02  ? 127  LYS B CA  1 
ATOM   781  C C   . LYS B 1 50 ? 13.579  5.836   -16.242 1.00 40.48  ? 127  LYS B C   1 
ATOM   782  O O   . LYS B 1 50 ? 14.134  6.246   -17.251 1.00 42.94  ? 127  LYS B O   1 
ATOM   783  C CB  . LYS B 1 50 ? 13.451  3.375   -15.741 1.00 38.51  ? 127  LYS B CB  1 
ATOM   784  C CG  . LYS B 1 50 ? 13.498  2.923   -17.179 1.00 43.74  ? 127  LYS B CG  1 
ATOM   785  C CD  . LYS B 1 50 ? 12.359  1.960   -17.453 1.00 51.02  ? 127  LYS B CD  1 
ATOM   786  C CE  . LYS B 1 50 ? 12.520  1.315   -18.817 1.00 67.20  ? 127  LYS B CE  1 
ATOM   787  N NZ  . LYS B 1 50 ? 11.586  0.164   -18.982 1.00 77.42  ? 127  LYS B NZ  1 
ATOM   788  N N   . LEU B 1 51 ? 12.448  6.364   -15.778 1.00 38.88  ? 128  LEU B N   1 
ATOM   789  C CA  . LEU B 1 51 ? 11.780  7.488   -16.435 1.00 38.31  ? 128  LEU B CA  1 
ATOM   790  C C   . LEU B 1 51 ? 12.525  8.835   -16.314 1.00 35.84  ? 128  LEU B C   1 
ATOM   791  O O   . LEU B 1 51 ? 12.467  9.658   -17.220 1.00 33.32  ? 128  LEU B O   1 
ATOM   792  C CB  . LEU B 1 51 ? 10.347  7.631   -15.919 1.00 39.78  ? 128  LEU B CB  1 
ATOM   793  C CG  . LEU B 1 51 ? 9.308   6.584   -16.323 1.00 33.95  ? 128  LEU B CG  1 
ATOM   794  C CD1 . LEU B 1 51 ? 8.168   6.593   -15.336 1.00 41.77  ? 128  LEU B CD1 1 
ATOM   795  C CD2 . LEU B 1 51 ? 8.781   6.873   -17.697 1.00 33.84  ? 128  LEU B CD2 1 
ATOM   796  N N   . LYS B 1 52 ? 13.200  9.076   -15.196 1.00 36.82  ? 129  LYS B N   1 
ATOM   797  C CA  . LYS B 1 52 ? 13.989  10.299  -15.062 1.00 36.28  ? 129  LYS B CA  1 
ATOM   798  C C   . LYS B 1 52 ? 15.169  10.246  -16.012 1.00 36.09  ? 129  LYS B C   1 
ATOM   799  O O   . LYS B 1 52 ? 15.572  11.244  -16.604 1.00 35.26  ? 129  LYS B O   1 
ATOM   800  C CB  . LYS B 1 52 ? 14.515  10.472  -13.639 1.00 37.49  ? 129  LYS B CB  1 
ATOM   801  C CG  . LYS B 1 52 ? 13.533  11.082  -12.674 1.00 39.68  ? 129  LYS B CG  1 
ATOM   802  C CD  . LYS B 1 52 ? 14.125  11.174  -11.281 1.00 40.91  ? 129  LYS B CD  1 
ATOM   803  C CE  . LYS B 1 52 ? 13.025  11.456  -10.263 1.00 65.71  ? 129  LYS B CE  1 
ATOM   804  N NZ  . LYS B 1 52 ? 13.502  11.358  -8.849  1.00 80.85  ? 129  LYS B NZ  1 
ATOM   805  N N   . SER B 1 53 ? 15.731  9.057   -16.126 1.00 38.21  ? 130  SER B N   1 
ATOM   806  C CA  . SER B 1 53 ? 16.882  8.829   -16.961 1.00 35.57  ? 130  SER B CA  1 
ATOM   807  C C   . SER B 1 53 ? 16.441  9.049   -18.417 1.00 37.74  ? 130  SER B C   1 
ATOM   808  O O   . SER B 1 53 ? 17.099  9.762   -19.178 1.00 38.33  ? 130  SER B O   1 
ATOM   809  C CB  . SER B 1 53 ? 17.413  7.424   -16.693 1.00 29.45  ? 130  SER B CB  1 
ATOM   810  O OG  . SER B 1 53 ? 18.441  7.085   -17.593 1.00 52.29  ? 130  SER B OG  1 
ATOM   811  N N   . GLU B 1 54 ? 15.287  8.489   -18.771 1.00 34.54  ? 131  GLU B N   1 
ATOM   812  C CA  . GLU B 1 54 ? 14.728  8.621   -20.111 1.00 30.54  ? 131  GLU B CA  1 
ATOM   813  C C   . GLU B 1 54 ? 14.274  10.029  -20.484 1.00 34.26  ? 131  GLU B C   1 
ATOM   814  O O   . GLU B 1 54 ? 14.388  10.424  -21.636 1.00 29.01  ? 131  GLU B O   1 
ATOM   815  C CB  . GLU B 1 54 ? 13.556  7.673   -20.283 1.00 30.04  ? 131  GLU B CB  1 
ATOM   816  C CG  . GLU B 1 54 ? 13.969  6.238   -20.462 1.00 38.14  ? 131  GLU B CG  1 
ATOM   817  C CD  . GLU B 1 54 ? 12.787  5.291   -20.448 1.00 48.47  ? 131  GLU B CD  1 
ATOM   818  O OE1 . GLU B 1 54 ? 11.811  5.561   -19.703 1.00 50.80  ? 131  GLU B OE1 1 
ATOM   819  O OE2 . GLU B 1 54 ? 12.833  4.281   -21.187 1.00 53.20  ? 131  GLU B OE2 1 
ATOM   820  N N   . ASN B 1 55 ? 13.733  10.774  -19.526 1.00 33.53  ? 132  ASN B N   1 
ATOM   821  C CA  . ASN B 1 55 ? 13.286  12.123  -19.814 1.00 30.22  ? 132  ASN B CA  1 
ATOM   822  C C   . ASN B 1 55 ? 14.487  13.033  -20.021 1.00 35.40  ? 132  ASN B C   1 
ATOM   823  O O   . ASN B 1 55 ? 14.437  13.985  -20.786 1.00 34.03  ? 132  ASN B O   1 
ATOM   824  C CB  . ASN B 1 55 ? 12.383  12.657  -18.715 1.00 32.61  ? 132  ASN B CB  1 
ATOM   825  C CG  . ASN B 1 55 ? 11.058  11.937  -18.654 1.00 36.10  ? 132  ASN B CG  1 
ATOM   826  O OD1 . ASN B 1 55 ? 10.648  11.293  -19.610 1.00 36.63  ? 132  ASN B OD1 1 
ATOM   827  N ND2 . ASN B 1 55 ? 10.373  12.051  -17.526 1.00 38.15  ? 132  ASN B ND2 1 
ATOM   828  N N   . GLN B 1 56 ? 15.581  12.717  -19.348 1.00 32.89  ? 133  GLN B N   1 
ATOM   829  C CA  . GLN B 1 56 ? 16.782  13.509  -19.492 1.00 33.47  ? 133  GLN B CA  1 
ATOM   830  C C   . GLN B 1 56 ? 17.340  13.341  -20.904 1.00 35.17  ? 133  GLN B C   1 
ATOM   831  O O   . GLN B 1 56 ? 17.831  14.294  -21.500 1.00 33.70  ? 133  GLN B O   1 
ATOM   832  C CB  . GLN B 1 56 ? 17.805  13.110  -18.417 1.00 37.13  ? 133  GLN B CB  1 
ATOM   833  C CG  . GLN B 1 56 ? 19.173  13.746  -18.563 1.00 45.77  ? 133  GLN B CG  1 
ATOM   834  C CD  . GLN B 1 56 ? 20.292  12.769  -18.236 1.00 69.27  ? 133  GLN B CD  1 
ATOM   835  O OE1 . GLN B 1 56 ? 20.655  12.591  -17.065 1.00 75.14  ? 133  GLN B OE1 1 
ATOM   836  N NE2 . GLN B 1 56 ? 20.836  12.110  -19.274 1.00 66.11  ? 133  GLN B NE2 1 
ATOM   837  N N   . VAL B 1 57 ? 17.237  12.127  -21.442 1.00 36.28  ? 134  VAL B N   1 
ATOM   838  C CA  . VAL B 1 57 ? 17.714  11.827  -22.791 1.00 32.41  ? 134  VAL B CA  1 
ATOM   839  C C   . VAL B 1 57 ? 16.868  12.547  -23.838 1.00 32.20  ? 134  VAL B C   1 
ATOM   840  O O   . VAL B 1 57 ? 17.393  13.144  -24.777 1.00 32.69  ? 134  VAL B O   1 
ATOM   841  C CB  . VAL B 1 57 ? 17.723  10.285  -23.049 1.00 37.10  ? 134  VAL B CB  1 
ATOM   842  C CG1 . VAL B 1 57 ? 17.853  9.968   -24.523 1.00 30.18  ? 134  VAL B CG1 1 
ATOM   843  C CG2 . VAL B 1 57 ? 18.836  9.600   -22.259 1.00 33.86  ? 134  VAL B CG2 1 
ATOM   844  N N   . LEU B 1 58 ? 15.552  12.486  -23.666 1.00 29.79  ? 135  LEU B N   1 
ATOM   845  C CA  . LEU B 1 58 ? 14.643  13.169  -24.559 1.00 27.43  ? 135  LEU B CA  1 
ATOM   846  C C   . LEU B 1 58 ? 14.846  14.687  -24.471 1.00 34.96  ? 135  LEU B C   1 
ATOM   847  O O   . LEU B 1 58 ? 14.901  15.362  -25.497 1.00 34.08  ? 135  LEU B O   1 
ATOM   848  C CB  . LEU B 1 58 ? 13.186  12.772  -24.275 1.00 26.56  ? 135  LEU B CB  1 
ATOM   849  C CG  . LEU B 1 58 ? 12.849  11.271  -24.420 1.00 28.01  ? 135  LEU B CG  1 
ATOM   850  C CD1 . LEU B 1 58 ? 11.401  10.931  -24.074 1.00 24.48  ? 135  LEU B CD1 1 
ATOM   851  C CD2 . LEU B 1 58 ? 13.172  10.734  -25.800 1.00 27.84  ? 135  LEU B CD2 1 
ATOM   852  N N   . GLY B 1 59 ? 14.976  15.215  -23.253 1.00 33.95  ? 136  GLY B N   1 
ATOM   853  C CA  . GLY B 1 59 ? 15.178  16.640  -23.034 1.00 29.40  ? 136  GLY B CA  1 
ATOM   854  C C   . GLY B 1 59 ? 16.430  17.157  -23.723 1.00 38.75  ? 136  GLY B C   1 
ATOM   855  O O   . GLY B 1 59 ? 16.412  18.170  -24.441 1.00 37.35  ? 136  GLY B O   1 
ATOM   856  N N   . GLN B 1 60 ? 17.521  16.438  -23.503 1.00 36.73  ? 137  GLN B N   1 
ATOM   857  C CA  . GLN B 1 60 ? 18.805  16.767  -24.093 1.00 39.91  ? 137  GLN B CA  1 
ATOM   858  C C   . GLN B 1 60 ? 18.736  16.719  -25.622 1.00 43.08  ? 137  GLN B C   1 
ATOM   859  O O   . GLN B 1 60 ? 19.394  17.494  -26.304 1.00 47.20  ? 137  GLN B O   1 
ATOM   860  C CB  . GLN B 1 60 ? 19.875  15.809  -23.559 1.00 39.42  ? 137  GLN B CB  1 
ATOM   861  C CG  . GLN B 1 60 ? 21.313  16.240  -23.801 1.00 50.32  ? 137  GLN B CG  1 
ATOM   862  C CD  . GLN B 1 60 ? 21.538  17.745  -23.614 1.00 62.57  ? 137  GLN B CD  1 
ATOM   863  O OE1 . GLN B 1 60 ? 21.916  18.451  -24.562 1.00 60.97  ? 137  GLN B OE1 1 
ATOM   864  N NE2 . GLN B 1 60 ? 21.310  18.241  -22.391 1.00 65.73  ? 137  GLN B NE2 1 
ATOM   865  N N   . TYR B 1 61 ? 17.929  15.820  -26.168 1.00 36.43  ? 138  TYR B N   1 
ATOM   866  C CA  . TYR B 1 61 ? 17.829  15.714  -27.614 1.00 33.96  ? 138  TYR B CA  1 
ATOM   867  C C   . TYR B 1 61 ? 17.033  16.862  -28.195 1.00 37.75  ? 138  TYR B C   1 
ATOM   868  O O   . TYR B 1 61 ? 17.328  17.337  -29.281 1.00 42.03  ? 138  TYR B O   1 
ATOM   869  C CB  . TYR B 1 61 ? 17.189  14.392  -28.013 1.00 33.07  ? 138  TYR B CB  1 
ATOM   870  C CG  . TYR B 1 61 ? 17.165  14.152  -29.500 1.00 33.45  ? 138  TYR B CG  1 
ATOM   871  C CD1 . TYR B 1 61 ? 18.348  14.130  -30.237 1.00 38.06  ? 138  TYR B CD1 1 
ATOM   872  C CD2 . TYR B 1 61 ? 15.967  13.928  -30.173 1.00 29.83  ? 138  TYR B CD2 1 
ATOM   873  C CE1 . TYR B 1 61 ? 18.343  13.895  -31.609 1.00 34.23  ? 138  TYR B CE1 1 
ATOM   874  C CE2 . TYR B 1 61 ? 15.950  13.694  -31.551 1.00 32.18  ? 138  TYR B CE2 1 
ATOM   875  C CZ  . TYR B 1 61 ? 17.148  13.681  -32.257 1.00 36.01  ? 138  TYR B CZ  1 
ATOM   876  O OH  . TYR B 1 61 ? 17.160  13.456  -33.609 1.00 42.61  ? 138  TYR B OH  1 
ATOM   877  N N   . ILE B 1 62 ? 16.003  17.290  -27.478 1.00 40.12  ? 139  ILE B N   1 
ATOM   878  C CA  . ILE B 1 62 ? 15.206  18.433  -27.900 1.00 42.02  ? 139  ILE B CA  1 
ATOM   879  C C   . ILE B 1 62 ? 16.067  19.695  -27.922 1.00 45.47  ? 139  ILE B C   1 
ATOM   880  O O   . ILE B 1 62 ? 16.148  20.382  -28.934 1.00 50.03  ? 139  ILE B O   1 
ATOM   881  C CB  . ILE B 1 62 ? 14.001  18.635  -26.984 1.00 36.22  ? 139  ILE B CB  1 
ATOM   882  C CG1 . ILE B 1 62 ? 12.960  17.548  -27.254 1.00 38.34  ? 139  ILE B CG1 1 
ATOM   883  C CG2 . ILE B 1 62 ? 13.395  19.995  -27.207 1.00 38.06  ? 139  ILE B CG2 1 
ATOM   884  C CD1 . ILE B 1 62 ? 11.735  17.624  -26.372 1.00 32.34  ? 139  ILE B CD1 1 
ATOM   885  N N   . GLU B 1 63 ? 16.745  19.970  -26.816 1.00 43.38  ? 140  GLU B N   1 
ATOM   886  C CA  . GLU B 1 63 ? 17.582  21.155  -26.730 1.00 47.08  ? 140  GLU B CA  1 
ATOM   887  C C   . GLU B 1 63 ? 18.798  21.120  -27.671 1.00 56.41  ? 140  GLU B C   1 
ATOM   888  O O   . GLU B 1 63 ? 19.596  22.044  -27.665 1.00 65.70  ? 140  GLU B O   1 
ATOM   889  C CB  . GLU B 1 63 ? 17.981  21.471  -25.268 1.00 45.49  ? 140  GLU B CB  1 
ATOM   890  C CG  . GLU B 1 63 ? 18.857  20.429  -24.577 1.00 57.21  ? 140  GLU B CG  1 
ATOM   891  C CD  . GLU B 1 63 ? 19.202  20.780  -23.114 1.00 66.31  ? 140  GLU B CD  1 
ATOM   892  O OE1 . GLU B 1 63 ? 19.932  21.773  -22.890 1.00 76.36  ? 140  GLU B OE1 1 
ATOM   893  O OE2 . GLU B 1 63 ? 18.762  20.051  -22.187 1.00 63.80  ? 140  GLU B OE2 1 
ATOM   894  N N   . ASN B 1 64 ? 18.917  20.075  -28.488 1.00 55.01  ? 141  ASN B N   1 
ATOM   895  C CA  . ASN B 1 64 ? 19.993  19.950  -29.474 1.00 48.17  ? 141  ASN B CA  1 
ATOM   896  C C   . ASN B 1 64 ? 19.479  20.212  -30.864 1.00 57.25  ? 141  ASN B C   1 
ATOM   897  O O   . ASN B 1 64 ? 20.155  20.822  -31.690 1.00 68.78  ? 141  ASN B O   1 
ATOM   898  C CB  . ASN B 1 64 ? 20.547  18.537  -29.483 1.00 44.43  ? 141  ASN B CB  1 
ATOM   899  C CG  . ASN B 1 64 ? 21.697  18.361  -28.555 1.00 49.71  ? 141  ASN B CG  1 
ATOM   900  O OD1 . ASN B 1 64 ? 21.888  19.141  -27.618 1.00 55.05  ? 141  ASN B OD1 1 
ATOM   901  N ND2 . ASN B 1 64 ? 22.488  17.325  -28.803 1.00 51.33  ? 141  ASN B ND2 1 
ATOM   902  N N   . LEU B 1 65 ? 18.288  19.696  -31.129 1.00 53.67  ? 142  LEU B N   1 
ATOM   903  C CA  . LEU B 1 65 ? 17.623  19.910  -32.399 1.00 55.89  ? 142  LEU B CA  1 
ATOM   904  C C   . LEU B 1 65 ? 17.205  21.362  -32.521 1.00 63.40  ? 142  LEU B C   1 
ATOM   905  O O   . LEU B 1 65 ? 17.141  21.910  -33.623 1.00 67.55  ? 142  LEU B O   1 
ATOM   906  C CB  . LEU B 1 65 ? 16.385  19.040  -32.481 1.00 46.13  ? 142  LEU B CB  1 
ATOM   907  C CG  . LEU B 1 65 ? 16.626  17.560  -32.684 1.00 48.48  ? 142  LEU B CG  1 
ATOM   908  C CD1 . LEU B 1 65 ? 15.268  16.894  -32.837 1.00 45.11  ? 142  LEU B CD1 1 
ATOM   909  C CD2 . LEU B 1 65 ? 17.532  17.327  -33.905 1.00 39.10  ? 142  LEU B CD2 1 
ATOM   910  N N   . MET B 1 66 ? 16.901  21.970  -31.377 1.00 58.11  ? 143  MET B N   1 
ATOM   911  C CA  . MET B 1 66 ? 16.490  23.363  -31.332 1.00 67.45  ? 143  MET B CA  1 
ATOM   912  C C   . MET B 1 66 ? 17.712  24.290  -31.316 1.00 76.51  ? 143  MET B C   1 
ATOM   913  O O   . MET B 1 66 ? 17.672  25.387  -31.867 1.00 77.68  ? 143  MET B O   1 
ATOM   914  C CB  . MET B 1 66 ? 15.567  23.622  -30.131 1.00 52.16  ? 143  MET B CB  1 
ATOM   915  C CG  . MET B 1 66 ? 14.088  23.362  -30.421 1.00 54.64  ? 143  MET B CG  1 
ATOM   916  S SD  . MET B 1 66 ? 12.980  23.484  -28.974 1.00 60.73  ? 143  MET B SD  1 
ATOM   917  C CE  . MET B 1 66 ? 13.680  24.902  -28.106 1.00 61.82  ? 143  MET B CE  1 
ATOM   918  N N   . SER B 1 67 ? 18.799  23.829  -30.700 1.00 77.46  ? 144  SER B N   1 
ATOM   919  C CA  . SER B 1 67 ? 20.050  24.589  -30.636 1.00 78.07  ? 144  SER B CA  1 
ATOM   920  C C   . SER B 1 67 ? 20.891  24.401  -31.897 1.00 79.63  ? 144  SER B C   1 
ATOM   921  O O   . SER B 1 67 ? 22.050  24.814  -31.951 1.00 85.52  ? 144  SER B O   1 
ATOM   922  C CB  . SER B 1 67 ? 20.873  24.193  -29.402 1.00 78.10  ? 144  SER B CB  1 
ATOM   923  O OG  . SER B 1 67 ? 20.135  24.372  -28.200 1.00 77.09  ? 144  SER B OG  1 
ATOM   924  N N   . ALA B 1 68 ? 20.300  23.765  -32.901 1.00 84.44  ? 145  ALA B N   1 
ATOM   925  C CA  . ALA B 1 68 ? 20.942  23.595  -34.201 1.00 89.49  ? 145  ALA B CA  1 
ATOM   926  C C   . ALA B 1 68 ? 20.256  24.500  -35.224 1.00 93.99  ? 145  ALA B C   1 
ATOM   927  O O   . ALA B 1 68 ? 20.897  25.016  -36.145 1.00 100.14 ? 145  ALA B O   1 
ATOM   928  C CB  . ALA B 1 68 ? 20.885  22.128  -34.647 1.00 82.08  ? 145  ALA B CB  1 
ATOM   929  N N   . SER B 1 69 ? 18.950  24.691  -35.051 1.00 90.17  ? 146  SER B N   1 
ATOM   930  C CA  . SER B 1 69 ? 18.176  25.574  -35.924 1.00 95.30  ? 146  SER B CA  1 
ATOM   931  C C   . SER B 1 69 ? 18.058  27.001  -35.362 1.00 95.95  ? 146  SER B C   1 
ATOM   932  O O   . SER B 1 69 ? 17.210  27.778  -35.801 1.00 95.71  ? 146  SER B O   1 
ATOM   933  C CB  . SER B 1 69 ? 16.784  24.986  -36.202 1.00 88.76  ? 146  SER B CB  1 
ATOM   934  O OG  . SER B 1 69 ? 16.033  24.843  -35.010 1.00 83.65  ? 146  SER B OG  1 
ATOM   935  N N   . SER B 1 70 ? 18.914  27.336  -34.397 1.00 96.55  ? 147  SER B N   1 
ATOM   936  C CA  . SER B 1 70 ? 18.933  28.675  -33.804 1.00 97.99  ? 147  SER B CA  1 
ATOM   937  C C   . SER B 1 70 ? 20.239  29.406  -34.118 1.00 106.95 ? 147  SER B C   1 
ATOM   938  O O   . SER B 1 70 ? 20.815  30.078  -33.257 1.00 107.94 ? 147  SER B O   1 
ATOM   939  C CB  . SER B 1 70 ? 18.755  28.597  -32.290 1.00 90.32  ? 147  SER B CB  1 
ATOM   940  O OG  . SER B 1 70 ? 19.974  28.228  -31.673 1.00 91.47  ? 147  SER B OG  1 
ATOM   941  N N   . VAL C 1 9  ? -46.697 3.832   -27.945 1.00 106.81 ? 86   VAL C N   1 
ATOM   942  C CA  . VAL C 1 9  ? -46.940 3.572   -29.360 1.00 107.43 ? 86   VAL C CA  1 
ATOM   943  C C   . VAL C 1 9  ? -45.629 3.378   -30.118 1.00 109.92 ? 86   VAL C C   1 
ATOM   944  O O   . VAL C 1 9  ? -44.763 2.605   -29.697 1.00 110.32 ? 86   VAL C O   1 
ATOM   945  C CB  . VAL C 1 9  ? -47.760 4.700   -29.979 1.00 102.09 ? 86   VAL C CB  1 
ATOM   946  N N   . ASP C 1 10 ? -45.490 4.081   -31.240 1.00 112.75 ? 87   ASP C N   1 
ATOM   947  C CA  . ASP C 1 10 ? -44.291 3.981   -32.069 1.00 109.34 ? 87   ASP C CA  1 
ATOM   948  C C   . ASP C 1 10 ? -43.338 5.130   -31.769 1.00 106.02 ? 87   ASP C C   1 
ATOM   949  O O   . ASP C 1 10 ? -42.180 5.119   -32.188 1.00 108.70 ? 87   ASP C O   1 
ATOM   950  C CB  . ASP C 1 10 ? -44.664 3.966   -33.552 1.00 109.02 ? 87   ASP C CB  1 
ATOM   951  N N   . ALA C 1 11 ? -43.842 6.123   -31.041 1.00 106.87 ? 88   ALA C N   1 
ATOM   952  C CA  . ALA C 1 11 ? -43.056 7.291   -30.663 1.00 103.05 ? 88   ALA C CA  1 
ATOM   953  C C   . ALA C 1 11 ? -43.245 7.597   -29.183 1.00 101.36 ? 88   ALA C C   1 
ATOM   954  O O   . ALA C 1 11 ? -42.555 8.454   -28.626 1.00 95.10  ? 88   ALA C O   1 
ATOM   955  C CB  . ALA C 1 11 ? -43.453 8.496   -31.510 1.00 97.76  ? 88   ALA C CB  1 
ATOM   956  N N   . GLU C 1 12 ? -44.185 6.889   -28.556 1.00 103.95 ? 89   GLU C N   1 
ATOM   957  C CA  . GLU C 1 12 ? -44.512 7.085   -27.142 1.00 101.28 ? 89   GLU C CA  1 
ATOM   958  C C   . GLU C 1 12 ? -43.879 5.998   -26.273 1.00 94.16  ? 89   GLU C C   1 
ATOM   959  O O   . GLU C 1 12 ? -43.622 6.196   -25.079 1.00 83.44  ? 89   GLU C O   1 
ATOM   960  C CB  . GLU C 1 12 ? -46.035 7.130   -26.943 1.00 100.05 ? 89   GLU C CB  1 
ATOM   961  C CG  . GLU C 1 12 ? -46.496 7.429   -25.510 1.00 102.26 ? 89   GLU C CG  1 
ATOM   962  C CD  . GLU C 1 12 ? -46.205 8.861   -25.053 1.00 110.30 ? 89   GLU C CD  1 
ATOM   963  O OE1 . GLU C 1 12 ? -45.612 9.651   -25.827 1.00 103.58 ? 89   GLU C OE1 1 
ATOM   964  O OE2 . GLU C 1 12 ? -46.577 9.199   -23.907 1.00 115.97 ? 89   GLU C OE2 1 
ATOM   965  N N   . ASN C 1 13 ? -43.617 4.848   -26.888 1.00 93.21  ? 90   ASN C N   1 
ATOM   966  C CA  . ASN C 1 13 ? -42.877 3.786   -26.222 1.00 90.19  ? 90   ASN C CA  1 
ATOM   967  C C   . ASN C 1 13 ? -41.385 4.129   -26.162 1.00 83.64  ? 90   ASN C C   1 
ATOM   968  O O   . ASN C 1 13 ? -40.587 3.358   -25.633 1.00 77.82  ? 90   ASN C O   1 
ATOM   969  C CB  . ASN C 1 13 ? -43.102 2.451   -26.919 1.00 91.05  ? 90   ASN C CB  1 
ATOM   970  N N   . GLN C 1 14 ? -41.018 5.289   -26.704 1.00 85.09  ? 91   GLN C N   1 
ATOM   971  C CA  . GLN C 1 14 ? -39.641 5.769   -26.628 1.00 79.92  ? 91   GLN C CA  1 
ATOM   972  C C   . GLN C 1 14 ? -39.363 6.491   -25.310 1.00 78.73  ? 91   GLN C C   1 
ATOM   973  O O   . GLN C 1 14 ? -38.436 6.123   -24.587 1.00 78.48  ? 91   GLN C O   1 
ATOM   974  C CB  . GLN C 1 14 ? -39.305 6.662   -27.821 1.00 75.27  ? 91   GLN C CB  1 
ATOM   975  N N   . VAL C 1 15 ? -40.159 7.516   -24.997 1.00 82.44  ? 92   VAL C N   1 
ATOM   976  C CA  . VAL C 1 15 ? -39.974 8.266   -23.752 1.00 75.95  ? 92   VAL C CA  1 
ATOM   977  C C   . VAL C 1 15 ? -40.251 7.372   -22.553 1.00 65.17  ? 92   VAL C C   1 
ATOM   978  O O   . VAL C 1 15 ? -39.555 7.451   -21.548 1.00 66.40  ? 92   VAL C O   1 
ATOM   979  C CB  . VAL C 1 15 ? -40.854 9.514   -23.716 1.00 73.94  ? 92   VAL C CB  1 
ATOM   980  N N   . GLU C 1 16 ? -41.264 6.519   -22.672 1.00 66.62  ? 93   GLU C N   1 
ATOM   981  C CA  . GLU C 1 16 ? -41.535 5.503   -21.655 1.00 68.69  ? 93   GLU C CA  1 
ATOM   982  C C   . GLU C 1 16 ? -40.337 4.569   -21.453 1.00 67.99  ? 93   GLU C C   1 
ATOM   983  O O   . GLU C 1 16 ? -40.196 3.960   -20.396 1.00 64.91  ? 93   GLU C O   1 
ATOM   984  C CB  . GLU C 1 16 ? -42.783 4.697   -22.010 1.00 64.37  ? 93   GLU C CB  1 
ATOM   985  N N   . LEU C 1 17 ? -39.488 4.451   -22.474 1.00 71.48  ? 94   LEU C N   1 
ATOM   986  C CA  . LEU C 1 17 ? -38.278 3.632   -22.385 1.00 60.66  ? 94   LEU C CA  1 
ATOM   987  C C   . LEU C 1 17 ? -37.097 4.488   -21.929 1.00 59.82  ? 94   LEU C C   1 
ATOM   988  O O   . LEU C 1 17 ? -36.256 4.026   -21.160 1.00 59.50  ? 94   LEU C O   1 
ATOM   989  C CB  . LEU C 1 17 ? -37.971 2.926   -23.718 1.00 62.38  ? 94   LEU C CB  1 
ATOM   990  C CG  . LEU C 1 17 ? -36.952 1.770   -23.747 1.00 55.94  ? 94   LEU C CG  1 
ATOM   991  C CD1 . LEU C 1 17 ? -37.447 0.558   -22.985 1.00 53.96  ? 94   LEU C CD1 1 
ATOM   992  C CD2 . LEU C 1 17 ? -36.597 1.361   -25.162 1.00 59.58  ? 94   LEU C CD2 1 
ATOM   993  N N   . GLU C 1 18 ? -37.045 5.737   -22.386 1.00 58.99  ? 95   GLU C N   1 
ATOM   994  C CA  . GLU C 1 18 ? -35.982 6.653   -21.986 1.00 56.05  ? 95   GLU C CA  1 
ATOM   995  C C   . GLU C 1 18 ? -36.079 7.035   -20.507 1.00 56.73  ? 95   GLU C C   1 
ATOM   996  O O   . GLU C 1 18 ? -35.068 7.183   -19.827 1.00 54.01  ? 95   GLU C O   1 
ATOM   997  C CB  . GLU C 1 18 ? -36.004 7.909   -22.854 1.00 60.11  ? 95   GLU C CB  1 
ATOM   998  C CG  . GLU C 1 18 ? -34.912 8.912   -22.513 1.00 67.39  ? 95   GLU C CG  1 
ATOM   999  C CD  . GLU C 1 18 ? -34.917 10.132  -23.424 1.00 81.05  ? 95   GLU C CD  1 
ATOM   1000 O OE1 . GLU C 1 18 ? -35.614 10.106  -24.467 1.00 78.60  ? 95   GLU C OE1 1 
ATOM   1001 O OE2 . GLU C 1 18 ? -34.217 11.116  -23.093 1.00 86.67  ? 95   GLU C OE2 1 
ATOM   1002 N N   . GLU C 1 19 ? -37.299 7.207   -20.009 1.00 62.56  ? 96   GLU C N   1 
ATOM   1003 C CA  . GLU C 1 19 ? -37.493 7.481   -18.591 1.00 58.07  ? 96   GLU C CA  1 
ATOM   1004 C C   . GLU C 1 19 ? -37.047 6.275   -17.761 1.00 51.59  ? 96   GLU C C   1 
ATOM   1005 O O   . GLU C 1 19 ? -36.268 6.414   -16.817 1.00 49.20  ? 96   GLU C O   1 
ATOM   1006 C CB  . GLU C 1 19 ? -38.950 7.829   -18.309 1.00 62.55  ? 96   GLU C CB  1 
ATOM   1007 N N   . LYS C 1 20 ? -37.532 5.092   -18.131 1.00 45.81  ? 97   LYS C N   1 
ATOM   1008 C CA  . LYS C 1 20 ? -37.179 3.858   -17.429 1.00 42.25  ? 97   LYS C CA  1 
ATOM   1009 C C   . LYS C 1 20 ? -35.682 3.514   -17.503 1.00 41.49  ? 97   LYS C C   1 
ATOM   1010 O O   . LYS C 1 20 ? -35.152 2.806   -16.652 1.00 39.66  ? 97   LYS C O   1 
ATOM   1011 C CB  . LYS C 1 20 ? -38.045 2.681   -17.930 1.00 42.66  ? 97   LYS C CB  1 
ATOM   1012 N N   . THR C 1 21 ? -35.006 4.023   -18.526 1.00 45.54  ? 98   THR C N   1 
ATOM   1013 C CA  . THR C 1 21 ? -33.573 3.808   -18.697 1.00 39.03  ? 98   THR C CA  1 
ATOM   1014 C C   . THR C 1 21 ? -32.786 4.699   -17.752 1.00 38.23  ? 98   THR C C   1 
ATOM   1015 O O   . THR C 1 21 ? -31.770 4.285   -17.212 1.00 39.82  ? 98   THR C O   1 
ATOM   1016 C CB  . THR C 1 21 ? -33.125 4.091   -20.160 1.00 47.39  ? 98   THR C CB  1 
ATOM   1017 O OG1 . THR C 1 21 ? -33.462 2.972   -20.992 1.00 48.39  ? 98   THR C OG1 1 
ATOM   1018 C CG2 . THR C 1 21 ? -31.630 4.321   -20.244 1.00 44.75  ? 98   THR C CG2 1 
ATOM   1019 N N   . ARG C 1 22 ? -33.257 5.931   -17.567 1.00 43.21  ? 99   ARG C N   1 
ATOM   1020 C CA  . ARG C 1 22 ? -32.633 6.867   -16.642 1.00 34.78  ? 99   ARG C CA  1 
ATOM   1021 C C   . ARG C 1 22 ? -32.707 6.282   -15.244 1.00 37.67  ? 99   ARG C C   1 
ATOM   1022 O O   . ARG C 1 22 ? -31.739 6.338   -14.493 1.00 37.29  ? 99   ARG C O   1 
ATOM   1023 C CB  . ARG C 1 22 ? -33.330 8.221   -16.703 1.00 39.88  ? 99   ARG C CB  1 
ATOM   1024 N N   . LEU C 1 23 ? -33.858 5.698   -14.910 1.00 35.98  ? 100  LEU C N   1 
ATOM   1025 C CA  . LEU C 1 23 ? -34.050 5.049   -13.624 1.00 29.76  ? 100  LEU C CA  1 
ATOM   1026 C C   . LEU C 1 23 ? -33.167 3.818   -13.464 1.00 34.28  ? 100  LEU C C   1 
ATOM   1027 O O   . LEU C 1 23 ? -32.557 3.605   -12.412 1.00 33.19  ? 100  LEU C O   1 
ATOM   1028 C CB  . LEU C 1 23 ? -35.513 4.669   -13.433 1.00 37.03  ? 100  LEU C CB  1 
ATOM   1029 C CG  . LEU C 1 23 ? -36.495 5.815   -13.156 1.00 36.28  ? 100  LEU C CG  1 
ATOM   1030 C CD1 . LEU C 1 23 ? -37.964 5.345   -13.175 1.00 32.34  ? 100  LEU C CD1 1 
ATOM   1031 C CD2 . LEU C 1 23 ? -36.147 6.468   -11.839 1.00 31.98  ? 100  LEU C CD2 1 
ATOM   1032 N N   . ILE C 1 24 ? -33.102 2.991   -14.497 1.00 36.28  ? 101  ILE C N   1 
ATOM   1033 C CA  . ILE C 1 24 ? -32.258 1.804   -14.431 1.00 34.59  ? 101  ILE C CA  1 
ATOM   1034 C C   . ILE C 1 24 ? -30.803 2.204   -14.231 1.00 34.41  ? 101  ILE C C   1 
ATOM   1035 O O   . ILE C 1 24 ? -30.082 1.604   -13.433 1.00 36.40  ? 101  ILE C O   1 
ATOM   1036 C CB  . ILE C 1 24 ? -32.388 0.932   -15.692 1.00 36.93  ? 101  ILE C CB  1 
ATOM   1037 C CG1 . ILE C 1 24 ? -33.741 0.217   -15.729 1.00 34.27  ? 101  ILE C CG1 1 
ATOM   1038 C CG2 . ILE C 1 24 ? -31.287 -0.100  -15.747 1.00 35.81  ? 101  ILE C CG2 1 
ATOM   1039 C CD1 . ILE C 1 24 ? -34.120 -0.283  -17.108 1.00 28.32  ? 101  ILE C CD1 1 
ATOM   1040 N N   . ASN C 1 25 ? -30.373 3.230   -14.950 1.00 31.71  ? 102  ASN C N   1 
ATOM   1041 C CA  . ASN C 1 25 ? -29.003 3.702   -14.838 1.00 32.33  ? 102  ASN C CA  1 
ATOM   1042 C C   . ASN C 1 25 ? -28.703 4.192   -13.408 1.00 37.14  ? 102  ASN C C   1 
ATOM   1043 O O   . ASN C 1 25 ? -27.602 4.013   -12.877 1.00 34.44  ? 102  ASN C O   1 
ATOM   1044 C CB  . ASN C 1 25 ? -28.744 4.773   -15.894 1.00 33.53  ? 102  ASN C CB  1 
ATOM   1045 C CG  . ASN C 1 25 ? -27.349 5.324   -15.831 1.00 44.25  ? 102  ASN C CG  1 
ATOM   1046 O OD1 . ASN C 1 25 ? -27.152 6.493   -15.478 1.00 47.96  ? 102  ASN C OD1 1 
ATOM   1047 N ND2 . ASN C 1 25 ? -26.362 4.488   -16.160 1.00 41.05  ? 102  ASN C ND2 1 
ATOM   1048 N N   . GLN C 1 26 ? -29.712 4.770   -12.772 1.00 35.35  ? 103  GLN C N   1 
ATOM   1049 C CA  . GLN C 1 26 ? -29.595 5.170   -11.377 1.00 34.61  ? 103  GLN C CA  1 
ATOM   1050 C C   . GLN C 1 26 ? -29.388 3.970   -10.457 1.00 33.21  ? 103  GLN C C   1 
ATOM   1051 O O   . GLN C 1 26 ? -28.543 4.005   -9.571  1.00 35.91  ? 103  GLN C O   1 
ATOM   1052 C CB  . GLN C 1 26 ? -30.818 5.969   -10.946 1.00 33.52  ? 103  GLN C CB  1 
ATOM   1053 C CG  . GLN C 1 26 ? -30.592 6.802   -9.715  1.00 44.54  ? 103  GLN C CG  1 
ATOM   1054 C CD  . GLN C 1 26 ? -31.742 7.762   -9.444  1.00 57.75  ? 103  GLN C CD  1 
ATOM   1055 O OE1 . GLN C 1 26 ? -32.536 8.058   -10.347 1.00 55.22  ? 103  GLN C OE1 1 
ATOM   1056 N NE2 . GLN C 1 26 ? -31.839 8.258   -8.196  1.00 51.49  ? 103  GLN C NE2 1 
ATOM   1057 N N   . VAL C 1 27 ? -30.158 2.910   -10.671 1.00 35.34  ? 104  VAL C N   1 
ATOM   1058 C CA  . VAL C 1 27 ? -29.987 1.665   -9.920  1.00 32.05  ? 104  VAL C CA  1 
ATOM   1059 C C   . VAL C 1 27 ? -28.552 1.160   -10.022 1.00 35.10  ? 104  VAL C C   1 
ATOM   1060 O O   . VAL C 1 27 ? -27.945 0.740   -9.036  1.00 37.81  ? 104  VAL C O   1 
ATOM   1061 C CB  . VAL C 1 27 ? -30.967 0.562   -10.410 1.00 31.84  ? 104  VAL C CB  1 
ATOM   1062 C CG1 . VAL C 1 27 ? -30.581 -0.810  -9.862  1.00 34.46  ? 104  VAL C CG1 1 
ATOM   1063 C CG2 . VAL C 1 27 ? -32.389 0.902   -10.023 1.00 32.13  ? 104  VAL C CG2 1 
ATOM   1064 N N   . MET C 1 28 ? -28.002 1.228   -11.224 1.00 36.50  ? 105  MET C N   1 
ATOM   1065 C CA  . MET C 1 28 ? -26.652 0.741   -11.457 1.00 35.63  ? 105  MET C CA  1 
ATOM   1066 C C   . MET C 1 28 ? -25.543 1.589   -10.873 1.00 37.04  ? 105  MET C C   1 
ATOM   1067 O O   . MET C 1 28 ? -24.539 1.050   -10.434 1.00 42.07  ? 105  MET C O   1 
ATOM   1068 C CB  . MET C 1 28 ? -26.427 0.535   -12.936 1.00 37.56  ? 105  MET C CB  1 
ATOM   1069 C CG  . MET C 1 28 ? -27.224 -0.637  -13.430 1.00 44.80  ? 105  MET C CG  1 
ATOM   1070 S SD  . MET C 1 28 ? -26.656 -1.048  -15.049 1.00 72.44  ? 105  MET C SD  1 
ATOM   1071 C CE  . MET C 1 28 ? -26.746 0.548   -15.835 1.00 45.45  ? 105  MET C CE  1 
ATOM   1072 N N   . GLU C 1 29 ? -25.707 2.906   -10.868 1.00 36.64  ? 106  GLU C N   1 
ATOM   1073 C CA  . GLU C 1 29 ? -24.750 3.754   -10.179 1.00 37.10  ? 106  GLU C CA  1 
ATOM   1074 C C   . GLU C 1 29 ? -24.737 3.394   -8.697  1.00 37.05  ? 106  GLU C C   1 
ATOM   1075 O O   . GLU C 1 29 ? -23.678 3.253   -8.092  1.00 38.21  ? 106  GLU C O   1 
ATOM   1076 C CB  . GLU C 1 29 ? -25.082 5.231   -10.390 1.00 42.86  ? 106  GLU C CB  1 
ATOM   1077 C CG  . GLU C 1 29 ? -24.876 5.705   -11.828 1.00 46.67  ? 106  GLU C CG  1 
ATOM   1078 C CD  . GLU C 1 29 ? -25.412 7.109   -12.074 1.00 61.50  ? 106  GLU C CD  1 
ATOM   1079 O OE1 . GLU C 1 29 ? -26.440 7.482   -11.457 1.00 57.66  ? 106  GLU C OE1 1 
ATOM   1080 O OE2 . GLU C 1 29 ? -24.799 7.842   -12.886 1.00 70.73  ? 106  GLU C OE2 1 
ATOM   1081 N N   . LEU C 1 30 ? -25.919 3.210   -8.124  1.00 34.56  ? 107  LEU C N   1 
ATOM   1082 C CA  . LEU C 1 30 ? -26.022 2.806   -6.732  1.00 35.00  ? 107  LEU C CA  1 
ATOM   1083 C C   . LEU C 1 30 ? -25.380 1.432   -6.441  1.00 41.21  ? 107  LEU C C   1 
ATOM   1084 O O   . LEU C 1 30 ? -24.677 1.268   -5.442  1.00 39.69  ? 107  LEU C O   1 
ATOM   1085 C CB  . LEU C 1 30 ? -27.472 2.854   -6.276  1.00 34.21  ? 107  LEU C CB  1 
ATOM   1086 C CG  . LEU C 1 30 ? -27.992 4.267   -6.024  1.00 35.01  ? 107  LEU C CG  1 
ATOM   1087 C CD1 . LEU C 1 30 ? -29.520 4.272   -5.917  1.00 32.11  ? 107  LEU C CD1 1 
ATOM   1088 C CD2 . LEU C 1 30 ? -27.373 4.798   -4.748  1.00 35.59  ? 107  LEU C CD2 1 
ATOM   1089 N N   . GLN C 1 31 ? -25.595 0.456   -7.318  1.00 40.31  ? 108  GLN C N   1 
ATOM   1090 C CA  . GLN C 1 31 ? -24.990 -0.864  -7.133  1.00 39.46  ? 108  GLN C CA  1 
ATOM   1091 C C   . GLN C 1 31 ? -23.470 -0.816  -7.181  1.00 42.86  ? 108  GLN C C   1 
ATOM   1092 O O   . GLN C 1 31 ? -22.798 -1.530  -6.444  1.00 46.20  ? 108  GLN C O   1 
ATOM   1093 C CB  . GLN C 1 31 ? -25.551 -1.878  -8.132  1.00 36.50  ? 108  GLN C CB  1 
ATOM   1094 C CG  . GLN C 1 31 ? -26.899 -2.429  -7.673  1.00 44.52  ? 108  GLN C CG  1 
ATOM   1095 C CD  . GLN C 1 31 ? -27.673 -3.187  -8.739  1.00 49.65  ? 108  GLN C CD  1 
ATOM   1096 O OE1 . GLN C 1 31 ? -27.390 -3.083  -9.933  1.00 52.91  ? 108  GLN C OE1 1 
ATOM   1097 N NE2 . GLN C 1 31 ? -28.677 -3.948  -8.303  1.00 53.25  ? 108  GLN C NE2 1 
ATOM   1098 N N   . HIS C 1 32 ? -22.942 0.045   -8.042  1.00 43.18  ? 109  HIS C N   1 
ATOM   1099 C CA  . HIS C 1 32 ? -21.511 0.253   -8.139  1.00 43.45  ? 109  HIS C CA  1 
ATOM   1100 C C   . HIS C 1 32 ? -20.970 0.914   -6.868  1.00 49.95  ? 109  HIS C C   1 
ATOM   1101 O O   . HIS C 1 32 ? -20.017 0.419   -6.278  1.00 51.72  ? 109  HIS C O   1 
ATOM   1102 C CB  . HIS C 1 32 ? -21.174 1.096   -9.376  1.00 46.37  ? 109  HIS C CB  1 
ATOM   1103 C CG  . HIS C 1 32 ? -19.694 1.296   -9.579  1.00 61.31  ? 109  HIS C CG  1 
ATOM   1104 N ND1 . HIS C 1 32 ? -18.813 0.250   -9.677  1.00 64.41  ? 109  HIS C ND1 1 
ATOM   1105 C CD2 . HIS C 1 32 ? -18.962 2.433   -9.683  1.00 57.09  ? 109  HIS C CD2 1 
ATOM   1106 C CE1 . HIS C 1 32 ? -17.586 0.726   -9.846  1.00 66.55  ? 109  HIS C CE1 1 
ATOM   1107 N NE2 . HIS C 1 32 ? -17.651 2.041   -9.852  1.00 69.07  ? 109  HIS C NE2 1 
ATOM   1108 N N   . THR C 1 33 ? -21.578 2.030   -6.458  1.00 46.77  ? 110  THR C N   1 
ATOM   1109 C CA  . THR C 1 33 ? -21.233 2.688   -5.199  1.00 45.47  ? 110  THR C CA  1 
ATOM   1110 C C   . THR C 1 33 ? -21.252 1.694   -4.035  1.00 49.61  ? 110  THR C C   1 
ATOM   1111 O O   . THR C 1 33 ? -20.392 1.719   -3.160  1.00 56.66  ? 110  THR C O   1 
ATOM   1112 C CB  . THR C 1 33 ? -22.202 3.853   -4.874  1.00 46.05  ? 110  THR C CB  1 
ATOM   1113 O OG1 . THR C 1 33 ? -22.047 4.898   -5.841  1.00 43.51  ? 110  THR C OG1 1 
ATOM   1114 C CG2 . THR C 1 33 ? -21.922 4.427   -3.487  1.00 41.47  ? 110  THR C CG2 1 
ATOM   1115 N N   . LEU C 1 34 ? -22.233 0.806   -4.043  1.00 49.16  ? 111  LEU C N   1 
ATOM   1116 C CA  . LEU C 1 34 ? -22.403 -0.152  -2.967  1.00 50.08  ? 111  LEU C CA  1 
ATOM   1117 C C   . LEU C 1 34 ? -21.305 -1.203  -2.972  1.00 54.86  ? 111  LEU C C   1 
ATOM   1118 O O   . LEU C 1 34 ? -20.901 -1.686  -1.919  1.00 63.31  ? 111  LEU C O   1 
ATOM   1119 C CB  . LEU C 1 34 ? -23.757 -0.842  -3.084  1.00 48.72  ? 111  LEU C CB  1 
ATOM   1120 C CG  . LEU C 1 34 ? -24.214 -1.508  -1.793  1.00 58.57  ? 111  LEU C CG  1 
ATOM   1121 C CD1 . LEU C 1 34 ? -24.883 -0.468  -0.918  1.00 63.68  ? 111  LEU C CD1 1 
ATOM   1122 C CD2 . LEU C 1 34 ? -25.143 -2.688  -2.050  1.00 60.71  ? 111  LEU C CD2 1 
ATOM   1123 N N   . GLU C 1 35 ? -20.838 -1.577  -4.156  1.00 52.27  ? 112  GLU C N   1 
ATOM   1124 C CA  . GLU C 1 35 ? -19.784 -2.572  -4.259  1.00 53.58  ? 112  GLU C CA  1 
ATOM   1125 C C   . GLU C 1 35 ? -18.452 -1.983  -3.790  1.00 57.90  ? 112  GLU C C   1 
ATOM   1126 O O   . GLU C 1 35 ? -17.723 -2.611  -3.022  1.00 60.05  ? 112  GLU C O   1 
ATOM   1127 C CB  . GLU C 1 35 ? -19.682 -3.110  -5.680  1.00 47.77  ? 112  GLU C CB  1 
ATOM   1128 N N   . ASP C 1 36 ? -18.152 -0.765  -4.235  1.00 56.32  ? 113  ASP C N   1 
ATOM   1129 C CA  . ASP C 1 36 ? -16.945 -0.063  -3.808  1.00 57.88  ? 113  ASP C CA  1 
ATOM   1130 C C   . ASP C 1 36 ? -16.929 0.185   -2.300  1.00 64.19  ? 113  ASP C C   1 
ATOM   1131 O O   . ASP C 1 36 ? -15.870 0.370   -1.701  1.00 68.28  ? 113  ASP C O   1 
ATOM   1132 C CB  . ASP C 1 36 ? -16.794 1.273   -4.551  1.00 51.15  ? 113  ASP C CB  1 
ATOM   1133 C CG  . ASP C 1 36 ? -16.439 1.098   -6.032  1.00 68.83  ? 113  ASP C CG  1 
ATOM   1134 O OD1 . ASP C 1 36 ? -16.097 -0.036  -6.455  1.00 70.08  ? 113  ASP C OD1 1 
ATOM   1135 O OD2 . ASP C 1 36 ? -16.490 2.107   -6.776  1.00 70.47  ? 113  ASP C OD2 1 
ATOM   1136 N N   . LEU C 1 37 ? -18.113 0.189   -1.694  1.00 68.15  ? 114  LEU C N   1 
ATOM   1137 C CA  . LEU C 1 37 ? -18.262 0.532   -0.284  1.00 64.63  ? 114  LEU C CA  1 
ATOM   1138 C C   . LEU C 1 37 ? -18.161 -0.707  0.596   1.00 64.42  ? 114  LEU C C   1 
ATOM   1139 O O   . LEU C 1 37 ? -17.693 -0.632  1.725   1.00 64.14  ? 114  LEU C O   1 
ATOM   1140 C CB  . LEU C 1 37 ? -19.590 1.252   -0.039  1.00 62.38  ? 114  LEU C CB  1 
ATOM   1141 C CG  . LEU C 1 37 ? -19.768 1.879   1.348   1.00 69.54  ? 114  LEU C CG  1 
ATOM   1142 C CD1 . LEU C 1 37 ? -18.654 2.880   1.619   1.00 75.12  ? 114  LEU C CD1 1 
ATOM   1143 C CD2 . LEU C 1 37 ? -21.121 2.554   1.494   1.00 72.12  ? 114  LEU C CD2 1 
ATOM   1144 N N   . SER C 1 38 ? -18.603 -1.846  0.077   1.00 63.57  ? 115  SER C N   1 
ATOM   1145 C CA  . SER C 1 38 ? -18.437 -3.106  0.790   1.00 66.61  ? 115  SER C CA  1 
ATOM   1146 C C   . SER C 1 38 ? -16.967 -3.497  0.821   1.00 68.68  ? 115  SER C C   1 
ATOM   1147 O O   . SER C 1 38 ? -16.524 -4.216  1.716   1.00 70.75  ? 115  SER C O   1 
ATOM   1148 C CB  . SER C 1 38 ? -19.243 -4.209  0.120   1.00 62.15  ? 115  SER C CB  1 
ATOM   1149 O OG  . SER C 1 38 ? -20.624 -3.957  0.259   1.00 78.98  ? 115  SER C OG  1 
ATOM   1150 N N   . ALA C 1 39 ? -16.219 -3.031  -0.171  1.00 64.51  ? 116  ALA C N   1 
ATOM   1151 C CA  . ALA C 1 39 ? -14.794 -3.293  -0.218  1.00 61.92  ? 116  ALA C CA  1 
ATOM   1152 C C   . ALA C 1 39 ? -14.099 -2.402  0.813   1.00 63.67  ? 116  ALA C C   1 
ATOM   1153 O O   . ALA C 1 39 ? -13.259 -2.874  1.575   1.00 63.25  ? 116  ALA C O   1 
ATOM   1154 C CB  . ALA C 1 39 ? -14.244 -3.061  -1.625  1.00 50.17  ? 116  ALA C CB  1 
ATOM   1155 N N   . ARG C 1 40 ? -14.465 -1.123  0.848   1.00 61.88  ? 117  ARG C N   1 
ATOM   1156 C CA  . ARG C 1 40 ? -13.945 -0.217  1.868   1.00 60.11  ? 117  ARG C CA  1 
ATOM   1157 C C   . ARG C 1 40 ? -14.325 -0.685  3.273   1.00 60.15  ? 117  ARG C C   1 
ATOM   1158 O O   . ARG C 1 40 ? -13.602 -0.423  4.218   1.00 63.42  ? 117  ARG C O   1 
ATOM   1159 C CB  . ARG C 1 40 ? -14.399 1.230   1.624   1.00 51.80  ? 117  ARG C CB  1 
ATOM   1160 N N   . VAL C 1 41 ? -15.448 -1.389  3.403   1.00 66.96  ? 118  VAL C N   1 
ATOM   1161 C CA  . VAL C 1 41 ? -15.856 -1.974  4.685   1.00 63.76  ? 118  VAL C CA  1 
ATOM   1162 C C   . VAL C 1 41 ? -14.939 -3.113  5.070   1.00 63.23  ? 118  VAL C C   1 
ATOM   1163 O O   . VAL C 1 41 ? -14.327 -3.087  6.135   1.00 69.73  ? 118  VAL C O   1 
ATOM   1164 C CB  . VAL C 1 41 ? -17.318 -2.504  4.659   1.00 70.37  ? 118  VAL C CB  1 
ATOM   1165 C CG1 . VAL C 1 41 ? -17.533 -3.622  5.687   1.00 67.09  ? 118  VAL C CG1 1 
ATOM   1166 C CG2 . VAL C 1 41 ? -18.286 -1.385  4.923   1.00 70.62  ? 118  VAL C CG2 1 
ATOM   1167 N N   . ASP C 1 42 ? -14.851 -4.115  4.202   1.00 61.23  ? 119  ASP C N   1 
ATOM   1168 C CA  . ASP C 1 42 ? -14.048 -5.291  4.485   1.00 62.85  ? 119  ASP C CA  1 
ATOM   1169 C C   . ASP C 1 42 ? -12.585 -4.910  4.760   1.00 58.33  ? 119  ASP C C   1 
ATOM   1170 O O   . ASP C 1 42 ? -11.932 -5.519  5.602   1.00 58.39  ? 119  ASP C O   1 
ATOM   1171 C CB  . ASP C 1 42 ? -14.161 -6.303  3.345   1.00 58.03  ? 119  ASP C CB  1 
ATOM   1172 N N   . ALA C 1 43 ? -12.090 -3.881  4.078   1.00 51.39  ? 120  ALA C N   1 
ATOM   1173 C CA  . ALA C 1 43 ? -10.713 -3.433  4.265   1.00 54.69  ? 120  ALA C CA  1 
ATOM   1174 C C   . ALA C 1 43 ? -10.471 -2.862  5.665   1.00 59.26  ? 120  ALA C C   1 
ATOM   1175 O O   . ALA C 1 43 ? -9.462  -3.155  6.299   1.00 55.02  ? 120  ALA C O   1 
ATOM   1176 C CB  . ALA C 1 43 ? -10.323 -2.408  3.196   1.00 42.02  ? 120  ALA C CB  1 
ATOM   1177 N N   . VAL C 1 44 ? -11.397 -2.038  6.137   1.00 60.26  ? 121  VAL C N   1 
ATOM   1178 C CA  . VAL C 1 44 ? -11.261 -1.427  7.449   1.00 59.23  ? 121  VAL C CA  1 
ATOM   1179 C C   . VAL C 1 44 ? -11.484 -2.455  8.572   1.00 56.45  ? 121  VAL C C   1 
ATOM   1180 O O   . VAL C 1 44 ? -10.891 -2.345  9.638   1.00 57.61  ? 121  VAL C O   1 
ATOM   1181 C CB  . VAL C 1 44 ? -12.184 -0.183  7.599   1.00 62.49  ? 121  VAL C CB  1 
ATOM   1182 C CG1 . VAL C 1 44 ? -12.015 0.475   8.963   1.00 62.01  ? 121  VAL C CG1 1 
ATOM   1183 C CG2 . VAL C 1 44 ? -11.869 0.834   6.523   1.00 55.49  ? 121  VAL C CG2 1 
ATOM   1184 N N   . LYS C 1 45 ? -12.317 -3.463  8.334   1.00 55.99  ? 122  LYS C N   1 
ATOM   1185 C CA  . LYS C 1 45 ? -12.482 -4.535  9.319   1.00 57.98  ? 122  LYS C CA  1 
ATOM   1186 C C   . LYS C 1 45 ? -11.257 -5.448  9.352   1.00 58.33  ? 122  LYS C C   1 
ATOM   1187 O O   . LYS C 1 45 ? -10.997 -6.141  10.344  1.00 54.22  ? 122  LYS C O   1 
ATOM   1188 C CB  . LYS C 1 45 ? -13.748 -5.356  9.045   1.00 59.04  ? 122  LYS C CB  1 
ATOM   1189 C CG  . LYS C 1 45 ? -15.043 -4.590  9.299   1.00 63.85  ? 122  LYS C CG  1 
ATOM   1190 C CD  . LYS C 1 45 ? -16.241 -5.512  9.481   1.00 66.68  ? 122  LYS C CD  1 
ATOM   1191 C CE  . LYS C 1 45 ? -16.659 -6.157  8.167   1.00 77.69  ? 122  LYS C CE  1 
ATOM   1192 N NZ  . LYS C 1 45 ? -17.850 -7.041  8.315   1.00 77.93  ? 122  LYS C NZ  1 
ATOM   1193 N N   . GLU C 1 46 ? -10.515 -5.444  8.251   1.00 57.60  ? 123  GLU C N   1 
ATOM   1194 C CA  . GLU C 1 46 ? -9.307  -6.241  8.129   1.00 56.75  ? 123  GLU C CA  1 
ATOM   1195 C C   . GLU C 1 46 ? -8.188  -5.562  8.907   1.00 55.34  ? 123  GLU C C   1 
ATOM   1196 O O   . GLU C 1 46 ? -7.425  -6.210  9.617   1.00 52.60  ? 123  GLU C O   1 
ATOM   1197 C CB  . GLU C 1 46 ? -8.927  -6.411  6.653   1.00 59.53  ? 123  GLU C CB  1 
ATOM   1198 C CG  . GLU C 1 46 ? -7.692  -7.268  6.390   1.00 68.20  ? 123  GLU C CG  1 
ATOM   1199 C CD  . GLU C 1 46 ? -7.816  -8.694  6.932   1.00 83.04  ? 123  GLU C CD  1 
ATOM   1200 O OE1 . GLU C 1 46 ? -8.886  -9.323  6.745   1.00 80.13  ? 123  GLU C OE1 1 
ATOM   1201 O OE2 . GLU C 1 46 ? -6.838  -9.181  7.550   1.00 84.15  ? 123  GLU C OE2 1 
ATOM   1202 N N   . GLU C 1 47 ? -8.102  -4.244  8.781   1.00 53.86  ? 124  GLU C N   1 
ATOM   1203 C CA  . GLU C 1 47 ? -7.090  -3.497  9.497   1.00 50.78  ? 124  GLU C CA  1 
ATOM   1204 C C   . GLU C 1 47 ? -7.449  -3.501  10.972  1.00 50.31  ? 124  GLU C C   1 
ATOM   1205 O O   . GLU C 1 47 ? -6.592  -3.374  11.841  1.00 52.78  ? 124  GLU C O   1 
ATOM   1206 C CB  . GLU C 1 47 ? -6.979  -2.075  8.964   1.00 52.64  ? 124  GLU C CB  1 
ATOM   1207 C CG  . GLU C 1 47 ? -5.819  -1.295  9.563   1.00 65.68  ? 124  GLU C CG  1 
ATOM   1208 C CD  . GLU C 1 47 ? -5.629  0.067   8.914   1.00 78.54  ? 124  GLU C CD  1 
ATOM   1209 O OE1 . GLU C 1 47 ? -5.233  0.107   7.727   1.00 87.49  ? 124  GLU C OE1 1 
ATOM   1210 O OE2 . GLU C 1 47 ? -5.872  1.096   9.587   1.00 75.60  ? 124  GLU C OE2 1 
ATOM   1211 N N   . ASN C 1 48 ? -8.728  -3.698  11.243  1.00 48.62  ? 125  ASN C N   1 
ATOM   1212 C CA  . ASN C 1 48 ? -9.235  -3.716  12.599  1.00 47.24  ? 125  ASN C CA  1 
ATOM   1213 C C   . ASN C 1 48 ? -8.798  -4.957  13.363  1.00 47.43  ? 125  ASN C C   1 
ATOM   1214 O O   . ASN C 1 48 ? -8.459  -4.888  14.537  1.00 46.53  ? 125  ASN C O   1 
ATOM   1215 C CB  . ASN C 1 48 ? -10.754 -3.653  12.557  1.00 57.60  ? 125  ASN C CB  1 
ATOM   1216 C CG  . ASN C 1 48 ? -11.331 -2.768  13.635  1.00 68.30  ? 125  ASN C CG  1 
ATOM   1217 O OD1 . ASN C 1 48 ? -11.856 -3.268  14.644  1.00 64.48  ? 125  ASN C OD1 1 
ATOM   1218 N ND2 . ASN C 1 48 ? -11.259 -1.440  13.427  1.00 53.99  ? 125  ASN C ND2 1 
ATOM   1219 N N   . LEU C 1 49 ? -8.812  -6.104  12.697  1.00 49.86  ? 126  LEU C N   1 
ATOM   1220 C CA  . LEU C 1 49 ? -8.406  -7.339  13.351  1.00 46.00  ? 126  LEU C CA  1 
ATOM   1221 C C   . LEU C 1 49 ? -6.896  -7.393  13.610  1.00 45.16  ? 126  LEU C C   1 
ATOM   1222 O O   . LEU C 1 49 ? -6.463  -7.895  14.641  1.00 40.94  ? 126  LEU C O   1 
ATOM   1223 C CB  . LEU C 1 49 ? -8.833  -8.540  12.523  1.00 48.68  ? 126  LEU C CB  1 
ATOM   1224 C CG  . LEU C 1 49 ? -10.329 -8.805  12.430  1.00 57.09  ? 126  LEU C CG  1 
ATOM   1225 C CD1 . LEU C 1 49 ? -10.535 -10.178 11.808  1.00 54.03  ? 126  LEU C CD1 1 
ATOM   1226 C CD2 . LEU C 1 49 ? -11.014 -8.694  13.799  1.00 53.08  ? 126  LEU C CD2 1 
ATOM   1227 N N   . LYS C 1 50 ? -6.108  -6.892  12.661  1.00 39.27  ? 127  LYS C N   1 
ATOM   1228 C CA  . LYS C 1 50 ? -4.675  -6.772  12.843  1.00 40.54  ? 127  LYS C CA  1 
ATOM   1229 C C   . LYS C 1 50 ? -4.355  -5.905  14.058  1.00 44.45  ? 127  LYS C C   1 
ATOM   1230 O O   . LYS C 1 50 ? -3.483  -6.250  14.858  1.00 43.00  ? 127  LYS C O   1 
ATOM   1231 C CB  . LYS C 1 50 ? -4.017  -6.200  11.591  1.00 42.51  ? 127  LYS C CB  1 
ATOM   1232 C CG  . LYS C 1 50 ? -3.983  -7.151  10.415  1.00 46.29  ? 127  LYS C CG  1 
ATOM   1233 C CD  . LYS C 1 50 ? -3.450  -6.439  9.170   1.00 59.57  ? 127  LYS C CD  1 
ATOM   1234 C CE  . LYS C 1 50 ? -3.710  -7.240  7.884   1.00 66.61  ? 127  LYS C CE  1 
ATOM   1235 N NZ  . LYS C 1 50 ? -3.061  -8.586  7.894   1.00 67.27  ? 127  LYS C NZ  1 
ATOM   1236 N N   . LEU C 1 51 ? -5.073  -4.790  14.196  1.00 46.18  ? 128  LEU C N   1 
ATOM   1237 C CA  . LEU C 1 51 ? -4.915  -3.905  15.350  1.00 42.53  ? 128  LEU C CA  1 
ATOM   1238 C C   . LEU C 1 51 ? -5.293  -4.546  16.701  1.00 40.83  ? 128  LEU C C   1 
ATOM   1239 O O   . LEU C 1 51 ? -4.586  -4.360  17.681  1.00 40.53  ? 128  LEU C O   1 
ATOM   1240 C CB  . LEU C 1 51 ? -5.676  -2.595  15.141  1.00 45.75  ? 128  LEU C CB  1 
ATOM   1241 C CG  . LEU C 1 51 ? -5.104  -1.596  14.125  1.00 47.34  ? 128  LEU C CG  1 
ATOM   1242 C CD1 . LEU C 1 51 ? -6.105  -0.473  13.866  1.00 45.45  ? 128  LEU C CD1 1 
ATOM   1243 C CD2 . LEU C 1 51 ? -3.755  -1.016  14.566  1.00 44.83  ? 128  LEU C CD2 1 
ATOM   1244 N N   . LYS C 1 52 ? -6.390  -5.296  16.770  1.00 37.66  ? 129  LYS C N   1 
ATOM   1245 C CA  . LYS C 1 52 ? -6.719  -5.995  18.017  1.00 38.89  ? 129  LYS C CA  1 
ATOM   1246 C C   . LYS C 1 52 ? -5.646  -7.023  18.367  1.00 41.40  ? 129  LYS C C   1 
ATOM   1247 O O   . LYS C 1 52 ? -5.261  -7.181  19.529  1.00 40.67  ? 129  LYS C O   1 
ATOM   1248 C CB  . LYS C 1 52 ? -8.080  -6.688  17.941  1.00 35.95  ? 129  LYS C CB  1 
ATOM   1249 C CG  . LYS C 1 52 ? -9.264  -5.743  17.864  1.00 45.61  ? 129  LYS C CG  1 
ATOM   1250 C CD  . LYS C 1 52 ? -10.571 -6.483  18.167  1.00 60.40  ? 129  LYS C CD  1 
ATOM   1251 C CE  . LYS C 1 52 ? -11.782 -5.537  18.214  1.00 67.00  ? 129  LYS C CE  1 
ATOM   1252 N NZ  . LYS C 1 52 ? -12.265 -5.129  16.852  1.00 68.80  ? 129  LYS C NZ  1 
ATOM   1253 N N   . SER C 1 53 ? -5.174  -7.728  17.347  1.00 38.73  ? 130  SER C N   1 
ATOM   1254 C CA  . SER C 1 53 ? -4.134  -8.714  17.522  1.00 36.55  ? 130  SER C CA  1 
ATOM   1255 C C   . SER C 1 53 ? -2.899  -8.068  18.117  1.00 39.23  ? 130  SER C C   1 
ATOM   1256 O O   . SER C 1 53 ? -2.376  -8.527  19.133  1.00 36.99  ? 130  SER C O   1 
ATOM   1257 C CB  . SER C 1 53 ? -3.781  -9.351  16.184  1.00 39.14  ? 130  SER C CB  1 
ATOM   1258 O OG  . SER C 1 53 ? -4.809  -10.229 15.783  1.00 51.68  ? 130  SER C OG  1 
ATOM   1259 N N   . GLU C 1 54 ? -2.434  -6.995  17.488  1.00 35.30  ? 131  GLU C N   1 
ATOM   1260 C CA  . GLU C 1 54 ? -1.242  -6.354  17.980  1.00 36.72  ? 131  GLU C CA  1 
ATOM   1261 C C   . GLU C 1 54 ? -1.442  -5.856  19.413  1.00 33.17  ? 131  GLU C C   1 
ATOM   1262 O O   . GLU C 1 54 ? -0.587  -6.049  20.259  1.00 34.93  ? 131  GLU C O   1 
ATOM   1263 C CB  . GLU C 1 54 ? -0.776  -5.245  17.053  1.00 43.40  ? 131  GLU C CB  1 
ATOM   1264 C CG  . GLU C 1 54 ? 0.644   -4.829  17.358  1.00 45.55  ? 131  GLU C CG  1 
ATOM   1265 C CD  . GLU C 1 54 ? 1.113   -3.673  16.515  1.00 58.01  ? 131  GLU C CD  1 
ATOM   1266 O OE1 . GLU C 1 54 ? 0.922   -2.511  16.944  1.00 60.71  ? 131  GLU C OE1 1 
ATOM   1267 O OE2 . GLU C 1 54 ? 1.677   -3.929  15.427  1.00 63.21  ? 131  GLU C OE2 1 
ATOM   1268 N N   . ASN C 1 55 ? -2.592  -5.261  19.680  1.00 36.13  ? 132  ASN C N   1 
ATOM   1269 C CA  . ASN C 1 55 ? -2.999  -4.864  21.025  1.00 34.97  ? 132  ASN C CA  1 
ATOM   1270 C C   . ASN C 1 55 ? -2.888  -5.941  22.075  1.00 35.28  ? 132  ASN C C   1 
ATOM   1271 O O   . ASN C 1 55 ? -2.395  -5.698  23.175  1.00 36.57  ? 132  ASN C O   1 
ATOM   1272 C CB  . ASN C 1 55 ? -4.466  -4.463  20.992  1.00 42.69  ? 132  ASN C CB  1 
ATOM   1273 C CG  . ASN C 1 55 ? -4.666  -3.002  21.188  1.00 54.38  ? 132  ASN C CG  1 
ATOM   1274 O OD1 . ASN C 1 55 ? -3.966  -2.163  20.574  1.00 46.48  ? 132  ASN C OD1 1 
ATOM   1275 N ND2 . ASN C 1 55 ? -5.623  -2.664  22.062  1.00 51.64  ? 132  ASN C ND2 1 
ATOM   1276 N N   . GLN C 1 56 ? -3.420  -7.115  21.754  1.00 33.82  ? 133  GLN C N   1 
ATOM   1277 C CA  . GLN C 1 56 ? -3.466  -8.199  22.710  1.00 32.68  ? 133  GLN C CA  1 
ATOM   1278 C C   . GLN C 1 56 ? -2.034  -8.610  23.036  1.00 28.72  ? 133  GLN C C   1 
ATOM   1279 O O   . GLN C 1 56 ? -1.676  -8.824  24.191  1.00 31.57  ? 133  GLN C O   1 
ATOM   1280 C CB  . GLN C 1 56 ? -4.260  -9.380  22.139  1.00 40.67  ? 133  GLN C CB  1 
ATOM   1281 C CG  . GLN C 1 56 ? -4.581  -10.490 23.158  1.00 48.77  ? 133  GLN C CG  1 
ATOM   1282 C CD  . GLN C 1 56 ? -4.935  -11.824 22.497  1.00 60.50  ? 133  GLN C CD  1 
ATOM   1283 O OE1 . GLN C 1 56 ? -4.698  -12.023 21.297  1.00 59.33  ? 133  GLN C OE1 1 
ATOM   1284 N NE2 . GLN C 1 56 ? -5.500  -12.744 23.281  1.00 53.69  ? 133  GLN C NE2 1 
ATOM   1285 N N   . VAL C 1 57 ? -1.205  -8.673  22.010  1.00 25.21  ? 134  VAL C N   1 
ATOM   1286 C CA  . VAL C 1 57 ? 0.184   -9.056  22.183  1.00 28.83  ? 134  VAL C CA  1 
ATOM   1287 C C   . VAL C 1 57 ? 1.011   -8.013  22.963  1.00 30.39  ? 134  VAL C C   1 
ATOM   1288 O O   . VAL C 1 57 ? 1.751   -8.362  23.884  1.00 34.43  ? 134  VAL C O   1 
ATOM   1289 C CB  . VAL C 1 57 ? 0.816   -9.459  20.826  1.00 32.55  ? 134  VAL C CB  1 
ATOM   1290 C CG1 . VAL C 1 57 ? 2.324   -9.406  20.887  1.00 33.30  ? 134  VAL C CG1 1 
ATOM   1291 C CG2 . VAL C 1 57 ? 0.342   -10.863 20.416  1.00 24.57  ? 134  VAL C CG2 1 
ATOM   1292 N N   . LEU C 1 58 ? 0.859   -6.741  22.619  1.00 30.53  ? 135  LEU C N   1 
ATOM   1293 C CA  . LEU C 1 58 ? 1.442   -5.651  23.405  1.00 31.79  ? 135  LEU C CA  1 
ATOM   1294 C C   . LEU C 1 58 ? 0.984   -5.684  24.867  1.00 32.76  ? 135  LEU C C   1 
ATOM   1295 O O   . LEU C 1 58 ? 1.814   -5.627  25.771  1.00 31.19  ? 135  LEU C O   1 
ATOM   1296 C CB  . LEU C 1 58 ? 1.131   -4.282  22.779  1.00 29.64  ? 135  LEU C CB  1 
ATOM   1297 C CG  . LEU C 1 58 ? 1.733   -4.036  21.387  1.00 36.00  ? 135  LEU C CG  1 
ATOM   1298 C CD1 . LEU C 1 58 ? 1.424   -2.644  20.830  1.00 35.86  ? 135  LEU C CD1 1 
ATOM   1299 C CD2 . LEU C 1 58 ? 3.227   -4.284  21.368  1.00 30.37  ? 135  LEU C CD2 1 
ATOM   1300 N N   . GLY C 1 59 ? -0.328  -5.783  25.092  1.00 31.62  ? 136  GLY C N   1 
ATOM   1301 C CA  . GLY C 1 59 ? -0.884  -5.748  26.435  1.00 28.34  ? 136  GLY C CA  1 
ATOM   1302 C C   . GLY C 1 59 ? -0.489  -6.936  27.285  1.00 35.71  ? 136  GLY C C   1 
ATOM   1303 O O   . GLY C 1 59 ? -0.207  -6.802  28.471  1.00 37.87  ? 136  GLY C O   1 
ATOM   1304 N N   . GLN C 1 60 ? -0.472  -8.114  26.675  1.00 34.52  ? 137  GLN C N   1 
ATOM   1305 C CA  . GLN C 1 60 ? -0.079  -9.329  27.374  1.00 39.10  ? 137  GLN C CA  1 
ATOM   1306 C C   . GLN C 1 60 ? 1.370   -9.271  27.863  1.00 38.34  ? 137  GLN C C   1 
ATOM   1307 O O   . GLN C 1 60 ? 1.681   -9.720  28.959  1.00 38.21  ? 137  GLN C O   1 
ATOM   1308 C CB  . GLN C 1 60 ? -0.250  -10.529 26.448  1.00 45.06  ? 137  GLN C CB  1 
ATOM   1309 C CG  . GLN C 1 60 ? 0.303   -11.820 27.008  1.00 49.50  ? 137  GLN C CG  1 
ATOM   1310 C CD  . GLN C 1 60 ? -0.655  -12.464 27.972  1.00 57.59  ? 137  GLN C CD  1 
ATOM   1311 O OE1 . GLN C 1 60 ? -0.464  -12.395 29.191  1.00 62.24  ? 137  GLN C OE1 1 
ATOM   1312 N NE2 . GLN C 1 60 ? -1.710  -13.086 27.434  1.00 57.16  ? 137  GLN C NE2 1 
ATOM   1313 N N   . TYR C 1 61 ? 2.251   -8.722  27.034  1.00 33.15  ? 138  TYR C N   1 
ATOM   1314 C CA  . TYR C 1 61 ? 3.646   -8.574  27.400  1.00 29.92  ? 138  TYR C CA  1 
ATOM   1315 C C   . TYR C 1 61 ? 3.799   -7.647  28.585  1.00 35.81  ? 138  TYR C C   1 
ATOM   1316 O O   . TYR C 1 61 ? 4.635   -7.868  29.441  1.00 38.24  ? 138  TYR C O   1 
ATOM   1317 C CB  . TYR C 1 61 ? 4.438   -8.013  26.231  1.00 30.07  ? 138  TYR C CB  1 
ATOM   1318 C CG  . TYR C 1 61 ? 5.845   -7.675  26.604  1.00 34.99  ? 138  TYR C CG  1 
ATOM   1319 C CD1 . TYR C 1 61 ? 6.828   -8.669  26.664  1.00 36.47  ? 138  TYR C CD1 1 
ATOM   1320 C CD2 . TYR C 1 61 ? 6.209   -6.363  26.905  1.00 34.18  ? 138  TYR C CD2 1 
ATOM   1321 C CE1 . TYR C 1 61 ? 8.145   -8.362  27.013  1.00 35.61  ? 138  TYR C CE1 1 
ATOM   1322 C CE2 . TYR C 1 61 ? 7.516   -6.042  27.263  1.00 38.56  ? 138  TYR C CE2 1 
ATOM   1323 C CZ  . TYR C 1 61 ? 8.484   -7.046  27.315  1.00 41.51  ? 138  TYR C CZ  1 
ATOM   1324 O OH  . TYR C 1 61 ? 9.780   -6.729  27.655  1.00 38.66  ? 138  TYR C OH  1 
ATOM   1325 N N   . ILE C 1 62 ? 2.994   -6.594  28.627  1.00 34.15  ? 139  ILE C N   1 
ATOM   1326 C CA  . ILE C 1 62 ? 3.075   -5.645  29.717  1.00 34.88  ? 139  ILE C CA  1 
ATOM   1327 C C   . ILE C 1 62 ? 2.558   -6.272  31.017  1.00 40.55  ? 139  ILE C C   1 
ATOM   1328 O O   . ILE C 1 62 ? 3.152   -6.088  32.083  1.00 46.42  ? 139  ILE C O   1 
ATOM   1329 C CB  . ILE C 1 62 ? 2.359   -4.323  29.359  1.00 39.12  ? 139  ILE C CB  1 
ATOM   1330 C CG1 . ILE C 1 62 ? 3.077   -3.650  28.183  1.00 32.67  ? 139  ILE C CG1 1 
ATOM   1331 C CG2 . ILE C 1 62 ? 2.306   -3.373  30.552  1.00 33.30  ? 139  ILE C CG2 1 
ATOM   1332 C CD1 . ILE C 1 62 ? 2.411   -2.374  27.704  1.00 30.75  ? 139  ILE C CD1 1 
ATOM   1333 N N   . GLU C 1 63 ? 1.482   -7.046  30.930  1.00 41.02  ? 140  GLU C N   1 
ATOM   1334 C CA  . GLU C 1 63 ? 0.984   -7.782  32.097  1.00 44.92  ? 140  GLU C CA  1 
ATOM   1335 C C   . GLU C 1 63 ? 1.962   -8.808  32.668  1.00 47.43  ? 140  GLU C C   1 
ATOM   1336 O O   . GLU C 1 63 ? 1.965   -9.050  33.869  1.00 54.26  ? 140  GLU C O   1 
ATOM   1337 C CB  . GLU C 1 63 ? -0.333  -8.458  31.774  1.00 42.58  ? 140  GLU C CB  1 
ATOM   1338 C CG  . GLU C 1 63 ? -1.437  -7.486  31.506  1.00 46.02  ? 140  GLU C CG  1 
ATOM   1339 C CD  . GLU C 1 63 ? -2.587  -8.125  30.758  1.00 69.06  ? 140  GLU C CD  1 
ATOM   1340 O OE1 . GLU C 1 63 ? -2.514  -9.348  30.461  1.00 66.55  ? 140  GLU C OE1 1 
ATOM   1341 O OE2 . GLU C 1 63 ? -3.564  -7.397  30.463  1.00 73.38  ? 140  GLU C OE2 1 
ATOM   1342 N N   . ASN C 1 64 ? 2.782   -9.409  31.811  1.00 46.47  ? 141  ASN C N   1 
ATOM   1343 C CA  . ASN C 1 64 ? 3.811   -10.344 32.264  1.00 47.17  ? 141  ASN C CA  1 
ATOM   1344 C C   . ASN C 1 64 ? 5.057   -9.670  32.814  1.00 54.18  ? 141  ASN C C   1 
ATOM   1345 O O   . ASN C 1 64 ? 6.006   -10.337 33.207  1.00 62.76  ? 141  ASN C O   1 
ATOM   1346 C CB  . ASN C 1 64 ? 4.211   -11.310 31.146  1.00 44.39  ? 141  ASN C CB  1 
ATOM   1347 C CG  . ASN C 1 64 ? 3.075   -12.227 30.731  1.00 55.88  ? 141  ASN C CG  1 
ATOM   1348 O OD1 . ASN C 1 64 ? 2.077   -12.385 31.450  1.00 54.22  ? 141  ASN C OD1 1 
ATOM   1349 N ND2 . ASN C 1 64 ? 3.219   -12.837 29.559  1.00 56.88  ? 141  ASN C ND2 1 
ATOM   1350 N N   . LEU C 1 65 ? 5.070   -8.346  32.820  1.00 53.06  ? 142  LEU C N   1 
ATOM   1351 C CA  . LEU C 1 65 ? 6.160   -7.624  33.456  1.00 58.05  ? 142  LEU C CA  1 
ATOM   1352 C C   . LEU C 1 65 ? 5.784   -7.250  34.889  1.00 61.17  ? 142  LEU C C   1 
ATOM   1353 O O   . LEU C 1 65 ? 6.645   -7.157  35.758  1.00 65.66  ? 142  LEU C O   1 
ATOM   1354 C CB  . LEU C 1 65 ? 6.536   -6.374  32.660  1.00 54.38  ? 142  LEU C CB  1 
ATOM   1355 C CG  . LEU C 1 65 ? 7.270   -6.575  31.333  1.00 54.29  ? 142  LEU C CG  1 
ATOM   1356 C CD1 . LEU C 1 65 ? 7.799   -5.242  30.812  1.00 48.25  ? 142  LEU C CD1 1 
ATOM   1357 C CD2 . LEU C 1 65 ? 8.397   -7.589  31.464  1.00 52.69  ? 142  LEU C CD2 1 
ATOM   1358 N N   . MET C 1 66 ? 4.493   -7.038  35.129  1.00 60.14  ? 143  MET C N   1 
ATOM   1359 C CA  . MET C 1 66 ? 4.008   -6.736  36.474  1.00 66.98  ? 143  MET C CA  1 
ATOM   1360 C C   . MET C 1 66 ? 4.213   -7.926  37.408  1.00 72.06  ? 143  MET C C   1 
ATOM   1361 O O   . MET C 1 66 ? 4.555   -7.763  38.587  1.00 74.90  ? 143  MET C O   1 
ATOM   1362 C CB  . MET C 1 66 ? 2.537   -6.322  36.433  1.00 62.31  ? 143  MET C CB  1 
ATOM   1363 C CG  . MET C 1 66 ? 2.290   -5.144  35.512  1.00 60.42  ? 143  MET C CG  1 
ATOM   1364 S SD  . MET C 1 66 ? 3.658   -3.957  35.578  1.00 65.86  ? 143  MET C SD  1 
ATOM   1365 C CE  . MET C 1 66 ? 3.152   -2.825  34.278  1.00 59.51  ? 143  MET C CE  1 
ATOM   1366 N N   . SER C 1 67 ? 4.018   -9.120  36.857  1.00 70.10  ? 144  SER C N   1 
ATOM   1367 C CA  . SER C 1 67 ? 4.300   -10.366 37.557  1.00 76.03  ? 144  SER C CA  1 
ATOM   1368 C C   . SER C 1 67 ? 5.804   -10.530 37.807  1.00 76.22  ? 144  SER C C   1 
ATOM   1369 O O   . SER C 1 67 ? 6.267   -10.487 38.951  1.00 78.80  ? 144  SER C O   1 
ATOM   1370 C CB  . SER C 1 67 ? 3.770   -11.548 36.738  1.00 73.19  ? 144  SER C CB  1 
ATOM   1371 O OG  . SER C 1 67 ? 2.457   -11.291 36.263  1.00 71.02  ? 144  SER C OG  1 
ATOM   1372 N N   . ALA C 1 68 ? 6.557   -10.697 36.721  1.00 73.56  ? 145  ALA C N   1 
ATOM   1373 C CA  . ALA C 1 68 ? 7.994   -10.989 36.772  1.00 81.98  ? 145  ALA C CA  1 
ATOM   1374 C C   . ALA C 1 68 ? 8.895   -9.850  37.277  1.00 87.24  ? 145  ALA C C   1 
ATOM   1375 O O   . ALA C 1 68 ? 10.116  -10.021 37.378  1.00 89.26  ? 145  ALA C O   1 
ATOM   1376 C CB  . ALA C 1 68 ? 8.477   -11.468 35.404  1.00 80.55  ? 145  ALA C CB  1 
ATOM   1377 N N   . SER C 1 69 ? 8.298   -8.701  37.590  1.00 84.52  ? 146  SER C N   1 
ATOM   1378 C CA  . SER C 1 69 ? 9.045   -7.547  38.088  1.00 84.82  ? 146  SER C CA  1 
ATOM   1379 C C   . SER C 1 69 ? 8.166   -6.672  38.982  1.00 87.00  ? 146  SER C C   1 
ATOM   1380 O O   . SER C 1 69 ? 7.675   -7.121  40.021  1.00 90.24  ? 146  SER C O   1 
ATOM   1381 C CB  . SER C 1 69 ? 9.621   -6.729  36.921  1.00 78.55  ? 146  SER C CB  1 
HETATM 1382 O O   . HOH D 2 .  ? 11.164  -13.613 35.205  1.00 76.53  ? 2001 HOH A O   1 
HETATM 1383 O O   . HOH D 2 .  ? 16.386  -8.709  24.686  1.00 51.80  ? 2002 HOH A O   1 
HETATM 1384 O O   . HOH D 2 .  ? 17.747  -15.041 25.263  1.00 72.70  ? 2003 HOH A O   1 
HETATM 1385 O O   . HOH D 2 .  ? 4.764   -11.942 27.455  1.00 48.90  ? 2004 HOH A O   1 
HETATM 1386 O O   . HOH D 2 .  ? 7.595   -15.400 31.294  1.00 66.97  ? 2005 HOH A O   1 
HETATM 1387 O O   . HOH D 2 .  ? 12.588  -6.787  30.518  1.00 55.29  ? 2006 HOH A O   1 
HETATM 1388 O O   . HOH D 2 .  ? 15.974  -6.342  21.624  1.00 58.57  ? 2007 HOH A O   1 
HETATM 1389 O O   . HOH D 2 .  ? 12.735  -13.191 12.188  1.00 49.13  ? 2008 HOH A O   1 
HETATM 1390 O O   . HOH D 2 .  ? 13.061  -3.460  12.004  1.00 62.62  ? 2009 HOH A O   1 
HETATM 1391 O O   . HOH D 2 .  ? 2.968   0.490   18.782  1.00 45.36  ? 2010 HOH A O   1 
HETATM 1392 O O   . HOH D 2 .  ? 10.487  2.597   6.367   1.00 44.65  ? 2011 HOH A O   1 
HETATM 1393 O O   . HOH D 2 .  ? 13.542  -2.712  7.213   1.00 60.82  ? 2012 HOH A O   1 
HETATM 1394 O O   . HOH D 2 .  ? -0.393  1.596   1.367   1.00 60.15  ? 2013 HOH A O   1 
HETATM 1395 O O   . HOH D 2 .  ? 10.710  7.610   -6.411  1.00 44.08  ? 2014 HOH A O   1 
HETATM 1396 O O   . HOH D 2 .  ? 0.587   14.876  -14.045 1.00 70.10  ? 2015 HOH A O   1 
HETATM 1397 O O   . HOH D 2 .  ? 0.403   10.145  -19.378 1.00 60.82  ? 2016 HOH A O   1 
HETATM 1398 O O   . HOH D 2 .  ? 9.231   10.431  -30.329 1.00 37.04  ? 2017 HOH A O   1 
HETATM 1399 O O   . HOH D 2 .  ? 0.481   14.218  -27.091 1.00 52.99  ? 2018 HOH A O   1 
HETATM 1400 O O   . HOH D 2 .  ? 4.090   13.996  -36.389 1.00 66.33  ? 2019 HOH A O   1 
HETATM 1401 O O   . HOH D 2 .  ? 4.527   18.203  -39.148 1.00 68.28  ? 2020 HOH A O   1 
HETATM 1402 O O   . HOH E 2 .  ? 0.930   -24.431 23.134  1.00 42.99  ? 2001 HOH B O   1 
HETATM 1403 O O   . HOH E 2 .  ? -2.776  -18.240 25.912  1.00 60.79  ? 2002 HOH B O   1 
HETATM 1404 O O   . HOH E 2 .  ? 1.466   -12.422 23.266  1.00 38.78  ? 2003 HOH B O   1 
HETATM 1405 O O   . HOH E 2 .  ? -0.011  -15.207 31.958  1.00 56.17  ? 2004 HOH B O   1 
HETATM 1406 O O   . HOH E 2 .  ? -0.772  -12.994 16.484  1.00 29.20  ? 2005 HOH B O   1 
HETATM 1407 O O   . HOH E 2 .  ? -4.377  -18.211 20.847  1.00 58.16  ? 2006 HOH B O   1 
HETATM 1408 O O   . HOH E 2 .  ? -2.480  -17.420 12.483  1.00 54.27  ? 2007 HOH B O   1 
HETATM 1409 O O   . HOH E 2 .  ? 6.690   -14.078 7.245   1.00 51.23  ? 2008 HOH B O   1 
HETATM 1410 O O   . HOH E 2 .  ? 11.629  -14.653 10.775  1.00 47.83  ? 2009 HOH B O   1 
HETATM 1411 O O   . HOH E 2 .  ? 0.952   -11.929 0.273   1.00 59.99  ? 2010 HOH B O   1 
HETATM 1412 O O   . HOH E 2 .  ? 0.203   -6.951  8.902   1.00 39.43  ? 2011 HOH B O   1 
HETATM 1413 O O   . HOH E 2 .  ? 9.601   -1.926  -12.085 1.00 43.83  ? 2012 HOH B O   1 
HETATM 1414 O O   . HOH E 2 .  ? 17.620  7.971   -13.416 1.00 48.57  ? 2013 HOH B O   1 
HETATM 1415 O O   . HOH E 2 .  ? 14.415  13.535  -15.517 1.00 40.34  ? 2014 HOH B O   1 
HETATM 1416 O O   . HOH E 2 .  ? 17.415  5.052   -19.549 1.00 57.81  ? 2015 HOH B O   1 
HETATM 1417 O O   . HOH E 2 .  ? 14.681  22.616  -24.480 1.00 51.85  ? 2016 HOH B O   1 
HETATM 1418 O O   . HOH E 2 .  ? 14.243  20.399  -22.880 1.00 46.39  ? 2017 HOH B O   1 
HETATM 1419 O O   . HOH E 2 .  ? 20.603  19.257  -18.977 1.00 67.17  ? 2018 HOH B O   1 
HETATM 1420 O O   . HOH E 2 .  ? 22.286  18.830  -33.866 1.00 68.93  ? 2019 HOH B O   1 
HETATM 1421 O O   . HOH F 2 .  ? -41.942 8.999   -26.553 1.00 88.93  ? 2001 HOH C O   1 
HETATM 1422 O O   . HOH F 2 .  ? -30.205 8.121   -14.532 1.00 37.40  ? 2002 HOH C O   1 
HETATM 1423 O O   . HOH F 2 .  ? -15.057 1.736   -8.906  1.00 62.79  ? 2003 HOH C O   1 
HETATM 1424 O O   . HOH F 2 .  ? -6.702  -14.969 21.159  1.00 62.86  ? 2004 HOH C O   1 
# 
